data_5AQ1
#
_entry.id   5AQ1
#
_cell.length_a   154.946
_cell.length_b   154.946
_cell.length_c   348.358
_cell.angle_alpha   90.00
_cell.angle_beta   90.00
_cell.angle_gamma   90.00
#
_symmetry.space_group_name_H-M   'I 41 2 2'
#
loop_
_entity.id
_entity.type
_entity.pdbx_description
1 polymer 'GLUCOSE-6-PHOSPHATE DEHYDROGENASE'
2 non-polymer 6-O-phosphono-beta-D-glucopyranose
3 non-polymer 'NADPH DIHYDRO-NICOTINAMIDE-ADENINE-DINUCLEOTIDE PHOSPHATE'
4 water water
#
_entity_poly.entity_id   1
_entity_poly.type   'polypeptide(L)'
_entity_poly.pdbx_seq_one_letter_code
;MGHHHHHHENLYFQGHMASGSDAVSPELRSRALTIVVLGASGDLAKKKTFPALFQLYCNGMLPRDVNILGYARSTMEDVE
KWKKDTLAGFFTRLDERGCHVGNFLRRISYMTGSYDRDEDFARLNERILRMEEAFQGPEKGGNRLFYLALPPSVFVGVCR
GLSKGAMQKPELGWVRLIVEKPFGRDTETSEQLSNQLKPLFNERQVFRIDHYLGKEMVQNIIVTRFANRVFSALWNSNSI
ACVQITFKEKIGTAGRGGYFDSIGIIRDVIQNHLTQILSLLTMEKPRSLSAEDIRDEKVQVLRQVVPANPAECVLGQYTA
SADGSTPGYLDDPSVPKGSHCPTFAVLRLHVNNDRWHGVPFIIRAGKALEERLLDIRIQFKDEIRPFGESTQRNELVIRA
QPSEAMYLKLTAKTPGLLNDTHQTELDLTYERRYDVTLPDAYESLIHEALLGNSTNFVRVDELDAAWRIYTPLLHAIDRG
EVKVLPYAAGSCGPEEAQEFIRISGYKTT
;
_entity_poly.pdbx_strand_id   A,B,C
#
loop_
_chem_comp.id
_chem_comp.type
_chem_comp.name
_chem_comp.formula
BG6 D-saccharide, beta linking 6-O-phosphono-beta-D-glucopyranose 'C6 H13 O9 P'
NDP non-polymer 'NADPH DIHYDRO-NICOTINAMIDE-ADENINE-DINUCLEOTIDE PHOSPHATE' 'C21 H30 N7 O17 P3'
#
# COMPACT_ATOMS: atom_id res chain seq x y z
N PRO A 26 -5.82 5.08 17.47
CA PRO A 26 -5.55 6.51 17.53
C PRO A 26 -4.35 6.82 18.46
N GLU A 27 -4.53 6.69 19.78
CA GLU A 27 -3.42 6.76 20.73
C GLU A 27 -2.82 5.36 20.94
N LEU A 28 -3.51 4.35 20.41
CA LEU A 28 -3.00 2.99 20.32
C LEU A 28 -1.71 2.89 19.48
N ARG A 29 -1.55 3.79 18.51
CA ARG A 29 -0.38 3.83 17.64
C ARG A 29 0.83 4.53 18.28
N SER A 30 0.57 5.52 19.14
CA SER A 30 1.64 6.34 19.75
C SER A 30 2.41 5.67 20.90
N ARG A 31 1.96 4.48 21.31
CA ARG A 31 2.60 3.71 22.38
C ARG A 31 2.70 2.25 21.96
N ALA A 32 3.73 1.56 22.45
CA ALA A 32 3.97 0.16 22.11
C ALA A 32 2.77 -0.71 22.46
N LEU A 33 2.54 -1.75 21.66
CA LEU A 33 1.45 -2.68 21.89
C LEU A 33 1.99 -4.11 21.85
N THR A 34 1.79 -4.84 22.94
CA THR A 34 2.18 -6.25 23.01
C THR A 34 0.95 -7.11 23.33
N ILE A 35 0.66 -8.06 22.44
CA ILE A 35 -0.44 -9.00 22.62
C ILE A 35 0.13 -10.39 22.93
N VAL A 36 -0.06 -10.84 24.17
CA VAL A 36 0.47 -12.12 24.61
C VAL A 36 -0.61 -13.19 24.59
N VAL A 37 -0.44 -14.19 23.72
CA VAL A 37 -1.37 -15.31 23.63
C VAL A 37 -0.84 -16.47 24.47
N LEU A 38 -1.38 -16.62 25.67
CA LEU A 38 -1.01 -17.72 26.56
C LEU A 38 -1.78 -18.97 26.17
N GLY A 39 -1.08 -20.08 26.02
CA GLY A 39 -1.66 -21.31 25.46
C GLY A 39 -1.65 -21.25 23.94
N ALA A 40 -0.62 -20.65 23.37
CA ALA A 40 -0.51 -20.43 21.93
C ALA A 40 -0.40 -21.72 21.12
N SER A 41 0.01 -22.80 21.78
CA SER A 41 0.07 -24.13 21.16
C SER A 41 -1.29 -24.83 21.07
N GLY A 42 -2.35 -24.16 21.50
CA GLY A 42 -3.65 -24.79 21.69
C GLY A 42 -4.61 -24.72 20.52
N ASP A 43 -5.77 -25.33 20.71
CA ASP A 43 -6.79 -25.43 19.67
C ASP A 43 -7.39 -24.08 19.33
N LEU A 44 -7.80 -23.33 20.35
CA LEU A 44 -8.39 -22.02 20.16
C LEU A 44 -7.41 -21.04 19.52
N ALA A 45 -6.16 -21.08 19.97
CA ALA A 45 -5.13 -20.18 19.49
C ALA A 45 -4.98 -20.23 17.97
N LYS A 46 -4.76 -21.42 17.42
CA LYS A 46 -4.52 -21.57 15.98
C LYS A 46 -5.78 -21.43 15.13
N LYS A 47 -6.92 -21.85 15.66
CA LYS A 47 -8.17 -21.85 14.89
C LYS A 47 -8.90 -20.51 14.91
N LYS A 48 -8.78 -19.77 16.02
CA LYS A 48 -9.52 -18.51 16.18
C LYS A 48 -8.65 -17.29 16.47
N THR A 49 -7.79 -17.39 17.48
CA THR A 49 -7.03 -16.24 17.95
C THR A 49 -6.08 -15.67 16.89
N PHE A 50 -5.12 -16.47 16.44
CA PHE A 50 -4.13 -16.01 15.47
C PHE A 50 -4.74 -15.60 14.12
N PRO A 51 -5.71 -16.38 13.60
CA PRO A 51 -6.42 -15.98 12.37
C PRO A 51 -7.15 -14.63 12.49
N ALA A 52 -7.78 -14.38 13.65
CA ALA A 52 -8.43 -13.10 13.90
C ALA A 52 -7.42 -11.95 13.90
N LEU A 53 -6.30 -12.16 14.58
CA LEU A 53 -5.22 -11.18 14.61
C LEU A 53 -4.67 -10.91 13.21
N PHE A 54 -4.56 -11.94 12.38
CA PHE A 54 -4.13 -11.78 10.99
C PHE A 54 -5.07 -10.84 10.23
N GLN A 55 -6.38 -11.08 10.36
CA GLN A 55 -7.37 -10.23 9.71
C GLN A 55 -7.31 -8.78 10.19
N LEU A 56 -7.11 -8.60 11.50
CA LEU A 56 -6.97 -7.26 12.06
C LEU A 56 -5.74 -6.56 11.53
N TYR A 57 -4.64 -7.30 11.36
CA TYR A 57 -3.42 -6.75 10.78
C TYR A 57 -3.70 -6.28 9.35
N CYS A 58 -4.32 -7.14 8.54
CA CYS A 58 -4.59 -6.85 7.13
C CYS A 58 -5.52 -5.67 6.89
N ASN A 59 -6.43 -5.42 7.84
CA ASN A 59 -7.37 -4.30 7.72
C ASN A 59 -6.84 -3.00 8.32
N GLY A 60 -5.56 -2.98 8.69
CA GLY A 60 -4.96 -1.80 9.30
C GLY A 60 -5.50 -1.49 10.67
N MET A 61 -5.97 -2.52 11.38
CA MET A 61 -6.59 -2.34 12.69
C MET A 61 -5.60 -2.56 13.82
N LEU A 62 -4.50 -3.24 13.54
CA LEU A 62 -3.36 -3.33 14.46
C LEU A 62 -2.26 -2.42 13.95
N PRO A 63 -1.42 -1.91 14.87
CA PRO A 63 -0.25 -1.16 14.41
C PRO A 63 0.69 -2.08 13.62
N ARG A 64 1.33 -1.53 12.59
CA ARG A 64 2.30 -2.30 11.79
C ARG A 64 3.44 -2.87 12.64
N ASP A 65 3.82 -2.15 13.70
CA ASP A 65 4.90 -2.58 14.60
C ASP A 65 4.39 -3.24 15.89
N VAL A 66 3.21 -3.86 15.84
CA VAL A 66 2.70 -4.63 16.97
C VAL A 66 3.57 -5.85 17.23
N ASN A 67 3.59 -6.29 18.48
CA ASN A 67 4.29 -7.52 18.85
C ASN A 67 3.32 -8.55 19.39
N ILE A 68 3.30 -9.72 18.76
CA ILE A 68 2.45 -10.82 19.19
C ILE A 68 3.35 -11.92 19.73
N LEU A 69 3.18 -12.24 21.00
CA LEU A 69 4.04 -13.19 21.70
C LEU A 69 3.25 -14.41 22.15
N GLY A 70 3.56 -15.57 21.59
CA GLY A 70 2.99 -16.82 22.03
C GLY A 70 3.70 -17.31 23.28
N TYR A 71 2.94 -17.91 24.19
CA TYR A 71 3.49 -18.42 25.45
C TYR A 71 2.80 -19.73 25.83
N ALA A 72 3.60 -20.77 26.02
CA ALA A 72 3.09 -22.09 26.45
C ALA A 72 4.24 -22.99 26.92
N ARG A 73 3.88 -24.14 27.49
CA ARG A 73 4.87 -25.07 28.03
C ARG A 73 5.61 -25.86 26.96
N SER A 74 4.96 -26.05 25.80
CA SER A 74 5.55 -26.78 24.69
C SER A 74 6.83 -26.10 24.19
N THR A 75 7.83 -26.92 23.87
CA THR A 75 9.07 -26.42 23.29
C THR A 75 8.92 -26.41 21.77
N MET A 76 9.33 -25.31 21.14
CA MET A 76 9.24 -25.16 19.70
C MET A 76 10.61 -25.36 19.08
N GLU A 77 10.76 -26.44 18.31
CA GLU A 77 12.03 -26.75 17.67
C GLU A 77 12.30 -25.77 16.52
N ASP A 78 11.26 -25.47 15.75
CA ASP A 78 11.35 -24.51 14.66
C ASP A 78 10.12 -23.59 14.68
N VAL A 79 10.33 -22.35 15.12
CA VAL A 79 9.24 -21.39 15.29
C VAL A 79 8.74 -20.92 13.93
N GLU A 80 9.68 -20.63 13.02
CA GLU A 80 9.34 -20.21 11.66
C GLU A 80 8.48 -21.22 10.90
N LYS A 81 8.75 -22.51 11.10
CA LYS A 81 8.01 -23.56 10.41
C LYS A 81 6.61 -23.69 10.99
N TRP A 82 6.53 -23.72 12.32
CA TRP A 82 5.23 -23.72 13.02
C TRP A 82 4.33 -22.59 12.56
N LYS A 83 4.91 -21.40 12.43
CA LYS A 83 4.16 -20.22 11.96
C LYS A 83 3.70 -20.38 10.51
N LYS A 84 4.61 -20.78 9.64
CA LYS A 84 4.33 -20.89 8.21
C LYS A 84 3.41 -22.06 7.85
N ASP A 85 3.62 -23.20 8.50
CA ASP A 85 2.87 -24.42 8.18
C ASP A 85 1.58 -24.57 8.99
N THR A 86 1.69 -24.53 10.31
CA THR A 86 0.52 -24.74 11.18
C THR A 86 -0.37 -23.51 11.22
N LEU A 87 0.14 -22.41 11.75
CA LEU A 87 -0.65 -21.19 11.97
C LEU A 87 -1.26 -20.65 10.68
N ALA A 88 -0.40 -20.41 9.68
CA ALA A 88 -0.86 -19.84 8.41
C ALA A 88 -1.87 -20.72 7.69
N GLY A 89 -1.86 -22.03 7.98
CA GLY A 89 -2.86 -22.95 7.47
C GLY A 89 -4.30 -22.60 7.79
N PHE A 90 -4.52 -21.89 8.90
CA PHE A 90 -5.87 -21.50 9.33
C PHE A 90 -6.28 -20.07 8.94
N PHE A 91 -5.42 -19.36 8.23
CA PHE A 91 -5.76 -18.01 7.75
C PHE A 91 -6.66 -18.10 6.52
N THR A 92 -7.61 -17.18 6.44
CA THR A 92 -8.56 -17.14 5.32
C THR A 92 -8.45 -15.80 4.57
N ARG A 93 -9.13 -15.71 3.43
CA ARG A 93 -9.11 -14.51 2.57
C ARG A 93 -7.70 -14.12 2.14
N LEU A 94 -6.88 -15.13 1.94
CA LEU A 94 -5.49 -14.94 1.55
C LEU A 94 -5.37 -14.35 0.15
N ASP A 95 -6.09 -14.94 -0.81
CA ASP A 95 -5.95 -14.60 -2.23
C ASP A 95 -6.69 -13.32 -2.66
N GLU A 96 -7.87 -13.07 -2.08
CA GLU A 96 -8.74 -12.00 -2.58
C GLU A 96 -8.13 -10.61 -2.39
N ARG A 97 -7.59 -10.36 -1.21
CA ARG A 97 -6.94 -9.09 -0.90
C ARG A 97 -5.43 -9.30 -0.99
N GLY A 98 -4.71 -8.20 -1.19
CA GLY A 98 -3.26 -8.25 -1.39
C GLY A 98 -2.49 -8.07 -0.09
N CYS A 99 -2.83 -8.84 0.92
CA CYS A 99 -2.21 -8.72 2.24
C CYS A 99 -1.15 -9.80 2.38
N HIS A 100 0.08 -9.38 2.66
CA HIS A 100 1.21 -10.31 2.73
C HIS A 100 1.22 -11.05 4.06
N VAL A 101 1.36 -12.37 3.98
CA VAL A 101 1.33 -13.25 5.14
C VAL A 101 2.64 -13.15 5.93
N GLY A 102 3.76 -13.11 5.21
CA GLY A 102 5.09 -13.03 5.84
C GLY A 102 5.26 -11.83 6.74
N ASN A 103 4.71 -10.69 6.33
CA ASN A 103 4.77 -9.45 7.13
C ASN A 103 4.08 -9.62 8.47
N PHE A 104 2.92 -10.27 8.48
CA PHE A 104 2.22 -10.54 9.73
C PHE A 104 2.97 -11.54 10.61
N LEU A 105 3.47 -12.61 10.01
CA LEU A 105 4.22 -13.64 10.75
C LEU A 105 5.51 -13.08 11.35
N ARG A 106 6.08 -12.07 10.71
CA ARG A 106 7.25 -11.36 11.25
C ARG A 106 6.96 -10.72 12.62
N ARG A 107 5.71 -10.42 12.90
CA ARG A 107 5.30 -9.82 14.17
C ARG A 107 5.10 -10.85 15.29
N ILE A 108 5.14 -12.14 14.96
CA ILE A 108 4.87 -13.19 15.95
C ILE A 108 6.14 -13.79 16.50
N SER A 109 6.24 -13.87 17.82
CA SER A 109 7.30 -14.61 18.50
C SER A 109 6.70 -15.71 19.35
N TYR A 110 7.52 -16.69 19.70
CA TYR A 110 7.11 -17.75 20.64
C TYR A 110 8.10 -17.85 21.78
N MET A 111 7.61 -18.36 22.91
CA MET A 111 8.39 -18.45 24.12
C MET A 111 7.84 -19.60 24.98
N THR A 112 8.74 -20.34 25.62
CA THR A 112 8.36 -21.47 26.46
C THR A 112 8.37 -21.08 27.94
N GLY A 113 7.41 -21.61 28.69
CA GLY A 113 7.33 -21.37 30.13
C GLY A 113 6.14 -22.05 30.78
N SER A 114 6.18 -22.18 32.10
CA SER A 114 5.09 -22.79 32.86
C SER A 114 4.00 -21.77 33.17
N TYR A 115 2.90 -22.26 33.75
CA TYR A 115 1.75 -21.44 34.10
C TYR A 115 1.63 -21.15 35.61
N ASP A 116 2.63 -21.59 36.38
CA ASP A 116 2.59 -21.44 37.85
C ASP A 116 3.85 -20.80 38.46
N ARG A 117 5.02 -21.06 37.90
CA ARG A 117 6.28 -20.55 38.45
C ARG A 117 6.51 -19.07 38.21
N ASP A 118 6.80 -18.33 39.28
CA ASP A 118 7.04 -16.88 39.21
C ASP A 118 8.26 -16.52 38.36
N GLU A 119 9.24 -17.42 38.30
CA GLU A 119 10.44 -17.22 37.50
C GLU A 119 10.10 -17.08 36.03
N ASP A 120 9.09 -17.81 35.57
CA ASP A 120 8.67 -17.79 34.17
C ASP A 120 7.85 -16.54 33.81
N PHE A 121 7.07 -16.03 34.77
CA PHE A 121 6.36 -14.77 34.57
C PHE A 121 7.30 -13.57 34.61
N ALA A 122 8.42 -13.71 35.33
CA ALA A 122 9.48 -12.73 35.29
C ALA A 122 10.16 -12.73 33.92
N ARG A 123 10.43 -13.92 33.38
CA ARG A 123 10.96 -14.07 32.03
C ARG A 123 10.02 -13.46 30.99
N LEU A 124 8.73 -13.74 31.14
CA LEU A 124 7.69 -13.19 30.26
C LEU A 124 7.71 -11.67 30.27
N ASN A 125 7.74 -11.09 31.47
CA ASN A 125 7.83 -9.64 31.63
C ASN A 125 9.02 -9.04 30.89
N GLU A 126 10.17 -9.69 31.02
CA GLU A 126 11.42 -9.22 30.42
C GLU A 126 11.38 -9.27 28.90
N ARG A 127 10.77 -10.32 28.38
CA ARG A 127 10.60 -10.46 26.94
C ARG A 127 9.69 -9.36 26.40
N ILE A 128 8.64 -9.05 27.16
CA ILE A 128 7.76 -7.93 26.82
C ILE A 128 8.53 -6.62 26.88
N LEU A 129 9.31 -6.43 27.94
CA LEU A 129 10.12 -5.23 28.09
C LEU A 129 11.04 -5.00 26.90
N ARG A 130 11.70 -6.07 26.44
CA ARG A 130 12.55 -6.00 25.24
C ARG A 130 11.81 -5.49 24.02
N MET A 131 10.60 -6.00 23.84
CA MET A 131 9.75 -5.59 22.72
C MET A 131 9.29 -4.13 22.88
N GLU A 132 8.95 -3.74 24.10
CA GLU A 132 8.52 -2.37 24.39
C GLU A 132 9.62 -1.34 24.18
N GLU A 133 10.85 -1.68 24.57
CA GLU A 133 11.98 -0.78 24.37
C GLU A 133 12.29 -0.56 22.89
N ALA A 134 12.04 -1.60 22.08
CA ALA A 134 12.30 -1.55 20.64
C ALA A 134 11.26 -0.74 19.87
N PHE A 135 10.14 -0.44 20.51
CA PHE A 135 9.15 0.47 19.94
C PHE A 135 9.80 1.81 19.65
N GLN A 136 9.57 2.34 18.45
CA GLN A 136 10.30 3.52 17.98
C GLN A 136 9.50 4.83 18.12
N GLY A 137 8.22 4.73 18.43
CA GLY A 137 7.35 5.90 18.57
C GLY A 137 7.72 6.84 19.71
N PRO A 138 6.94 7.93 19.86
CA PRO A 138 7.28 9.01 20.79
C PRO A 138 7.20 8.62 22.28
N GLU A 139 6.13 7.94 22.67
CA GLU A 139 5.88 7.66 24.08
C GLU A 139 6.60 6.41 24.56
N LYS A 140 6.80 6.31 25.88
CA LYS A 140 7.54 5.20 26.48
C LYS A 140 6.59 4.25 27.18
N GLY A 141 7.11 3.08 27.55
CA GLY A 141 6.31 2.01 28.13
C GLY A 141 5.66 1.15 27.05
N GLY A 142 4.40 0.77 27.29
CA GLY A 142 3.65 -0.04 26.33
C GLY A 142 2.38 -0.63 26.94
N ASN A 143 1.36 -0.80 26.10
CA ASN A 143 0.10 -1.42 26.51
C ASN A 143 0.18 -2.93 26.32
N ARG A 144 -0.36 -3.68 27.28
CA ARG A 144 -0.24 -5.14 27.28
C ARG A 144 -1.59 -5.81 27.30
N LEU A 145 -1.89 -6.61 26.29
CA LEU A 145 -3.11 -7.42 26.24
C LEU A 145 -2.75 -8.89 26.41
N PHE A 146 -3.22 -9.48 27.51
CA PHE A 146 -2.99 -10.88 27.79
C PHE A 146 -4.22 -11.69 27.39
N TYR A 147 -4.06 -12.57 26.39
CA TYR A 147 -5.13 -13.47 25.98
C TYR A 147 -4.91 -14.84 26.64
N LEU A 148 -5.82 -15.23 27.52
CA LEU A 148 -5.70 -16.50 28.22
C LEU A 148 -6.47 -17.59 27.50
N ALA A 149 -5.82 -18.21 26.51
CA ALA A 149 -6.38 -19.33 25.76
C ALA A 149 -5.98 -20.65 26.41
N LEU A 150 -6.41 -20.83 27.66
CA LEU A 150 -5.94 -21.92 28.52
C LEU A 150 -7.12 -22.66 29.15
N PRO A 151 -6.89 -23.90 29.64
CA PRO A 151 -7.95 -24.60 30.37
C PRO A 151 -8.27 -23.95 31.73
N PRO A 152 -9.49 -24.18 32.26
CA PRO A 152 -9.89 -23.61 33.55
C PRO A 152 -9.03 -24.07 34.75
N SER A 153 -8.43 -25.24 34.65
CA SER A 153 -7.60 -25.77 35.74
C SER A 153 -6.42 -24.86 36.11
N VAL A 154 -5.82 -24.21 35.12
CA VAL A 154 -4.65 -23.36 35.36
C VAL A 154 -4.98 -21.87 35.49
N PHE A 155 -6.24 -21.50 35.32
CA PHE A 155 -6.65 -20.10 35.20
C PHE A 155 -6.18 -19.18 36.32
N VAL A 156 -6.51 -19.54 37.56
CA VAL A 156 -6.23 -18.68 38.71
C VAL A 156 -4.73 -18.50 38.92
N GLY A 157 -3.98 -19.59 38.79
CA GLY A 157 -2.52 -19.55 38.90
C GLY A 157 -1.86 -18.61 37.91
N VAL A 158 -2.38 -18.60 36.69
CA VAL A 158 -1.85 -17.71 35.64
C VAL A 158 -2.20 -16.27 35.94
N CYS A 159 -3.41 -16.03 36.41
CA CYS A 159 -3.83 -14.69 36.81
C CYS A 159 -2.97 -14.15 37.96
N ARG A 160 -2.64 -15.02 38.91
CA ARG A 160 -1.78 -14.63 40.03
C ARG A 160 -0.36 -14.29 39.59
N GLY A 161 0.20 -15.11 38.70
CA GLY A 161 1.54 -14.88 38.16
C GLY A 161 1.64 -13.59 37.36
N LEU A 162 0.66 -13.35 36.50
CA LEU A 162 0.61 -12.13 35.69
C LEU A 162 0.45 -10.89 36.57
N SER A 163 -0.48 -10.95 37.53
CA SER A 163 -0.71 -9.83 38.45
C SER A 163 0.53 -9.51 39.25
N LYS A 164 1.21 -10.54 39.72
CA LYS A 164 2.36 -10.38 40.59
C LYS A 164 3.60 -9.86 39.86
N GLY A 165 3.86 -10.37 38.66
CA GLY A 165 5.15 -10.14 38.00
C GLY A 165 5.19 -9.75 36.52
N ALA A 166 4.06 -9.39 35.92
CA ALA A 166 4.04 -9.00 34.51
C ALA A 166 3.07 -7.85 34.20
N MET A 167 2.84 -6.99 35.19
CA MET A 167 1.98 -5.83 34.99
C MET A 167 2.81 -4.60 34.60
N GLN A 168 2.30 -3.86 33.64
CA GLN A 168 2.78 -2.52 33.37
C GLN A 168 2.25 -1.62 34.48
N LYS A 169 3.04 -0.64 34.88
CA LYS A 169 2.55 0.39 35.82
C LYS A 169 1.58 1.29 35.06
N PRO A 170 0.50 1.76 35.73
CA PRO A 170 -0.55 2.52 35.05
C PRO A 170 -0.06 3.73 34.24
N GLU A 171 1.05 4.34 34.67
CA GLU A 171 1.57 5.53 34.01
C GLU A 171 2.15 5.21 32.63
N LEU A 172 2.64 3.99 32.47
CA LEU A 172 3.32 3.57 31.25
C LEU A 172 2.44 2.76 30.28
N GLY A 173 1.19 2.53 30.64
CA GLY A 173 0.25 1.81 29.77
C GLY A 173 -0.75 0.98 30.54
N TRP A 174 -1.75 0.48 29.84
CA TRP A 174 -2.80 -0.34 30.47
C TRP A 174 -2.50 -1.83 30.35
N VAL A 175 -3.17 -2.62 31.18
CA VAL A 175 -3.16 -4.07 31.07
C VAL A 175 -4.60 -4.55 30.96
N ARG A 176 -4.87 -5.40 29.98
CA ARG A 176 -6.19 -5.99 29.79
C ARG A 176 -6.08 -7.50 29.66
N LEU A 177 -7.04 -8.19 30.28
CA LEU A 177 -7.08 -9.65 30.31
C LEU A 177 -8.29 -10.14 29.52
N ILE A 178 -8.04 -10.89 28.45
CA ILE A 178 -9.12 -11.58 27.77
C ILE A 178 -9.16 -13.02 28.31
N VAL A 179 -10.33 -13.40 28.84
CA VAL A 179 -10.50 -14.69 29.50
C VAL A 179 -11.67 -15.45 28.89
N GLU A 180 -11.55 -16.78 28.85
CA GLU A 180 -12.52 -17.63 28.17
C GLU A 180 -13.31 -18.48 29.15
N LYS A 181 -14.49 -18.93 28.70
CA LYS A 181 -15.34 -19.82 29.49
C LYS A 181 -14.71 -21.22 29.48
N PRO A 182 -15.11 -22.13 30.37
CA PRO A 182 -16.16 -21.93 31.38
C PRO A 182 -15.78 -21.02 32.54
N PHE A 183 -16.75 -20.28 33.05
CA PHE A 183 -16.58 -19.48 34.27
C PHE A 183 -17.34 -20.17 35.39
N GLY A 184 -16.74 -21.21 35.95
CA GLY A 184 -17.42 -22.09 36.90
C GLY A 184 -18.42 -23.00 36.20
N ARG A 185 -19.18 -23.74 37.01
CA ARG A 185 -20.23 -24.63 36.51
C ARG A 185 -21.61 -24.41 37.18
N ASP A 186 -21.68 -23.46 38.11
CA ASP A 186 -22.94 -23.04 38.72
C ASP A 186 -22.73 -21.69 39.42
N THR A 187 -23.75 -21.20 40.11
CA THR A 187 -23.66 -19.91 40.80
C THR A 187 -22.51 -19.85 41.80
N GLU A 188 -22.40 -20.89 42.63
CA GLU A 188 -21.40 -20.92 43.69
C GLU A 188 -19.97 -21.00 43.18
N THR A 189 -19.70 -21.95 42.29
CA THR A 189 -18.35 -22.12 41.76
C THR A 189 -17.88 -20.90 40.99
N SER A 190 -18.80 -20.26 40.26
CA SER A 190 -18.49 -19.06 39.49
C SER A 190 -18.19 -17.86 40.39
N GLU A 191 -18.92 -17.77 41.51
CA GLU A 191 -18.71 -16.69 42.48
C GLU A 191 -17.35 -16.80 43.17
N GLN A 192 -16.96 -18.02 43.56
CA GLN A 192 -15.63 -18.26 44.13
C GLN A 192 -14.54 -17.80 43.17
N LEU A 193 -14.66 -18.19 41.91
CA LEU A 193 -13.71 -17.82 40.85
C LEU A 193 -13.56 -16.31 40.72
N SER A 194 -14.68 -15.60 40.71
CA SER A 194 -14.68 -14.13 40.65
C SER A 194 -14.00 -13.49 41.87
N ASN A 195 -14.24 -14.07 43.04
CA ASN A 195 -13.61 -13.60 44.27
C ASN A 195 -12.09 -13.77 44.29
N GLN A 196 -11.57 -14.76 43.57
CA GLN A 196 -10.13 -14.98 43.48
C GLN A 196 -9.49 -13.96 42.54
N LEU A 197 -10.27 -13.48 41.58
CA LEU A 197 -9.80 -12.51 40.60
C LEU A 197 -9.85 -11.08 41.16
N LYS A 198 -10.76 -10.84 42.10
CA LYS A 198 -11.00 -9.51 42.67
C LYS A 198 -9.72 -8.76 43.09
N PRO A 199 -8.85 -9.38 43.92
CA PRO A 199 -7.65 -8.68 44.35
C PRO A 199 -6.52 -8.61 43.31
N LEU A 200 -6.62 -9.38 42.23
CA LEU A 200 -5.57 -9.45 41.21
C LEU A 200 -5.75 -8.39 40.12
N PHE A 201 -6.99 -8.16 39.71
CA PHE A 201 -7.30 -7.23 38.63
C PHE A 201 -8.56 -6.42 38.93
N ASN A 202 -8.63 -5.19 38.40
CA ASN A 202 -9.85 -4.41 38.41
C ASN A 202 -10.82 -4.97 37.38
N GLU A 203 -12.11 -4.76 37.60
CA GLU A 203 -13.14 -5.22 36.66
C GLU A 203 -12.98 -4.55 35.30
N ARG A 204 -12.49 -3.31 35.30
CA ARG A 204 -12.16 -2.59 34.06
C ARG A 204 -11.12 -3.33 33.19
N GLN A 205 -10.19 -4.03 33.84
CA GLN A 205 -9.12 -4.73 33.13
C GLN A 205 -9.53 -6.09 32.59
N VAL A 206 -10.60 -6.67 33.13
CA VAL A 206 -11.04 -8.01 32.74
C VAL A 206 -12.07 -7.96 31.62
N PHE A 207 -11.80 -8.74 30.57
CA PHE A 207 -12.65 -8.82 29.39
C PHE A 207 -13.08 -10.26 29.18
N ARG A 208 -14.21 -10.64 29.80
CA ARG A 208 -14.72 -12.00 29.69
C ARG A 208 -15.40 -12.22 28.34
N ILE A 209 -14.87 -13.18 27.57
CA ILE A 209 -15.38 -13.46 26.25
C ILE A 209 -16.66 -14.25 26.31
N ASP A 210 -17.66 -13.79 25.58
CA ASP A 210 -18.73 -14.64 25.07
C ASP A 210 -18.77 -14.35 23.58
N HIS A 211 -18.21 -15.26 22.79
CA HIS A 211 -17.88 -14.94 21.41
C HIS A 211 -19.07 -14.70 20.51
N TYR A 212 -20.26 -15.11 20.95
CA TYR A 212 -21.48 -14.81 20.21
C TYR A 212 -21.75 -13.30 20.11
N LEU A 213 -21.26 -12.53 21.08
CA LEU A 213 -21.37 -11.07 21.04
C LEU A 213 -20.51 -10.39 19.97
N GLY A 214 -19.69 -11.17 19.26
CA GLY A 214 -18.92 -10.65 18.12
C GLY A 214 -19.52 -10.97 16.76
N LYS A 215 -20.63 -11.70 16.76
CA LYS A 215 -21.29 -12.09 15.52
C LYS A 215 -22.14 -10.95 15.00
N GLU A 216 -22.04 -10.71 13.69
CA GLU A 216 -22.66 -9.55 13.04
C GLU A 216 -24.11 -9.33 13.49
N MET A 217 -24.93 -10.37 13.39
CA MET A 217 -26.36 -10.23 13.63
C MET A 217 -26.71 -10.11 15.11
N VAL A 218 -25.83 -10.57 16.00
CA VAL A 218 -26.02 -10.37 17.43
C VAL A 218 -25.65 -8.94 17.80
N GLN A 219 -24.57 -8.42 17.21
CA GLN A 219 -24.20 -7.01 17.39
C GLN A 219 -25.27 -6.04 16.89
N ASN A 220 -26.07 -6.47 15.92
CA ASN A 220 -27.09 -5.62 15.32
C ASN A 220 -28.40 -5.59 16.11
N ILE A 221 -28.54 -6.44 17.12
CA ILE A 221 -29.80 -6.53 17.88
C ILE A 221 -30.14 -5.18 18.50
N ILE A 222 -29.18 -4.60 19.21
CA ILE A 222 -29.37 -3.32 19.89
C ILE A 222 -29.77 -2.19 18.93
N VAL A 223 -29.16 -2.17 17.75
CA VAL A 223 -29.47 -1.15 16.74
C VAL A 223 -30.87 -1.38 16.17
N THR A 224 -31.17 -2.63 15.88
CA THR A 224 -32.47 -3.01 15.34
C THR A 224 -33.61 -2.57 16.25
N ARG A 225 -33.42 -2.78 17.55
CA ARG A 225 -34.46 -2.53 18.54
C ARG A 225 -34.66 -1.05 18.85
N PHE A 226 -33.56 -0.31 19.02
CA PHE A 226 -33.63 1.02 19.61
C PHE A 226 -33.29 2.17 18.66
N ALA A 227 -32.97 1.87 17.40
CA ALA A 227 -32.74 2.93 16.39
C ALA A 227 -33.95 3.10 15.49
N ASN A 228 -34.93 2.22 15.63
CA ASN A 228 -36.05 2.11 14.70
C ASN A 228 -37.38 2.18 15.41
N ARG A 229 -38.19 3.19 15.07
CA ARG A 229 -39.51 3.32 15.66
C ARG A 229 -40.37 2.10 15.39
N VAL A 230 -40.25 1.54 14.18
CA VAL A 230 -41.04 0.39 13.76
C VAL A 230 -40.93 -0.77 14.76
N PHE A 231 -39.73 -1.08 15.22
CA PHE A 231 -39.54 -2.18 16.17
C PHE A 231 -39.66 -1.76 17.63
N SER A 232 -39.33 -0.50 17.91
CA SER A 232 -39.50 0.04 19.26
C SER A 232 -40.96 -0.09 19.71
N ALA A 233 -41.88 0.33 18.85
CA ALA A 233 -43.32 0.31 19.14
C ALA A 233 -43.91 -1.08 19.29
N LEU A 234 -43.31 -2.07 18.62
CA LEU A 234 -43.81 -3.44 18.64
C LEU A 234 -43.21 -4.32 19.72
N TRP A 235 -42.20 -3.84 20.44
CA TRP A 235 -41.34 -4.74 21.22
C TRP A 235 -41.82 -4.99 22.64
N ASN A 236 -43.04 -5.48 22.78
CA ASN A 236 -43.62 -5.76 24.09
C ASN A 236 -44.76 -6.77 23.97
N SER A 237 -45.35 -7.13 25.11
CA SER A 237 -46.36 -8.19 25.16
C SER A 237 -47.67 -7.86 24.44
N ASN A 238 -47.89 -6.60 24.09
CA ASN A 238 -49.09 -6.20 23.33
C ASN A 238 -49.08 -6.75 21.90
N SER A 239 -47.89 -6.80 21.31
CA SER A 239 -47.73 -7.25 19.91
C SER A 239 -47.02 -8.61 19.79
N ILE A 240 -46.18 -8.96 20.76
CA ILE A 240 -45.39 -10.18 20.68
C ILE A 240 -46.09 -11.34 21.41
N ALA A 241 -46.24 -12.45 20.69
CA ALA A 241 -46.89 -13.65 21.22
C ALA A 241 -45.87 -14.63 21.80
N CYS A 242 -44.71 -14.73 21.15
CA CYS A 242 -43.70 -15.72 21.55
C CYS A 242 -42.33 -15.37 20.95
N VAL A 243 -41.27 -15.63 21.72
CA VAL A 243 -39.89 -15.43 21.26
C VAL A 243 -39.12 -16.75 21.36
N GLN A 244 -38.52 -17.16 20.24
CA GLN A 244 -37.75 -18.40 20.20
C GLN A 244 -36.29 -18.10 19.83
N ILE A 245 -35.38 -18.66 20.62
CA ILE A 245 -33.94 -18.56 20.35
C ILE A 245 -33.41 -19.98 20.14
N THR A 246 -32.82 -20.21 18.98
CA THR A 246 -32.47 -21.57 18.54
C THR A 246 -31.01 -21.75 18.18
N PHE A 247 -30.41 -22.83 18.70
CA PHE A 247 -29.05 -23.22 18.39
C PHE A 247 -29.06 -24.66 17.93
N LYS A 248 -28.53 -24.92 16.74
CA LYS A 248 -28.40 -26.28 16.22
C LYS A 248 -27.02 -26.49 15.64
N GLU A 249 -26.50 -27.71 15.78
CA GLU A 249 -25.25 -28.12 15.15
C GLU A 249 -25.41 -29.53 14.61
N LYS A 250 -24.72 -29.81 13.51
CA LYS A 250 -24.67 -31.17 12.97
C LYS A 250 -23.62 -31.98 13.71
N ILE A 251 -22.52 -31.32 14.09
CA ILE A 251 -21.45 -32.00 14.82
C ILE A 251 -21.92 -32.57 16.15
N GLY A 252 -21.26 -33.63 16.58
CA GLY A 252 -21.51 -34.25 17.87
C GLY A 252 -20.46 -33.82 18.87
N THR A 253 -20.28 -34.63 19.90
CA THR A 253 -19.31 -34.35 20.96
C THR A 253 -18.25 -35.46 21.03
N ALA A 254 -18.04 -36.16 19.92
CA ALA A 254 -17.05 -37.24 19.87
C ALA A 254 -15.63 -36.67 19.75
N GLY A 255 -14.66 -37.42 20.25
CA GLY A 255 -13.25 -37.03 20.16
C GLY A 255 -12.81 -35.90 21.07
N ARG A 256 -13.72 -35.42 21.93
CA ARG A 256 -13.41 -34.33 22.86
C ARG A 256 -12.65 -34.85 24.09
N GLY A 257 -12.67 -36.16 24.29
CA GLY A 257 -12.06 -36.78 25.48
C GLY A 257 -13.01 -36.77 26.67
N GLY A 258 -14.31 -36.69 26.39
CA GLY A 258 -15.33 -36.65 27.44
C GLY A 258 -15.41 -35.33 28.20
N TYR A 259 -14.85 -34.27 27.61
CA TYR A 259 -14.84 -32.96 28.24
C TYR A 259 -16.27 -32.41 28.38
N PHE A 260 -17.13 -32.75 27.43
CA PHE A 260 -18.50 -32.29 27.40
C PHE A 260 -19.38 -32.91 28.50
N ASP A 261 -19.06 -34.13 28.91
CA ASP A 261 -19.92 -34.89 29.82
C ASP A 261 -20.20 -34.19 31.15
N SER A 262 -19.18 -33.53 31.70
CA SER A 262 -19.33 -32.82 32.96
C SER A 262 -19.96 -31.43 32.76
N ILE A 263 -20.12 -31.00 31.51
CA ILE A 263 -20.62 -29.66 31.20
C ILE A 263 -22.09 -29.69 30.77
N GLY A 264 -22.36 -30.38 29.66
CA GLY A 264 -23.73 -30.46 29.12
C GLY A 264 -24.10 -29.25 28.28
N ILE A 265 -25.19 -29.37 27.53
CA ILE A 265 -25.60 -28.34 26.58
C ILE A 265 -26.04 -27.02 27.25
N ILE A 266 -26.58 -27.10 28.46
CA ILE A 266 -27.05 -25.91 29.16
C ILE A 266 -25.87 -25.03 29.57
N ARG A 267 -24.87 -25.64 30.20
CA ARG A 267 -23.65 -24.92 30.56
C ARG A 267 -22.83 -24.48 29.34
N ASP A 268 -22.88 -25.29 28.27
CA ASP A 268 -22.02 -25.07 27.11
C ASP A 268 -22.46 -23.88 26.24
N VAL A 269 -23.75 -23.76 25.97
CA VAL A 269 -24.26 -22.70 25.08
C VAL A 269 -25.45 -21.89 25.60
N ILE A 270 -26.32 -22.49 26.42
CA ILE A 270 -27.54 -21.80 26.86
C ILE A 270 -27.22 -20.76 27.93
N GLN A 271 -26.47 -21.16 28.95
CA GLN A 271 -26.12 -20.28 30.07
C GLN A 271 -25.36 -19.03 29.64
N ASN A 272 -24.64 -19.12 28.52
CA ASN A 272 -23.82 -18.01 28.04
C ASN A 272 -24.32 -17.44 26.71
N HIS A 273 -24.15 -18.16 25.62
CA HIS A 273 -24.43 -17.60 24.30
C HIS A 273 -25.88 -17.15 24.14
N LEU A 274 -26.81 -18.04 24.45
CA LEU A 274 -28.22 -17.77 24.22
C LEU A 274 -28.83 -16.85 25.29
N THR A 275 -28.28 -16.89 26.49
CA THR A 275 -28.69 -15.96 27.54
C THR A 275 -28.22 -14.53 27.23
N GLN A 276 -27.04 -14.42 26.62
CA GLN A 276 -26.56 -13.12 26.14
C GLN A 276 -27.52 -12.54 25.11
N ILE A 277 -27.89 -13.37 24.14
CA ILE A 277 -28.87 -12.98 23.13
C ILE A 277 -30.21 -12.64 23.80
N LEU A 278 -30.63 -13.46 24.75
CA LEU A 278 -31.86 -13.21 25.50
C LEU A 278 -31.85 -11.81 26.13
N SER A 279 -30.73 -11.47 26.77
CA SER A 279 -30.62 -10.20 27.47
C SER A 279 -30.70 -9.02 26.51
N LEU A 280 -30.09 -9.15 25.34
CA LEU A 280 -30.14 -8.09 24.34
C LEU A 280 -31.56 -7.91 23.77
N LEU A 281 -32.29 -9.01 23.64
CA LEU A 281 -33.65 -8.98 23.10
C LEU A 281 -34.69 -8.44 24.10
N THR A 282 -34.38 -8.49 25.39
CA THR A 282 -35.36 -8.18 26.44
C THR A 282 -35.07 -6.93 27.27
N MET A 283 -33.82 -6.50 27.31
CA MET A 283 -33.43 -5.32 28.10
C MET A 283 -34.25 -4.09 27.72
N GLU A 284 -34.34 -3.15 28.66
CA GLU A 284 -34.92 -1.84 28.38
C GLU A 284 -33.95 -1.00 27.55
N LYS A 285 -34.46 0.08 26.97
CA LYS A 285 -33.63 1.04 26.27
C LYS A 285 -32.62 1.63 27.26
N PRO A 286 -31.32 1.56 26.92
CA PRO A 286 -30.30 2.06 27.83
C PRO A 286 -30.25 3.58 27.86
N ARG A 287 -29.68 4.09 28.95
CA ARG A 287 -29.61 5.53 29.18
C ARG A 287 -28.73 6.24 28.17
N SER A 288 -27.74 5.51 27.67
CA SER A 288 -26.87 5.99 26.59
C SER A 288 -26.27 4.76 25.91
N LEU A 289 -25.36 4.98 24.96
CA LEU A 289 -24.68 3.88 24.29
C LEU A 289 -23.31 3.58 24.90
N SER A 290 -23.00 4.19 26.04
CA SER A 290 -21.76 3.88 26.76
C SER A 290 -21.85 2.46 27.32
N ALA A 291 -20.69 1.83 27.47
CA ALA A 291 -20.62 0.39 27.78
C ALA A 291 -21.38 0.01 29.04
N GLU A 292 -21.21 0.79 30.10
CA GLU A 292 -21.82 0.47 31.39
C GLU A 292 -23.32 0.74 31.43
N ASP A 293 -23.80 1.73 30.66
CA ASP A 293 -25.23 1.94 30.54
C ASP A 293 -25.92 0.75 29.85
N ILE A 294 -25.24 0.17 28.85
CA ILE A 294 -25.77 -1.00 28.15
C ILE A 294 -25.72 -2.24 29.05
N ARG A 295 -24.57 -2.47 29.68
CA ARG A 295 -24.40 -3.63 30.55
C ARG A 295 -25.32 -3.59 31.77
N ASP A 296 -25.56 -2.39 32.30
CA ASP A 296 -26.52 -2.22 33.39
C ASP A 296 -27.90 -2.78 33.00
N GLU A 297 -28.37 -2.44 31.81
CA GLU A 297 -29.69 -2.90 31.35
C GLU A 297 -29.74 -4.41 31.16
N LYS A 298 -28.63 -4.99 30.70
CA LYS A 298 -28.55 -6.43 30.51
C LYS A 298 -28.64 -7.14 31.85
N VAL A 299 -27.95 -6.62 32.87
CA VAL A 299 -27.99 -7.19 34.21
C VAL A 299 -29.39 -7.03 34.80
N GLN A 300 -29.97 -5.86 34.62
CA GLN A 300 -31.29 -5.53 35.17
C GLN A 300 -32.35 -6.54 34.71
N VAL A 301 -32.42 -6.82 33.42
CA VAL A 301 -33.43 -7.72 32.87
C VAL A 301 -33.16 -9.19 33.24
N LEU A 302 -31.88 -9.59 33.26
CA LEU A 302 -31.54 -10.96 33.64
C LEU A 302 -31.96 -11.28 35.08
N ARG A 303 -31.88 -10.29 35.96
CA ARG A 303 -32.31 -10.47 37.35
C ARG A 303 -33.85 -10.59 37.48
N GLN A 304 -34.57 -10.26 36.41
CA GLN A 304 -36.03 -10.41 36.36
C GLN A 304 -36.51 -11.67 35.66
N VAL A 305 -35.58 -12.48 35.15
CA VAL A 305 -35.91 -13.76 34.54
C VAL A 305 -36.20 -14.79 35.63
N VAL A 306 -37.31 -15.50 35.50
CA VAL A 306 -37.68 -16.54 36.45
C VAL A 306 -36.79 -17.76 36.21
N PRO A 307 -36.15 -18.29 37.28
CA PRO A 307 -35.25 -19.43 37.07
C PRO A 307 -35.93 -20.61 36.39
N ALA A 308 -35.23 -21.25 35.46
CA ALA A 308 -35.75 -22.42 34.77
C ALA A 308 -36.04 -23.54 35.76
N ASN A 309 -36.99 -24.40 35.42
CA ASN A 309 -37.29 -25.54 36.26
C ASN A 309 -37.63 -26.80 35.45
N PRO A 310 -37.43 -27.99 36.05
CA PRO A 310 -37.61 -29.27 35.35
C PRO A 310 -38.91 -29.42 34.57
N ALA A 311 -40.00 -28.91 35.13
CA ALA A 311 -41.32 -29.03 34.49
C ALA A 311 -41.40 -28.30 33.16
N GLU A 312 -40.67 -27.19 33.04
CA GLU A 312 -40.68 -26.39 31.82
C GLU A 312 -39.43 -26.60 30.98
N CYS A 313 -39.02 -27.85 30.81
CA CYS A 313 -37.92 -28.18 29.91
C CYS A 313 -38.03 -29.60 29.35
N VAL A 314 -37.41 -29.82 28.20
CA VAL A 314 -37.25 -31.15 27.62
C VAL A 314 -35.77 -31.35 27.29
N LEU A 315 -35.19 -32.41 27.87
CA LEU A 315 -33.77 -32.72 27.68
C LEU A 315 -33.59 -33.88 26.72
N GLY A 316 -32.45 -33.89 26.04
CA GLY A 316 -32.13 -34.96 25.10
C GLY A 316 -30.66 -35.32 25.09
N GLN A 317 -30.38 -36.57 24.71
CA GLN A 317 -29.02 -37.09 24.58
C GLN A 317 -28.97 -37.94 23.31
N TYR A 318 -28.11 -37.58 22.37
CA TYR A 318 -28.16 -38.20 21.04
C TYR A 318 -27.65 -39.65 21.02
N THR A 319 -28.32 -40.47 20.21
CA THR A 319 -27.93 -41.85 19.98
C THR A 319 -27.40 -41.96 18.55
N ALA A 320 -26.94 -43.15 18.19
CA ALA A 320 -26.38 -43.40 16.84
C ALA A 320 -27.34 -42.99 15.73
N SER A 321 -26.79 -42.45 14.65
CA SER A 321 -27.56 -42.01 13.49
C SER A 321 -28.15 -43.21 12.73
N ALA A 322 -29.22 -42.96 11.99
CA ALA A 322 -29.89 -44.01 11.22
C ALA A 322 -28.97 -44.59 10.14
N ASP A 323 -28.27 -43.71 9.43
CA ASP A 323 -27.34 -44.15 8.36
C ASP A 323 -26.09 -44.87 8.88
N GLY A 324 -25.80 -44.77 10.18
CA GLY A 324 -24.73 -45.53 10.81
C GLY A 324 -23.40 -44.80 10.91
N SER A 325 -23.24 -43.70 10.18
CA SER A 325 -21.97 -42.96 10.16
C SER A 325 -21.59 -42.42 11.54
N THR A 326 -22.54 -41.74 12.19
CA THR A 326 -22.30 -41.12 13.49
C THR A 326 -22.68 -42.09 14.63
N PRO A 327 -21.73 -42.39 15.53
CA PRO A 327 -22.05 -43.20 16.70
C PRO A 327 -22.76 -42.37 17.77
N GLY A 328 -23.40 -43.03 18.71
CA GLY A 328 -24.15 -42.34 19.77
C GLY A 328 -23.24 -41.66 20.78
N TYR A 329 -23.87 -40.82 21.62
CA TYR A 329 -23.15 -40.12 22.68
C TYR A 329 -22.51 -41.10 23.67
N LEU A 330 -23.26 -42.14 24.02
CA LEU A 330 -22.79 -43.15 24.98
C LEU A 330 -21.76 -44.12 24.41
N ASP A 331 -21.55 -44.10 23.09
CA ASP A 331 -20.49 -44.92 22.47
C ASP A 331 -19.12 -44.26 22.52
N ASP A 332 -19.07 -42.96 22.81
CA ASP A 332 -17.79 -42.26 23.00
C ASP A 332 -17.08 -42.88 24.21
N PRO A 333 -15.88 -43.46 24.00
CA PRO A 333 -15.21 -44.17 25.09
C PRO A 333 -14.88 -43.32 26.34
N SER A 334 -14.98 -41.99 26.25
CA SER A 334 -14.67 -41.11 27.37
C SER A 334 -15.86 -40.72 28.26
N VAL A 335 -17.06 -41.21 27.96
CA VAL A 335 -18.24 -40.89 28.77
C VAL A 335 -18.69 -42.11 29.58
N PRO A 336 -18.98 -41.92 30.89
CA PRO A 336 -19.51 -43.03 31.69
C PRO A 336 -20.81 -43.56 31.13
N LYS A 337 -21.13 -44.80 31.47
CA LYS A 337 -22.18 -45.52 30.76
C LYS A 337 -23.61 -45.07 31.14
N GLY A 338 -23.79 -44.56 32.37
CA GLY A 338 -25.09 -44.08 32.82
C GLY A 338 -25.19 -42.57 32.90
N SER A 339 -24.59 -41.89 31.92
CA SER A 339 -24.53 -40.43 31.92
C SER A 339 -25.89 -39.80 31.67
N HIS A 340 -26.24 -38.77 32.45
CA HIS A 340 -27.45 -37.96 32.22
C HIS A 340 -27.13 -36.77 31.34
N CYS A 341 -25.89 -36.65 30.88
CA CYS A 341 -25.47 -35.43 30.21
C CYS A 341 -26.33 -35.13 28.99
N PRO A 342 -27.01 -33.97 29.00
CA PRO A 342 -27.84 -33.62 27.88
C PRO A 342 -27.05 -32.98 26.74
N THR A 343 -27.28 -33.47 25.53
CA THR A 343 -26.74 -32.86 24.31
C THR A 343 -27.79 -31.97 23.66
N PHE A 344 -29.03 -32.01 24.18
CA PHE A 344 -30.15 -31.25 23.65
C PHE A 344 -31.03 -30.74 24.79
N ALA A 345 -31.56 -29.53 24.65
CA ALA A 345 -32.45 -28.98 25.67
C ALA A 345 -33.36 -27.89 25.10
N VAL A 346 -34.66 -27.99 25.39
CA VAL A 346 -35.60 -26.90 25.16
C VAL A 346 -36.06 -26.39 26.52
N LEU A 347 -35.97 -25.09 26.73
CA LEU A 347 -36.41 -24.45 27.96
C LEU A 347 -37.52 -23.45 27.64
N ARG A 348 -38.50 -23.34 28.54
CA ARG A 348 -39.44 -22.22 28.51
C ARG A 348 -39.15 -21.31 29.70
N LEU A 349 -38.77 -20.07 29.41
CA LEU A 349 -38.51 -19.08 30.44
C LEU A 349 -39.56 -17.99 30.43
N HIS A 350 -39.74 -17.35 31.59
CA HIS A 350 -40.62 -16.20 31.73
C HIS A 350 -39.80 -15.03 32.25
N VAL A 351 -39.98 -13.87 31.64
CA VAL A 351 -39.39 -12.63 32.13
C VAL A 351 -40.49 -11.88 32.85
N ASN A 352 -40.35 -11.74 34.17
CA ASN A 352 -41.39 -11.11 34.97
C ASN A 352 -41.24 -9.59 35.10
N ASN A 353 -41.71 -8.90 34.08
CA ASN A 353 -41.88 -7.45 34.13
C ASN A 353 -43.00 -7.02 33.18
N ASP A 354 -43.27 -5.73 33.10
CA ASP A 354 -44.44 -5.22 32.38
C ASP A 354 -44.30 -5.28 30.88
N ARG A 355 -43.08 -5.21 30.38
CA ARG A 355 -42.84 -5.35 28.95
C ARG A 355 -43.12 -6.78 28.48
N TRP A 356 -42.80 -7.76 29.31
CA TRP A 356 -42.73 -9.17 28.88
C TRP A 356 -43.72 -10.12 29.56
N HIS A 357 -44.56 -9.63 30.45
CA HIS A 357 -45.47 -10.51 31.17
C HIS A 357 -46.33 -11.31 30.20
N GLY A 358 -46.36 -12.63 30.41
CA GLY A 358 -47.18 -13.52 29.61
C GLY A 358 -46.58 -13.96 28.29
N VAL A 359 -45.38 -13.47 27.97
CA VAL A 359 -44.71 -13.81 26.71
C VAL A 359 -43.72 -14.94 26.96
N PRO A 360 -44.00 -16.14 26.45
CA PRO A 360 -43.07 -17.26 26.65
C PRO A 360 -41.79 -17.11 25.82
N PHE A 361 -40.66 -17.38 26.47
CA PHE A 361 -39.37 -17.38 25.79
C PHE A 361 -38.87 -18.81 25.66
N ILE A 362 -38.78 -19.29 24.42
CA ILE A 362 -38.32 -20.64 24.14
C ILE A 362 -36.84 -20.60 23.78
N ILE A 363 -36.01 -21.21 24.63
CA ILE A 363 -34.59 -21.34 24.34
C ILE A 363 -34.34 -22.78 23.98
N ARG A 364 -33.80 -23.03 22.80
CA ARG A 364 -33.42 -24.40 22.43
C ARG A 364 -32.02 -24.48 21.84
N ALA A 365 -31.34 -25.57 22.18
CA ALA A 365 -29.96 -25.78 21.80
C ALA A 365 -29.68 -27.27 21.74
N GLY A 366 -29.09 -27.72 20.64
CA GLY A 366 -28.76 -29.13 20.48
C GLY A 366 -27.61 -29.37 19.54
N LYS A 367 -26.86 -30.43 19.82
CA LYS A 367 -25.84 -30.94 18.92
C LYS A 367 -26.36 -32.22 18.28
N ALA A 368 -25.69 -32.67 17.22
CA ALA A 368 -26.11 -33.85 16.46
C ALA A 368 -27.55 -33.72 15.92
N LEU A 369 -27.85 -32.57 15.33
CA LEU A 369 -29.17 -32.31 14.75
C LEU A 369 -29.10 -32.26 13.21
N GLU A 370 -30.24 -32.00 12.56
CA GLU A 370 -30.31 -31.99 11.08
C GLU A 370 -29.56 -30.85 10.38
N GLU A 371 -29.29 -29.75 11.08
CA GLU A 371 -28.62 -28.61 10.45
C GLU A 371 -27.82 -27.79 11.44
N ARG A 372 -26.96 -26.93 10.89
CA ARG A 372 -26.30 -25.91 11.67
C ARG A 372 -27.14 -24.65 11.58
N LEU A 373 -27.53 -24.10 12.72
CA LEU A 373 -28.37 -22.92 12.74
C LEU A 373 -28.23 -22.13 14.04
N LEU A 374 -28.22 -20.81 13.90
CA LEU A 374 -28.43 -19.91 15.02
C LEU A 374 -29.40 -18.83 14.54
N ASP A 375 -30.63 -18.87 15.05
CA ASP A 375 -31.59 -17.83 14.70
C ASP A 375 -32.47 -17.39 15.86
N ILE A 376 -33.01 -16.19 15.70
CA ILE A 376 -33.91 -15.58 16.66
C ILE A 376 -35.23 -15.36 15.94
N ARG A 377 -36.32 -15.79 16.55
CA ARG A 377 -37.64 -15.62 15.96
C ARG A 377 -38.58 -14.89 16.91
N ILE A 378 -38.96 -13.66 16.53
CA ILE A 378 -39.93 -12.86 17.27
C ILE A 378 -41.29 -13.07 16.60
N GLN A 379 -42.09 -13.98 17.15
CA GLN A 379 -43.40 -14.30 16.58
C GLN A 379 -44.48 -13.43 17.18
N PHE A 380 -45.08 -12.58 16.33
CA PHE A 380 -46.12 -11.67 16.77
C PHE A 380 -47.49 -12.35 16.87
N LYS A 381 -48.44 -11.65 17.48
CA LYS A 381 -49.79 -12.15 17.65
C LYS A 381 -50.55 -12.17 16.33
N ASP A 382 -51.59 -12.98 16.29
CA ASP A 382 -52.46 -13.04 15.13
C ASP A 382 -53.27 -11.77 14.98
N GLU A 383 -53.39 -11.28 13.75
CA GLU A 383 -54.40 -10.31 13.41
C GLU A 383 -55.65 -11.14 13.07
N ILE A 384 -56.60 -11.16 13.99
CA ILE A 384 -57.75 -12.07 13.90
C ILE A 384 -58.71 -11.70 12.78
N ARG A 385 -58.98 -10.40 12.61
CA ARG A 385 -59.90 -9.94 11.59
C ARG A 385 -59.24 -8.94 10.66
N PRO A 386 -59.65 -8.89 9.39
CA PRO A 386 -60.76 -9.68 8.85
C PRO A 386 -60.36 -10.96 8.11
N PHE A 387 -59.11 -11.40 8.23
CA PHE A 387 -58.62 -12.54 7.43
C PHE A 387 -58.70 -13.91 8.13
N GLY A 388 -58.79 -13.92 9.45
CA GLY A 388 -58.92 -15.18 10.20
C GLY A 388 -57.86 -16.20 9.86
N GLU A 389 -58.28 -17.35 9.34
CA GLU A 389 -57.35 -18.44 9.00
C GLU A 389 -56.66 -18.26 7.64
N SER A 390 -56.98 -17.17 6.94
CA SER A 390 -56.32 -16.83 5.68
C SER A 390 -55.11 -15.92 5.88
N THR A 391 -54.73 -15.70 7.14
CA THR A 391 -53.44 -15.12 7.47
C THR A 391 -52.83 -15.95 8.59
N GLN A 392 -51.59 -15.63 8.94
CA GLN A 392 -50.91 -16.29 10.04
C GLN A 392 -49.99 -15.30 10.71
N ARG A 393 -49.41 -15.71 11.84
CA ARG A 393 -48.62 -14.81 12.67
C ARG A 393 -47.43 -14.25 11.90
N ASN A 394 -47.26 -12.93 11.97
CA ASN A 394 -46.04 -12.29 11.51
C ASN A 394 -44.87 -12.78 12.36
N GLU A 395 -43.68 -12.72 11.80
CA GLU A 395 -42.50 -13.18 12.49
C GLU A 395 -41.27 -12.42 12.00
N LEU A 396 -40.55 -11.81 12.93
CA LEU A 396 -39.24 -11.26 12.62
C LEU A 396 -38.21 -12.34 12.86
N VAL A 397 -37.42 -12.63 11.84
CA VAL A 397 -36.39 -13.66 11.93
C VAL A 397 -35.02 -13.04 11.77
N ILE A 398 -34.17 -13.17 12.78
CA ILE A 398 -32.77 -12.80 12.68
C ILE A 398 -31.95 -14.09 12.67
N ARG A 399 -31.29 -14.35 11.54
CA ARG A 399 -30.44 -15.54 11.40
C ARG A 399 -28.97 -15.11 11.43
N ALA A 400 -28.27 -15.51 12.48
CA ALA A 400 -26.87 -15.13 12.64
C ALA A 400 -25.95 -16.04 11.84
N GLN A 401 -26.33 -17.30 11.68
CA GLN A 401 -25.60 -18.24 10.84
C GLN A 401 -26.45 -19.48 10.52
N PRO A 402 -26.23 -20.12 9.37
CA PRO A 402 -25.35 -19.65 8.32
C PRO A 402 -26.04 -18.58 7.47
N SER A 403 -25.30 -18.01 6.53
CA SER A 403 -25.85 -17.07 5.57
C SER A 403 -26.66 -15.99 6.29
N GLU A 404 -25.96 -15.19 7.08
CA GLU A 404 -26.60 -14.22 7.98
C GLU A 404 -27.58 -13.30 7.27
N ALA A 405 -28.76 -13.13 7.90
CA ALA A 405 -29.86 -12.39 7.31
C ALA A 405 -30.87 -11.96 8.37
N MET A 406 -31.62 -10.92 8.03
CA MET A 406 -32.80 -10.52 8.81
C MET A 406 -33.98 -10.42 7.84
N TYR A 407 -35.09 -11.05 8.22
CA TYR A 407 -36.29 -10.96 7.40
C TYR A 407 -37.57 -10.96 8.22
N LEU A 408 -38.60 -10.32 7.66
CA LEU A 408 -39.90 -10.18 8.31
C LEU A 408 -40.95 -10.96 7.53
N LYS A 409 -41.45 -12.03 8.13
CA LYS A 409 -42.47 -12.85 7.50
C LYS A 409 -43.84 -12.21 7.70
N LEU A 410 -44.56 -12.04 6.61
CA LEU A 410 -45.90 -11.46 6.66
C LEU A 410 -46.79 -12.04 5.58
N THR A 411 -48.07 -11.69 5.63
CA THR A 411 -49.05 -12.15 4.67
C THR A 411 -49.25 -11.09 3.57
N ALA A 412 -49.36 -11.55 2.34
CA ALA A 412 -49.60 -10.67 1.19
C ALA A 412 -50.54 -11.34 0.22
N LYS A 413 -51.07 -10.56 -0.70
CA LYS A 413 -51.88 -11.08 -1.79
C LYS A 413 -51.01 -11.95 -2.69
N THR A 414 -51.54 -13.10 -3.12
CA THR A 414 -50.82 -13.95 -4.07
C THR A 414 -50.65 -13.21 -5.39
N PRO A 415 -49.39 -13.05 -5.86
CA PRO A 415 -49.12 -12.29 -7.08
C PRO A 415 -49.91 -12.78 -8.28
N GLY A 416 -50.48 -11.85 -9.03
CA GLY A 416 -51.18 -12.17 -10.27
C GLY A 416 -52.68 -11.98 -10.18
N LEU A 417 -53.40 -12.78 -10.96
CA LEU A 417 -54.85 -12.64 -11.11
C LEU A 417 -55.64 -13.31 -9.99
N LEU A 418 -55.19 -14.45 -9.52
CA LEU A 418 -55.75 -15.06 -8.32
C LEU A 418 -55.74 -14.06 -7.15
N ASN A 419 -56.89 -13.91 -6.50
CA ASN A 419 -57.07 -13.01 -5.38
C ASN A 419 -57.14 -13.81 -4.08
N ASP A 420 -55.96 -14.23 -3.63
CA ASP A 420 -55.79 -15.12 -2.48
C ASP A 420 -54.68 -14.56 -1.60
N THR A 421 -54.35 -15.25 -0.50
CA THR A 421 -53.24 -14.85 0.35
C THR A 421 -52.16 -15.93 0.42
N HIS A 422 -50.95 -15.50 0.77
CA HIS A 422 -49.82 -16.39 1.01
C HIS A 422 -48.85 -15.70 1.96
N GLN A 423 -48.00 -16.48 2.61
CA GLN A 423 -46.96 -15.90 3.46
C GLN A 423 -45.70 -15.66 2.62
N THR A 424 -45.10 -14.48 2.80
CA THR A 424 -43.89 -14.09 2.07
C THR A 424 -42.93 -13.38 3.06
N GLU A 425 -41.88 -12.74 2.55
CA GLU A 425 -40.91 -12.05 3.40
C GLU A 425 -40.45 -10.73 2.82
N LEU A 426 -40.11 -9.79 3.70
CA LEU A 426 -39.26 -8.66 3.36
C LEU A 426 -37.88 -9.07 3.85
N ASP A 427 -36.94 -9.19 2.92
CA ASP A 427 -35.68 -9.88 3.18
C ASP A 427 -34.48 -8.96 3.13
N LEU A 428 -33.52 -9.21 4.02
CA LEU A 428 -32.19 -8.62 3.95
C LEU A 428 -31.18 -9.74 4.20
N THR A 429 -30.66 -10.30 3.11
CA THR A 429 -29.62 -11.32 3.16
C THR A 429 -28.28 -10.67 2.85
N TYR A 430 -27.38 -10.69 3.82
CA TYR A 430 -26.16 -9.88 3.78
C TYR A 430 -25.23 -10.20 2.60
N GLU A 431 -25.16 -11.47 2.21
CA GLU A 431 -24.26 -11.89 1.12
C GLU A 431 -24.76 -11.41 -0.26
N ARG A 432 -26.06 -11.14 -0.38
CA ARG A 432 -26.64 -10.59 -1.61
C ARG A 432 -26.64 -9.07 -1.63
N ARG A 433 -27.00 -8.46 -0.51
CA ARG A 433 -27.10 -7.01 -0.42
C ARG A 433 -25.73 -6.35 -0.33
N TYR A 434 -24.85 -6.88 0.51
CA TYR A 434 -23.56 -6.27 0.81
C TYR A 434 -22.39 -7.04 0.19
N ASP A 435 -21.48 -6.32 -0.45
CA ASP A 435 -20.29 -6.91 -1.06
C ASP A 435 -19.10 -6.85 -0.09
N VAL A 436 -19.24 -7.52 1.06
CA VAL A 436 -18.19 -7.57 2.08
C VAL A 436 -18.20 -8.94 2.74
N THR A 437 -17.02 -9.41 3.13
CA THR A 437 -16.93 -10.66 3.88
C THR A 437 -16.99 -10.34 5.36
N LEU A 438 -17.97 -10.91 6.04
CA LEU A 438 -18.18 -10.61 7.44
C LEU A 438 -17.13 -11.32 8.27
N PRO A 439 -16.56 -10.61 9.24
CA PRO A 439 -15.48 -11.16 10.04
C PRO A 439 -15.94 -12.20 11.04
N ASP A 440 -15.02 -13.08 11.43
CA ASP A 440 -15.25 -13.99 12.53
C ASP A 440 -15.48 -13.18 13.80
N ALA A 441 -16.24 -13.73 14.74
CA ALA A 441 -16.55 -13.07 16.00
C ALA A 441 -15.33 -12.49 16.71
N TYR A 442 -14.25 -13.26 16.74
CA TYR A 442 -13.08 -12.88 17.49
C TYR A 442 -12.32 -11.68 16.91
N GLU A 443 -12.57 -11.31 15.66
CA GLU A 443 -11.98 -10.09 15.09
C GLU A 443 -12.57 -8.86 15.77
N SER A 444 -13.90 -8.80 15.81
CA SER A 444 -14.62 -7.69 16.42
C SER A 444 -14.21 -7.51 17.89
N LEU A 445 -14.20 -8.63 18.62
CA LEU A 445 -14.01 -8.60 20.07
C LEU A 445 -12.60 -8.18 20.48
N ILE A 446 -11.60 -8.79 19.86
CA ILE A 446 -10.21 -8.42 20.11
C ILE A 446 -10.00 -6.93 19.80
N HIS A 447 -10.57 -6.46 18.69
CA HIS A 447 -10.51 -5.05 18.30
C HIS A 447 -11.13 -4.15 19.37
N GLU A 448 -12.28 -4.55 19.91
CA GLU A 448 -12.96 -3.76 20.93
C GLU A 448 -12.24 -3.79 22.28
N ALA A 449 -11.58 -4.91 22.59
CA ALA A 449 -10.74 -5.00 23.78
C ALA A 449 -9.54 -4.05 23.67
N LEU A 450 -8.97 -3.93 22.47
CA LEU A 450 -7.87 -3.00 22.23
C LEU A 450 -8.31 -1.55 22.32
N LEU A 451 -9.54 -1.27 21.90
CA LEU A 451 -10.10 0.07 22.03
C LEU A 451 -10.55 0.39 23.46
N GLY A 452 -10.71 -0.64 24.29
CA GLY A 452 -11.09 -0.45 25.68
C GLY A 452 -12.59 -0.38 25.91
N ASN A 453 -13.36 -0.81 24.91
CA ASN A 453 -14.83 -0.83 24.98
C ASN A 453 -15.34 -2.15 25.54
N SER A 454 -15.91 -2.09 26.74
CA SER A 454 -16.37 -3.31 27.44
C SER A 454 -17.79 -3.74 27.10
N THR A 455 -18.45 -3.04 26.18
CA THR A 455 -19.86 -3.30 25.86
C THR A 455 -20.16 -4.78 25.66
N ASN A 456 -19.36 -5.45 24.83
CA ASN A 456 -19.61 -6.84 24.43
C ASN A 456 -18.77 -7.86 25.18
N PHE A 457 -18.63 -7.64 26.48
CA PHE A 457 -17.90 -8.54 27.35
C PHE A 457 -18.69 -8.73 28.63
N VAL A 458 -18.63 -9.95 29.19
CA VAL A 458 -19.51 -10.33 30.28
C VAL A 458 -19.01 -9.76 31.61
N ARG A 459 -19.81 -8.89 32.21
CA ARG A 459 -19.46 -8.26 33.46
C ARG A 459 -19.66 -9.23 34.61
N VAL A 460 -18.97 -9.00 35.73
CA VAL A 460 -18.98 -9.93 36.85
C VAL A 460 -20.40 -10.20 37.38
N ASP A 461 -21.20 -9.15 37.49
CA ASP A 461 -22.59 -9.27 37.98
C ASP A 461 -23.54 -9.83 36.91
N GLU A 462 -23.26 -9.52 35.65
CA GLU A 462 -23.95 -10.10 34.49
C GLU A 462 -23.82 -11.62 34.48
N LEU A 463 -22.61 -12.10 34.76
CA LEU A 463 -22.32 -13.53 34.82
C LEU A 463 -23.11 -14.22 35.94
N ASP A 464 -23.09 -13.61 37.13
CA ASP A 464 -23.83 -14.10 38.30
C ASP A 464 -25.35 -14.22 38.03
N ALA A 465 -25.92 -13.22 37.36
CA ALA A 465 -27.34 -13.23 37.04
C ALA A 465 -27.70 -14.42 36.13
N ALA A 466 -26.81 -14.73 35.19
CA ALA A 466 -27.03 -15.83 34.26
C ALA A 466 -27.01 -17.17 34.98
N TRP A 467 -26.04 -17.38 35.87
CA TRP A 467 -25.95 -18.64 36.60
C TRP A 467 -27.16 -18.91 37.50
N ARG A 468 -27.73 -17.84 38.06
CA ARG A 468 -28.88 -17.97 38.93
C ARG A 468 -30.14 -18.45 38.19
N ILE A 469 -30.21 -18.16 36.90
CA ILE A 469 -31.33 -18.63 36.08
C ILE A 469 -31.35 -20.15 35.95
N TYR A 470 -30.18 -20.76 35.78
CA TYR A 470 -30.08 -22.18 35.41
C TYR A 470 -29.59 -23.11 36.50
N THR A 471 -28.98 -22.58 37.56
CA THR A 471 -28.34 -23.41 38.58
C THR A 471 -29.29 -24.40 39.27
N PRO A 472 -30.46 -23.94 39.73
CA PRO A 472 -31.44 -24.89 40.30
C PRO A 472 -31.75 -26.07 39.38
N LEU A 473 -31.95 -25.79 38.09
CA LEU A 473 -32.19 -26.85 37.10
C LEU A 473 -30.99 -27.77 36.96
N LEU A 474 -29.81 -27.17 36.84
CA LEU A 474 -28.58 -27.94 36.65
C LEU A 474 -28.33 -28.91 37.80
N HIS A 475 -28.51 -28.45 39.03
CA HIS A 475 -28.32 -29.31 40.19
C HIS A 475 -29.34 -30.46 40.22
N ALA A 476 -30.58 -30.17 39.82
CA ALA A 476 -31.59 -31.22 39.69
C ALA A 476 -31.16 -32.28 38.67
N ILE A 477 -30.66 -31.83 37.52
CA ILE A 477 -30.19 -32.74 36.46
C ILE A 477 -29.05 -33.64 36.94
N ASP A 478 -28.11 -33.07 37.68
CA ASP A 478 -26.98 -33.85 38.22
C ASP A 478 -27.44 -34.91 39.24
N ARG A 479 -28.47 -34.60 40.01
CA ARG A 479 -29.03 -35.58 40.97
C ARG A 479 -29.86 -36.67 40.27
N GLY A 480 -30.14 -36.51 38.99
CA GLY A 480 -30.81 -37.53 38.20
C GLY A 480 -32.32 -37.44 38.28
N GLU A 481 -32.83 -36.22 38.47
CA GLU A 481 -34.26 -36.01 38.71
C GLU A 481 -35.02 -35.54 37.47
N VAL A 482 -34.29 -35.27 36.39
CA VAL A 482 -34.90 -34.81 35.15
C VAL A 482 -34.65 -35.85 34.05
N LYS A 483 -35.72 -36.29 33.41
CA LYS A 483 -35.62 -37.32 32.37
C LYS A 483 -34.87 -36.80 31.15
N VAL A 484 -34.04 -37.65 30.56
CA VAL A 484 -33.28 -37.32 29.36
C VAL A 484 -33.70 -38.28 28.25
N LEU A 485 -34.20 -37.72 27.15
CA LEU A 485 -34.77 -38.52 26.07
C LEU A 485 -33.76 -38.77 24.97
N PRO A 486 -33.80 -39.97 24.37
CA PRO A 486 -32.93 -40.27 23.25
C PRO A 486 -33.43 -39.65 21.94
N TYR A 487 -32.50 -39.35 21.05
CA TYR A 487 -32.81 -38.96 19.68
C TYR A 487 -31.65 -39.34 18.76
N ALA A 488 -31.96 -39.80 17.55
CA ALA A 488 -30.91 -40.22 16.63
C ALA A 488 -30.16 -39.00 16.13
N ALA A 489 -28.83 -39.10 16.07
CA ALA A 489 -28.02 -38.05 15.49
C ALA A 489 -28.48 -37.78 14.07
N GLY A 490 -28.56 -36.51 13.70
CA GLY A 490 -29.04 -36.12 12.38
C GLY A 490 -30.54 -35.89 12.32
N SER A 491 -31.27 -36.39 13.31
CA SER A 491 -32.71 -36.13 13.43
C SER A 491 -32.94 -34.69 13.95
N CYS A 492 -34.21 -34.31 14.05
CA CYS A 492 -34.58 -32.98 14.55
C CYS A 492 -34.62 -32.92 16.09
N GLY A 493 -34.31 -34.02 16.76
CA GLY A 493 -34.37 -34.09 18.21
C GLY A 493 -35.53 -34.97 18.68
N PRO A 494 -35.73 -35.07 20.00
CA PRO A 494 -36.86 -35.87 20.51
C PRO A 494 -38.21 -35.28 20.09
N GLU A 495 -39.18 -36.14 19.80
CA GLU A 495 -40.49 -35.70 19.33
C GLU A 495 -41.22 -34.79 20.33
N GLU A 496 -41.08 -35.11 21.61
CA GLU A 496 -41.79 -34.37 22.66
C GLU A 496 -41.21 -32.97 22.90
N ALA A 497 -40.04 -32.69 22.32
CA ALA A 497 -39.53 -31.32 22.27
C ALA A 497 -40.43 -30.44 21.40
N GLN A 498 -40.86 -30.96 20.26
CA GLN A 498 -41.76 -30.21 19.38
C GLN A 498 -43.13 -29.99 20.00
N GLU A 499 -43.63 -30.99 20.70
CA GLU A 499 -44.91 -30.86 21.39
C GLU A 499 -44.79 -29.84 22.53
N PHE A 500 -43.68 -29.87 23.25
CA PHE A 500 -43.42 -28.89 24.30
C PHE A 500 -43.38 -27.47 23.75
N ILE A 501 -42.74 -27.30 22.59
CA ILE A 501 -42.67 -25.99 21.93
C ILE A 501 -44.07 -25.52 21.53
N ARG A 502 -44.87 -26.42 20.98
CA ARG A 502 -46.21 -26.08 20.51
C ARG A 502 -47.10 -25.59 21.65
N ILE A 503 -47.15 -26.34 22.75
CA ILE A 503 -48.01 -25.96 23.87
C ILE A 503 -47.47 -24.72 24.60
N SER A 504 -46.16 -24.48 24.46
CA SER A 504 -45.54 -23.28 25.03
C SER A 504 -45.99 -22.00 24.33
N GLY A 505 -46.50 -22.10 23.10
CA GLY A 505 -47.10 -20.95 22.42
C GLY A 505 -46.47 -20.53 21.10
N TYR A 506 -45.46 -21.25 20.64
CA TYR A 506 -44.89 -20.99 19.32
C TYR A 506 -45.64 -21.80 18.27
N LYS A 507 -46.35 -21.11 17.37
CA LYS A 507 -47.08 -21.75 16.28
C LYS A 507 -46.15 -21.94 15.11
N THR A 508 -45.75 -23.19 14.89
CA THR A 508 -44.79 -23.51 13.84
C THR A 508 -45.50 -23.58 12.48
N THR A 509 -45.05 -22.75 11.54
CA THR A 509 -45.55 -22.74 10.16
C THR A 509 -44.68 -21.80 9.32
N PRO B 26 -13.29 9.46 17.63
CA PRO B 26 -13.56 8.40 18.59
C PRO B 26 -14.10 8.93 19.95
N GLU B 27 -13.32 9.75 20.68
CA GLU B 27 -13.84 10.42 21.88
C GLU B 27 -14.47 11.78 21.53
N LEU B 28 -14.20 12.24 20.30
CA LEU B 28 -14.87 13.41 19.72
C LEU B 28 -16.39 13.22 19.60
N ARG B 29 -16.83 11.97 19.46
CA ARG B 29 -18.25 11.63 19.34
C ARG B 29 -18.97 11.56 20.70
N SER B 30 -18.24 11.18 21.75
CA SER B 30 -18.84 10.97 23.09
C SER B 30 -19.12 12.26 23.88
N ARG B 31 -18.70 13.39 23.33
CA ARG B 31 -18.92 14.70 23.96
C ARG B 31 -19.38 15.70 22.90
N ALA B 32 -20.19 16.68 23.32
CA ALA B 32 -20.73 17.68 22.41
C ALA B 32 -19.61 18.43 21.69
N LEU B 33 -19.87 18.81 20.44
CA LEU B 33 -18.92 19.57 19.64
C LEU B 33 -19.60 20.80 19.05
N THR B 34 -19.07 21.98 19.36
CA THR B 34 -19.57 23.23 18.82
C THR B 34 -18.45 23.95 18.06
N ILE B 35 -18.69 24.22 16.78
CA ILE B 35 -17.74 24.95 15.93
C ILE B 35 -18.31 26.33 15.65
N VAL B 36 -17.68 27.36 16.22
CA VAL B 36 -18.14 28.74 16.07
C VAL B 36 -17.32 29.47 15.01
N VAL B 37 -17.97 29.85 13.91
CA VAL B 37 -17.32 30.60 12.84
C VAL B 37 -17.60 32.08 13.05
N LEU B 38 -16.62 32.79 13.62
CA LEU B 38 -16.73 34.23 13.80
C LEU B 38 -16.36 34.95 12.51
N GLY B 39 -17.20 35.89 12.09
CA GLY B 39 -17.07 36.52 10.78
C GLY B 39 -17.71 35.65 9.70
N ALA B 40 -18.79 34.98 10.07
CA ALA B 40 -19.47 34.03 9.18
C ALA B 40 -20.08 34.67 7.94
N SER B 41 -20.31 35.98 7.99
CA SER B 41 -20.80 36.75 6.86
C SER B 41 -19.69 37.12 5.84
N GLY B 42 -18.47 36.64 6.07
CA GLY B 42 -17.31 37.09 5.31
C GLY B 42 -16.93 36.26 4.10
N ASP B 43 -15.88 36.73 3.42
CA ASP B 43 -15.42 36.11 2.19
C ASP B 43 -14.85 34.72 2.42
N LEU B 44 -13.95 34.60 3.40
CA LEU B 44 -13.32 33.32 3.72
C LEU B 44 -14.35 32.30 4.20
N ALA B 45 -15.29 32.75 5.03
CA ALA B 45 -16.30 31.88 5.60
C ALA B 45 -17.07 31.11 4.53
N LYS B 46 -17.66 31.83 3.58
CA LYS B 46 -18.51 31.21 2.55
C LYS B 46 -17.72 30.46 1.49
N LYS B 47 -16.52 30.94 1.17
CA LYS B 47 -15.73 30.35 0.08
C LYS B 47 -14.88 29.15 0.52
N LYS B 48 -14.44 29.15 1.77
CA LYS B 48 -13.53 28.11 2.26
C LYS B 48 -14.04 27.38 3.50
N THR B 49 -14.40 28.12 4.54
CA THR B 49 -14.73 27.51 5.83
C THR B 49 -15.95 26.60 5.77
N PHE B 50 -17.11 27.15 5.41
CA PHE B 50 -18.34 26.36 5.37
C PHE B 50 -18.29 25.21 4.36
N PRO B 51 -17.74 25.45 3.15
CA PRO B 51 -17.57 24.36 2.19
C PRO B 51 -16.69 23.21 2.70
N ALA B 52 -15.62 23.53 3.40
CA ALA B 52 -14.75 22.52 4.00
C ALA B 52 -15.51 21.71 5.05
N LEU B 53 -16.26 22.41 5.90
CA LEU B 53 -17.09 21.75 6.91
C LEU B 53 -18.13 20.84 6.27
N PHE B 54 -18.71 21.26 5.15
CA PHE B 54 -19.65 20.43 4.41
C PHE B 54 -19.02 19.11 3.97
N GLN B 55 -17.82 19.20 3.40
CA GLN B 55 -17.08 18.01 2.96
C GLN B 55 -16.75 17.09 4.13
N LEU B 56 -16.36 17.67 5.26
CA LEU B 56 -16.07 16.89 6.46
C LEU B 56 -17.32 16.18 6.98
N TYR B 57 -18.47 16.85 6.91
CA TYR B 57 -19.73 16.24 7.30
C TYR B 57 -20.02 15.04 6.40
N CYS B 58 -19.91 15.23 5.09
CA CYS B 58 -20.22 14.18 4.12
C CYS B 58 -19.33 12.96 4.20
N ASN B 59 -18.09 13.13 4.63
CA ASN B 59 -17.15 12.02 4.76
C ASN B 59 -17.20 11.34 6.13
N GLY B 60 -18.20 11.70 6.94
CA GLY B 60 -18.33 11.13 8.28
C GLY B 60 -17.22 11.55 9.23
N MET B 61 -16.64 12.72 8.98
CA MET B 61 -15.51 13.21 9.76
C MET B 61 -15.95 14.14 10.88
N LEU B 62 -17.16 14.68 10.77
CA LEU B 62 -17.80 15.42 11.86
C LEU B 62 -18.89 14.54 12.46
N PRO B 63 -19.18 14.72 13.76
CA PRO B 63 -20.34 14.01 14.33
C PRO B 63 -21.64 14.47 13.65
N ARG B 64 -22.57 13.54 13.48
CA ARG B 64 -23.87 13.86 12.88
C ARG B 64 -24.62 14.94 13.67
N ASP B 65 -24.42 14.97 14.99
CA ASP B 65 -25.07 15.98 15.85
C ASP B 65 -24.15 17.16 16.22
N VAL B 66 -23.20 17.48 15.35
CA VAL B 66 -22.36 18.67 15.52
C VAL B 66 -23.19 19.94 15.43
N ASN B 67 -22.75 20.99 16.11
CA ASN B 67 -23.37 22.30 15.99
C ASN B 67 -22.41 23.32 15.42
N ILE B 68 -22.81 23.94 14.31
CA ILE B 68 -22.01 24.97 13.66
C ILE B 68 -22.74 26.28 13.84
N LEU B 69 -22.09 27.23 14.52
CA LEU B 69 -22.70 28.51 14.87
C LEU B 69 -21.96 29.66 14.21
N GLY B 70 -22.63 30.35 13.29
CA GLY B 70 -22.10 31.56 12.70
C GLY B 70 -22.27 32.74 13.63
N TYR B 71 -21.29 33.63 13.65
CA TYR B 71 -21.31 34.82 14.51
C TYR B 71 -20.72 36.01 13.80
N ALA B 72 -21.49 37.09 13.69
CA ALA B 72 -21.02 38.34 13.08
C ALA B 72 -21.97 39.50 13.41
N ARG B 73 -21.56 40.72 13.05
CA ARG B 73 -22.34 41.92 13.34
C ARG B 73 -23.56 42.07 12.44
N SER B 74 -23.49 41.52 11.22
CA SER B 74 -24.59 41.60 10.26
C SER B 74 -25.85 40.94 10.81
N THR B 75 -27.00 41.57 10.54
CA THR B 75 -28.29 41.00 10.91
C THR B 75 -28.78 40.15 9.76
N MET B 76 -29.28 38.94 10.08
CA MET B 76 -29.78 38.02 9.07
C MET B 76 -31.30 38.04 9.08
N GLU B 77 -31.90 38.54 8.00
CA GLU B 77 -33.36 38.63 7.89
C GLU B 77 -33.94 37.22 7.70
N ASP B 78 -33.29 36.42 6.86
CA ASP B 78 -33.70 35.03 6.63
C ASP B 78 -32.46 34.12 6.65
N VAL B 79 -32.31 33.36 7.73
CA VAL B 79 -31.13 32.50 7.92
C VAL B 79 -31.20 31.30 6.98
N GLU B 80 -32.37 30.70 6.86
CA GLU B 80 -32.59 29.56 5.96
C GLU B 80 -32.26 29.87 4.49
N LYS B 81 -32.59 31.09 4.06
CA LYS B 81 -32.35 31.49 2.67
C LYS B 81 -30.87 31.73 2.42
N TRP B 82 -30.24 32.46 3.34
CA TRP B 82 -28.79 32.68 3.33
C TRP B 82 -28.02 31.36 3.23
N LYS B 83 -28.43 30.38 4.03
CA LYS B 83 -27.81 29.05 4.01
C LYS B 83 -28.03 28.34 2.67
N LYS B 84 -29.27 28.32 2.21
CA LYS B 84 -29.61 27.59 0.98
C LYS B 84 -29.09 28.26 -0.29
N ASP B 85 -29.16 29.59 -0.36
CA ASP B 85 -28.77 30.32 -1.57
C ASP B 85 -27.30 30.71 -1.59
N THR B 86 -26.84 31.42 -0.56
CA THR B 86 -25.46 31.91 -0.54
C THR B 86 -24.47 30.79 -0.22
N LEU B 87 -24.56 30.23 0.99
CA LEU B 87 -23.61 29.23 1.47
C LEU B 87 -23.53 28.00 0.57
N ALA B 88 -24.68 27.36 0.33
CA ALA B 88 -24.74 26.14 -0.47
C ALA B 88 -24.23 26.36 -1.90
N GLY B 89 -24.30 27.59 -2.39
CA GLY B 89 -23.74 27.95 -3.69
C GLY B 89 -22.26 27.65 -3.86
N PHE B 90 -21.51 27.63 -2.76
CA PHE B 90 -20.07 27.37 -2.81
C PHE B 90 -19.67 25.93 -2.49
N PHE B 91 -20.66 25.06 -2.25
CA PHE B 91 -20.37 23.64 -2.01
C PHE B 91 -20.08 22.94 -3.33
N THR B 92 -19.12 22.01 -3.29
CA THR B 92 -18.71 21.27 -4.48
C THR B 92 -18.95 19.78 -4.27
N ARG B 93 -18.78 19.01 -5.35
CA ARG B 93 -18.96 17.56 -5.34
C ARG B 93 -20.34 17.14 -4.85
N LEU B 94 -21.33 17.98 -5.18
CA LEU B 94 -22.72 17.77 -4.78
C LEU B 94 -23.30 16.51 -5.44
N ASP B 95 -23.08 16.38 -6.74
CA ASP B 95 -23.59 15.24 -7.49
C ASP B 95 -22.77 13.98 -7.28
N GLU B 96 -21.48 14.11 -6.95
CA GLU B 96 -20.57 12.95 -6.97
C GLU B 96 -20.94 11.89 -5.92
N ARG B 97 -21.21 12.34 -4.71
CA ARG B 97 -21.74 11.49 -3.64
C ARG B 97 -23.22 11.77 -3.43
N GLY B 98 -23.96 10.81 -2.86
CA GLY B 98 -25.33 11.06 -2.43
C GLY B 98 -25.39 11.63 -1.03
N CYS B 99 -24.66 12.72 -0.80
CA CYS B 99 -24.65 13.39 0.50
C CYS B 99 -25.67 14.51 0.47
N HIS B 100 -26.61 14.48 1.42
CA HIS B 100 -27.72 15.42 1.44
C HIS B 100 -27.27 16.76 2.01
N VAL B 101 -27.61 17.83 1.29
CA VAL B 101 -27.20 19.20 1.65
C VAL B 101 -28.03 19.72 2.83
N GLY B 102 -29.34 19.44 2.79
CA GLY B 102 -30.25 19.88 3.85
C GLY B 102 -29.88 19.40 5.24
N ASN B 103 -29.41 18.15 5.33
CA ASN B 103 -28.95 17.57 6.60
C ASN B 103 -27.79 18.35 7.20
N PHE B 104 -26.84 18.74 6.38
CA PHE B 104 -25.73 19.55 6.84
C PHE B 104 -26.17 20.96 7.25
N LEU B 105 -27.00 21.59 6.43
CA LEU B 105 -27.50 22.95 6.73
C LEU B 105 -28.34 22.98 8.00
N ARG B 106 -28.99 21.86 8.33
CA ARG B 106 -29.71 21.73 9.60
C ARG B 106 -28.81 21.92 10.83
N ARG B 107 -27.52 21.64 10.67
CA ARG B 107 -26.55 21.79 11.75
C ARG B 107 -26.03 23.22 11.92
N ILE B 108 -26.37 24.13 11.00
CA ILE B 108 -25.85 25.49 11.03
C ILE B 108 -26.85 26.46 11.64
N SER B 109 -26.39 27.25 12.61
CA SER B 109 -27.16 28.36 13.15
C SER B 109 -26.40 29.67 12.91
N TYR B 110 -27.12 30.79 12.97
CA TYR B 110 -26.51 32.12 12.89
C TYR B 110 -26.93 32.96 14.09
N MET B 111 -26.08 33.93 14.42
CA MET B 111 -26.27 34.77 15.59
C MET B 111 -25.58 36.11 15.37
N THR B 112 -26.21 37.19 15.81
CA THR B 112 -25.68 38.54 15.63
C THR B 112 -25.01 39.03 16.92
N GLY B 113 -23.91 39.75 16.77
CA GLY B 113 -23.20 40.32 17.92
C GLY B 113 -21.95 41.08 17.50
N SER B 114 -21.45 41.91 18.42
CA SER B 114 -20.23 42.68 18.19
C SER B 114 -18.97 41.87 18.51
N TYR B 115 -17.81 42.44 18.20
CA TYR B 115 -16.52 41.78 18.41
C TYR B 115 -15.75 42.35 19.62
N ASP B 116 -16.37 43.26 20.36
CA ASP B 116 -15.70 43.94 21.48
C ASP B 116 -16.48 43.91 22.81
N ARG B 117 -17.81 43.98 22.75
CA ARG B 117 -18.65 44.04 23.96
C ARG B 117 -18.77 42.70 24.70
N ASP B 118 -18.47 42.70 25.99
CA ASP B 118 -18.53 41.50 26.83
C ASP B 118 -19.94 40.91 26.93
N GLU B 119 -20.96 41.76 26.79
CA GLU B 119 -22.36 41.31 26.83
C GLU B 119 -22.65 40.33 25.69
N ASP B 120 -22.02 40.57 24.54
CA ASP B 120 -22.23 39.73 23.36
C ASP B 120 -21.48 38.39 23.44
N PHE B 121 -20.32 38.39 24.09
CA PHE B 121 -19.59 37.15 24.34
C PHE B 121 -20.26 36.30 25.42
N ALA B 122 -20.98 36.95 26.33
CA ALA B 122 -21.83 36.26 27.29
C ALA B 122 -23.02 35.61 26.57
N ARG B 123 -23.63 36.34 25.64
CA ARG B 123 -24.71 35.79 24.81
C ARG B 123 -24.22 34.60 23.99
N LEU B 124 -23.03 34.74 23.41
CA LEU B 124 -22.40 33.66 22.63
C LEU B 124 -22.21 32.41 23.48
N ASN B 125 -21.66 32.59 24.68
CA ASN B 125 -21.47 31.50 25.62
C ASN B 125 -22.77 30.75 25.91
N GLU B 126 -23.85 31.51 26.13
CA GLU B 126 -25.15 30.95 26.48
C GLU B 126 -25.77 30.17 25.33
N ARG B 127 -25.57 30.67 24.11
CA ARG B 127 -26.04 29.99 22.93
C ARG B 127 -25.31 28.66 22.75
N ILE B 128 -24.01 28.67 23.03
CA ILE B 128 -23.21 27.45 23.02
C ILE B 128 -23.70 26.50 24.11
N LEU B 129 -23.93 27.02 25.31
CA LEU B 129 -24.45 26.21 26.42
C LEU B 129 -25.74 25.50 26.05
N ARG B 130 -26.67 26.22 25.42
CA ARG B 130 -27.92 25.64 24.93
C ARG B 130 -27.69 24.44 24.02
N MET B 131 -26.75 24.60 23.10
CA MET B 131 -26.40 23.54 22.16
C MET B 131 -25.73 22.36 22.88
N GLU B 132 -24.87 22.66 23.84
CA GLU B 132 -24.19 21.63 24.61
C GLU B 132 -25.14 20.81 25.49
N GLU B 133 -26.11 21.47 26.11
CA GLU B 133 -27.10 20.78 26.93
C GLU B 133 -27.98 19.84 26.09
N ALA B 134 -28.23 20.22 24.84
CA ALA B 134 -29.06 19.43 23.93
C ALA B 134 -28.35 18.19 23.38
N PHE B 135 -27.02 18.14 23.53
CA PHE B 135 -26.26 16.95 23.20
C PHE B 135 -26.78 15.77 24.00
N GLN B 136 -27.03 14.65 23.32
CA GLN B 136 -27.72 13.51 23.94
C GLN B 136 -26.78 12.40 24.41
N GLY B 137 -25.50 12.47 24.02
CA GLY B 137 -24.51 11.46 24.40
C GLY B 137 -24.23 11.35 25.90
N PRO B 138 -23.33 10.41 26.27
CA PRO B 138 -23.09 10.07 27.67
C PRO B 138 -22.44 11.17 28.50
N GLU B 139 -21.41 11.81 27.96
CA GLU B 139 -20.62 12.78 28.72
C GLU B 139 -21.22 14.18 28.70
N LYS B 140 -20.82 14.98 29.70
CA LYS B 140 -21.36 16.32 29.94
C LYS B 140 -20.39 17.38 29.43
N GLY B 141 -20.89 18.60 29.24
CA GLY B 141 -20.06 19.71 28.76
C GLY B 141 -20.03 19.75 27.24
N GLY B 142 -18.86 20.04 26.69
CA GLY B 142 -18.69 20.11 25.23
C GLY B 142 -17.38 20.74 24.81
N ASN B 143 -16.84 20.29 23.69
CA ASN B 143 -15.62 20.85 23.12
C ASN B 143 -15.96 22.01 22.19
N ARG B 144 -15.17 23.08 22.25
CA ARG B 144 -15.48 24.30 21.50
C ARG B 144 -14.32 24.69 20.58
N LEU B 145 -14.60 24.76 19.28
CA LEU B 145 -13.63 25.24 18.30
C LEU B 145 -14.06 26.60 17.78
N PHE B 146 -13.26 27.62 18.06
CA PHE B 146 -13.54 28.98 17.58
C PHE B 146 -12.71 29.26 16.33
N TYR B 147 -13.38 29.47 15.21
CA TYR B 147 -12.71 29.85 13.97
C TYR B 147 -12.81 31.36 13.79
N LEU B 148 -11.67 32.05 13.83
CA LEU B 148 -11.65 33.50 13.70
C LEU B 148 -11.41 33.90 12.25
N ALA B 149 -12.48 33.96 11.47
CA ALA B 149 -12.43 34.41 10.08
C ALA B 149 -12.70 35.92 10.00
N LEU B 150 -11.83 36.69 10.63
CA LEU B 150 -12.02 38.12 10.85
C LEU B 150 -10.79 38.91 10.41
N PRO B 151 -10.96 40.23 10.19
CA PRO B 151 -9.78 41.08 9.89
C PRO B 151 -8.84 41.23 11.09
N PRO B 152 -7.55 41.54 10.84
CA PRO B 152 -6.58 41.73 11.92
C PRO B 152 -6.91 42.85 12.90
N SER B 153 -7.63 43.88 12.45
CA SER B 153 -8.00 45.01 13.31
C SER B 153 -8.78 44.61 14.57
N VAL B 154 -9.66 43.62 14.46
CA VAL B 154 -10.50 43.19 15.59
C VAL B 154 -9.96 41.97 16.35
N PHE B 155 -8.84 41.42 15.89
CA PHE B 155 -8.33 40.14 16.39
C PHE B 155 -8.18 40.06 17.92
N VAL B 156 -7.41 40.99 18.48
CA VAL B 156 -7.07 40.94 19.91
C VAL B 156 -8.30 41.11 20.79
N GLY B 157 -9.18 42.04 20.41
CA GLY B 157 -10.43 42.27 21.12
C GLY B 157 -11.32 41.04 21.19
N VAL B 158 -11.38 40.28 20.09
CA VAL B 158 -12.15 39.05 20.03
C VAL B 158 -11.54 37.96 20.89
N CYS B 159 -10.21 37.86 20.86
CA CYS B 159 -9.49 36.91 21.70
C CYS B 159 -9.71 37.21 23.19
N ARG B 160 -9.74 38.49 23.56
CA ARG B 160 -9.97 38.89 24.94
C ARG B 160 -11.39 38.56 25.40
N GLY B 161 -12.37 38.83 24.55
CA GLY B 161 -13.77 38.53 24.85
C GLY B 161 -14.04 37.04 25.02
N LEU B 162 -13.47 36.25 24.10
CA LEU B 162 -13.61 34.79 24.16
C LEU B 162 -12.94 34.22 25.41
N SER B 163 -11.72 34.66 25.68
CA SER B 163 -10.96 34.21 26.85
C SER B 163 -11.69 34.54 28.15
N LYS B 164 -12.24 35.75 28.20
CA LYS B 164 -12.89 36.24 29.41
C LYS B 164 -14.24 35.58 29.68
N GLY B 165 -15.04 35.37 28.63
CA GLY B 165 -16.45 35.00 28.83
C GLY B 165 -17.06 33.89 27.98
N ALA B 166 -16.24 33.12 27.28
CA ALA B 166 -16.78 32.02 26.45
C ALA B 166 -15.89 30.77 26.45
N MET B 167 -15.15 30.55 27.54
CA MET B 167 -14.30 29.37 27.67
C MET B 167 -15.05 28.26 28.39
N GLN B 168 -14.89 27.04 27.89
CA GLN B 168 -15.27 25.85 28.62
C GLN B 168 -14.22 25.63 29.69
N LYS B 169 -14.64 25.16 30.85
CA LYS B 169 -13.68 24.75 31.89
C LYS B 169 -13.01 23.45 31.45
N PRO B 170 -11.70 23.28 31.74
CA PRO B 170 -10.94 22.14 31.22
C PRO B 170 -11.58 20.77 31.50
N GLU B 171 -12.31 20.65 32.61
CA GLU B 171 -12.91 19.37 33.00
C GLU B 171 -14.04 18.97 32.06
N LEU B 172 -14.72 19.97 31.48
CA LEU B 172 -15.88 19.74 30.63
C LEU B 172 -15.59 19.77 29.13
N GLY B 173 -14.34 19.98 28.73
CA GLY B 173 -13.97 19.98 27.32
C GLY B 173 -12.84 20.94 27.00
N TRP B 174 -12.29 20.84 25.80
CA TRP B 174 -11.21 21.73 25.37
C TRP B 174 -11.72 22.94 24.59
N VAL B 175 -10.87 23.95 24.48
CA VAL B 175 -11.11 25.09 23.62
C VAL B 175 -9.93 25.24 22.67
N ARG B 176 -10.23 25.37 21.37
CA ARG B 176 -9.19 25.57 20.36
C ARG B 176 -9.54 26.78 19.48
N LEU B 177 -8.51 27.56 19.15
CA LEU B 177 -8.65 28.77 18.36
C LEU B 177 -7.96 28.58 17.02
N ILE B 178 -8.73 28.65 15.93
CA ILE B 178 -8.14 28.72 14.61
C ILE B 178 -8.06 30.19 14.20
N VAL B 179 -6.85 30.65 13.89
CA VAL B 179 -6.58 32.06 13.59
C VAL B 179 -5.88 32.20 12.23
N GLU B 180 -6.17 33.29 11.54
CA GLU B 180 -5.70 33.50 10.17
C GLU B 180 -4.67 34.62 10.07
N LYS B 181 -3.86 34.59 9.02
CA LYS B 181 -2.88 35.64 8.75
C LYS B 181 -3.63 36.88 8.23
N PRO B 182 -3.02 38.07 8.24
CA PRO B 182 -1.62 38.31 8.63
C PRO B 182 -1.38 38.23 10.13
N PHE B 183 -0.19 37.77 10.51
CA PHE B 183 0.26 37.80 11.90
C PHE B 183 1.33 38.88 12.03
N GLY B 184 0.89 40.12 12.12
CA GLY B 184 1.79 41.28 12.05
C GLY B 184 2.27 41.52 10.64
N ARG B 185 3.21 42.46 10.51
CA ARG B 185 3.83 42.79 9.22
C ARG B 185 5.38 42.79 9.27
N ASP B 186 5.94 42.49 10.43
CA ASP B 186 7.39 42.30 10.59
C ASP B 186 7.67 41.60 11.91
N THR B 187 8.94 41.43 12.28
CA THR B 187 9.31 40.75 13.52
C THR B 187 8.70 41.42 14.76
N GLU B 188 8.80 42.75 14.83
CA GLU B 188 8.32 43.50 16.00
C GLU B 188 6.82 43.47 16.18
N THR B 189 6.09 43.80 15.12
CA THR B 189 4.62 43.83 15.19
C THR B 189 4.03 42.45 15.50
N SER B 190 4.65 41.41 14.94
CA SER B 190 4.21 40.04 15.16
C SER B 190 4.48 39.59 16.60
N GLU B 191 5.60 40.02 17.16
CA GLU B 191 5.97 39.69 18.53
C GLU B 191 5.02 40.34 19.56
N GLN B 192 4.68 41.60 19.34
CA GLN B 192 3.68 42.29 20.16
C GLN B 192 2.36 41.52 20.18
N LEU B 193 1.91 41.15 18.99
CA LEU B 193 0.66 40.39 18.82
C LEU B 193 0.66 39.08 19.60
N SER B 194 1.77 38.34 19.52
CA SER B 194 1.92 37.10 20.27
C SER B 194 1.91 37.32 21.78
N ASN B 195 2.54 38.41 22.23
CA ASN B 195 2.55 38.76 23.65
C ASN B 195 1.17 39.13 24.20
N GLN B 196 0.28 39.63 23.35
CA GLN B 196 -1.09 39.94 23.77
C GLN B 196 -1.92 38.68 23.90
N LEU B 197 -1.55 37.65 23.14
CA LEU B 197 -2.26 36.38 23.16
C LEU B 197 -1.80 35.49 24.32
N LYS B 198 -0.55 35.68 24.75
CA LYS B 198 0.08 34.85 25.80
C LYS B 198 -0.79 34.64 27.06
N PRO B 199 -1.29 35.73 27.68
CA PRO B 199 -2.12 35.54 28.89
C PRO B 199 -3.57 35.06 28.63
N LEU B 200 -4.02 35.11 27.38
CA LEU B 200 -5.40 34.74 27.04
C LEU B 200 -5.57 33.25 26.75
N PHE B 201 -4.59 32.67 26.06
CA PHE B 201 -4.64 31.25 25.65
C PHE B 201 -3.28 30.58 25.78
N ASN B 202 -3.29 29.28 26.04
CA ASN B 202 -2.08 28.46 25.95
C ASN B 202 -1.73 28.25 24.50
N GLU B 203 -0.44 28.01 24.24
CA GLU B 203 0.02 27.74 22.87
C GLU B 203 -0.61 26.46 22.31
N ARG B 204 -0.89 25.50 23.19
CA ARG B 204 -1.61 24.28 22.82
C ARG B 204 -2.99 24.55 22.22
N GLN B 205 -3.66 25.62 22.69
CA GLN B 205 -5.01 25.96 22.25
C GLN B 205 -5.04 26.75 20.94
N VAL B 206 -3.92 27.37 20.56
CA VAL B 206 -3.88 28.21 19.36
C VAL B 206 -3.42 27.41 18.14
N PHE B 207 -4.20 27.52 17.07
CA PHE B 207 -3.93 26.83 15.81
C PHE B 207 -3.82 27.87 14.69
N ARG B 208 -2.61 28.36 14.47
CA ARG B 208 -2.37 29.36 13.43
C ARG B 208 -2.35 28.72 12.04
N ILE B 209 -3.26 29.16 11.17
CA ILE B 209 -3.39 28.60 9.84
C ILE B 209 -2.31 29.12 8.91
N ASP B 210 -1.66 28.20 8.22
CA ASP B 210 -1.01 28.49 6.94
C ASP B 210 -1.57 27.44 5.99
N HIS B 211 -2.50 27.84 5.14
CA HIS B 211 -3.34 26.86 4.46
C HIS B 211 -2.60 26.02 3.42
N TYR B 212 -1.40 26.44 3.04
CA TYR B 212 -0.57 25.61 2.16
C TYR B 212 -0.18 24.27 2.79
N LEU B 213 -0.13 24.23 4.13
CA LEU B 213 0.15 22.98 4.85
C LEU B 213 -1.00 21.95 4.79
N GLY B 214 -2.12 22.33 4.20
CA GLY B 214 -3.22 21.38 3.97
C GLY B 214 -3.28 20.82 2.55
N LYS B 215 -2.36 21.27 1.69
CA LYS B 215 -2.33 20.83 0.29
C LYS B 215 -1.64 19.49 0.18
N GLU B 216 -2.22 18.59 -0.62
CA GLU B 216 -1.76 17.21 -0.73
C GLU B 216 -0.25 17.07 -0.87
N MET B 217 0.32 17.76 -1.84
CA MET B 217 1.73 17.59 -2.17
C MET B 217 2.67 18.24 -1.16
N VAL B 218 2.18 19.22 -0.42
CA VAL B 218 2.95 19.83 0.67
C VAL B 218 2.96 18.88 1.87
N GLN B 219 1.81 18.27 2.16
CA GLN B 219 1.71 17.24 3.21
C GLN B 219 2.59 16.02 2.95
N ASN B 220 2.86 15.74 1.67
CA ASN B 220 3.65 14.59 1.29
C ASN B 220 5.17 14.81 1.34
N ILE B 221 5.60 16.06 1.56
CA ILE B 221 7.03 16.37 1.57
C ILE B 221 7.78 15.56 2.61
N ILE B 222 7.26 15.58 3.84
CA ILE B 222 7.88 14.87 4.96
C ILE B 222 7.99 13.36 4.70
N VAL B 223 6.96 12.77 4.09
CA VAL B 223 6.95 11.34 3.78
C VAL B 223 7.95 11.03 2.67
N THR B 224 7.96 11.87 1.64
CA THR B 224 8.86 11.73 0.51
C THR B 224 10.32 11.71 0.97
N ARG B 225 10.65 12.62 1.88
CA ARG B 225 12.03 12.81 2.32
C ARG B 225 12.52 11.73 3.28
N PHE B 226 11.69 11.35 4.25
CA PHE B 226 12.15 10.55 5.38
C PHE B 226 11.60 9.12 5.45
N ALA B 227 10.76 8.72 4.51
CA ALA B 227 10.28 7.33 4.43
C ALA B 227 11.02 6.54 3.36
N ASN B 228 11.86 7.22 2.59
CA ASN B 228 12.47 6.66 1.40
C ASN B 228 13.98 6.81 1.43
N ARG B 229 14.70 5.69 1.39
CA ARG B 229 16.15 5.72 1.37
C ARG B 229 16.67 6.49 0.15
N VAL B 230 16.00 6.29 -0.98
CA VAL B 230 16.39 6.93 -2.24
C VAL B 230 16.57 8.44 -2.10
N PHE B 231 15.63 9.11 -1.44
CA PHE B 231 15.71 10.56 -1.27
C PHE B 231 16.45 10.99 -0.01
N SER B 232 16.44 10.14 1.01
CA SER B 232 17.20 10.40 2.22
C SER B 232 18.69 10.57 1.90
N ALA B 233 19.23 9.63 1.11
CA ALA B 233 20.64 9.60 0.75
C ALA B 233 21.07 10.78 -0.14
N LEU B 234 20.13 11.31 -0.92
CA LEU B 234 20.42 12.39 -1.87
C LEU B 234 20.20 13.79 -1.32
N TRP B 235 19.64 13.91 -0.12
CA TRP B 235 19.07 15.20 0.30
C TRP B 235 20.06 16.13 1.02
N ASN B 236 21.15 16.45 0.36
CA ASN B 236 22.18 17.32 0.94
C ASN B 236 23.04 17.94 -0.16
N SER B 237 23.99 18.77 0.24
CA SER B 237 24.79 19.54 -0.71
C SER B 237 25.73 18.71 -1.58
N ASN B 238 25.95 17.45 -1.24
CA ASN B 238 26.76 16.55 -2.06
C ASN B 238 26.11 16.22 -3.39
N SER B 239 24.79 16.09 -3.39
CA SER B 239 24.02 15.72 -4.59
C SER B 239 23.15 16.87 -5.14
N ILE B 240 22.73 17.80 -4.28
CA ILE B 240 21.84 18.88 -4.70
C ILE B 240 22.63 20.13 -5.08
N ALA B 241 22.34 20.64 -6.27
CA ALA B 241 23.00 21.85 -6.80
C ALA B 241 22.19 23.10 -6.51
N CYS B 242 20.86 22.99 -6.56
CA CYS B 242 19.98 24.15 -6.41
C CYS B 242 18.54 23.72 -6.10
N VAL B 243 17.87 24.49 -5.25
CA VAL B 243 16.46 24.25 -4.92
C VAL B 243 15.64 25.49 -5.25
N GLN B 244 14.58 25.31 -6.05
CA GLN B 244 13.71 26.42 -6.46
C GLN B 244 12.29 26.17 -5.97
N ILE B 245 11.71 27.19 -5.33
CA ILE B 245 10.31 27.14 -4.89
C ILE B 245 9.57 28.27 -5.60
N THR B 246 8.52 27.92 -6.34
CA THR B 246 7.87 28.84 -7.26
C THR B 246 6.37 28.99 -7.02
N PHE B 247 5.91 30.24 -6.99
CA PHE B 247 4.50 30.58 -6.87
C PHE B 247 4.15 31.52 -8.01
N LYS B 248 3.15 31.16 -8.81
CA LYS B 248 2.65 32.03 -9.87
C LYS B 248 1.13 32.07 -9.85
N GLU B 249 0.58 33.23 -10.20
CA GLU B 249 -0.86 33.39 -10.37
C GLU B 249 -1.11 34.25 -11.59
N LYS B 250 -2.22 33.97 -12.28
CA LYS B 250 -2.66 34.81 -13.39
C LYS B 250 -3.40 36.03 -12.86
N ILE B 251 -4.15 35.85 -11.77
CA ILE B 251 -4.92 36.94 -11.17
C ILE B 251 -4.01 38.08 -10.71
N GLY B 252 -4.57 39.28 -10.70
CA GLY B 252 -3.88 40.47 -10.20
C GLY B 252 -4.36 40.79 -8.80
N THR B 253 -4.21 42.05 -8.42
CA THR B 253 -4.60 42.53 -7.09
C THR B 253 -5.66 43.63 -7.21
N ALA B 254 -6.40 43.64 -8.32
CA ALA B 254 -7.44 44.65 -8.54
C ALA B 254 -8.70 44.31 -7.74
N GLY B 255 -9.46 45.34 -7.38
CA GLY B 255 -10.73 45.15 -6.67
C GLY B 255 -10.60 44.77 -5.21
N ARG B 256 -9.38 44.72 -4.68
CA ARG B 256 -9.15 44.35 -3.28
C ARG B 256 -9.38 45.55 -2.36
N GLY B 257 -9.44 46.75 -2.93
CA GLY B 257 -9.58 47.98 -2.17
C GLY B 257 -8.24 48.49 -1.67
N GLY B 258 -7.16 48.10 -2.35
CA GLY B 258 -5.80 48.49 -1.99
C GLY B 258 -5.27 47.80 -0.74
N TYR B 259 -5.88 46.68 -0.37
CA TYR B 259 -5.47 45.93 0.82
C TYR B 259 -4.05 45.36 0.65
N PHE B 260 -3.71 45.01 -0.59
CA PHE B 260 -2.43 44.41 -0.92
C PHE B 260 -1.26 45.41 -0.82
N ASP B 261 -1.53 46.69 -1.06
CA ASP B 261 -0.47 47.70 -1.16
C ASP B 261 0.42 47.81 0.09
N SER B 262 -0.20 47.69 1.26
CA SER B 262 0.55 47.75 2.52
C SER B 262 1.20 46.43 2.88
N ILE B 263 0.88 45.37 2.13
CA ILE B 263 1.36 44.02 2.44
C ILE B 263 2.51 43.61 1.49
N GLY B 264 2.22 43.54 0.20
CA GLY B 264 3.22 43.13 -0.79
C GLY B 264 3.36 41.62 -0.90
N ILE B 265 4.03 41.17 -1.96
CA ILE B 265 4.12 39.73 -2.27
C ILE B 265 4.95 38.95 -1.24
N ILE B 266 5.93 39.61 -0.61
CA ILE B 266 6.79 38.93 0.35
C ILE B 266 6.00 38.59 1.61
N ARG B 267 5.28 39.57 2.14
CA ARG B 267 4.42 39.34 3.31
C ARG B 267 3.23 38.42 2.99
N ASP B 268 2.73 38.50 1.75
CA ASP B 268 1.51 37.79 1.37
C ASP B 268 1.68 36.29 1.22
N VAL B 269 2.77 35.87 0.54
CA VAL B 269 2.99 34.43 0.27
C VAL B 269 4.38 33.89 0.59
N ILE B 270 5.42 34.71 0.51
CA ILE B 270 6.79 34.22 0.71
C ILE B 270 7.08 33.98 2.19
N GLN B 271 6.78 34.96 3.03
CA GLN B 271 7.03 34.89 4.48
C GLN B 271 6.31 33.72 5.16
N ASN B 272 5.19 33.28 4.58
CA ASN B 272 4.39 32.22 5.17
C ASN B 272 4.38 30.96 4.32
N HIS B 273 3.67 30.98 3.19
CA HIS B 273 3.44 29.76 2.41
C HIS B 273 4.75 29.10 1.96
N LEU B 274 5.60 29.89 1.31
CA LEU B 274 6.82 29.34 0.71
C LEU B 274 7.92 29.09 1.74
N THR B 275 7.92 29.85 2.83
CA THR B 275 8.84 29.59 3.94
C THR B 275 8.45 28.32 4.68
N GLN B 276 7.15 28.03 4.78
CA GLN B 276 6.68 26.76 5.33
C GLN B 276 7.21 25.59 4.49
N ILE B 277 7.03 25.70 3.18
CA ILE B 277 7.56 24.70 2.25
C ILE B 277 9.07 24.60 2.39
N LEU B 278 9.75 25.75 2.47
CA LEU B 278 11.20 25.79 2.66
C LEU B 278 11.62 24.97 3.88
N SER B 279 10.91 25.18 4.99
CA SER B 279 11.25 24.52 6.26
C SER B 279 11.08 23.01 6.16
N LEU B 280 10.03 22.56 5.49
CA LEU B 280 9.80 21.13 5.30
C LEU B 280 10.87 20.49 4.41
N LEU B 281 11.34 21.23 3.41
CA LEU B 281 12.36 20.73 2.48
C LEU B 281 13.77 20.69 3.08
N THR B 282 14.01 21.48 4.13
CA THR B 282 15.37 21.66 4.67
C THR B 282 15.60 21.11 6.08
N MET B 283 14.53 20.94 6.86
CA MET B 283 14.65 20.44 8.23
C MET B 283 15.39 19.12 8.29
N GLU B 284 15.97 18.84 9.46
CA GLU B 284 16.55 17.52 9.73
C GLU B 284 15.44 16.51 9.98
N LYS B 285 15.81 15.22 9.93
CA LYS B 285 14.88 14.16 10.27
C LYS B 285 14.44 14.34 11.73
N PRO B 286 13.12 14.38 11.98
CA PRO B 286 12.64 14.59 13.33
C PRO B 286 12.78 13.37 14.20
N ARG B 287 12.78 13.60 15.52
CA ARG B 287 12.99 12.55 16.51
C ARG B 287 11.86 11.54 16.51
N SER B 288 10.67 11.99 16.14
CA SER B 288 9.50 11.12 15.96
C SER B 288 8.53 11.85 15.04
N LEU B 289 7.35 11.26 14.83
CA LEU B 289 6.32 11.91 14.02
C LEU B 289 5.29 12.67 14.86
N SER B 290 5.55 12.82 16.16
CA SER B 290 4.69 13.64 17.01
C SER B 290 4.83 15.11 16.61
N ALA B 291 3.77 15.88 16.83
CA ALA B 291 3.68 17.24 16.32
C ALA B 291 4.85 18.14 16.73
N GLU B 292 5.21 18.09 18.01
CA GLU B 292 6.24 18.97 18.53
C GLU B 292 7.65 18.57 18.08
N ASP B 293 7.87 17.28 17.87
CA ASP B 293 9.15 16.83 17.31
C ASP B 293 9.33 17.36 15.88
N ILE B 294 8.25 17.40 15.11
CA ILE B 294 8.29 17.91 13.74
C ILE B 294 8.46 19.44 13.73
N ARG B 295 7.66 20.13 14.53
CA ARG B 295 7.73 21.58 14.61
C ARG B 295 9.06 22.09 15.16
N ASP B 296 9.65 21.36 16.11
CA ASP B 296 10.98 21.67 16.61
C ASP B 296 11.99 21.74 15.47
N GLU B 297 11.96 20.74 14.57
CA GLU B 297 12.90 20.71 13.46
C GLU B 297 12.69 21.84 12.47
N LYS B 298 11.43 22.22 12.26
CA LYS B 298 11.10 23.33 11.37
C LYS B 298 11.64 24.64 11.92
N VAL B 299 11.49 24.85 13.24
CA VAL B 299 12.01 26.05 13.88
C VAL B 299 13.54 26.04 13.82
N GLN B 300 14.14 24.89 14.11
CA GLN B 300 15.59 24.74 14.15
C GLN B 300 16.25 25.19 12.85
N VAL B 301 15.73 24.72 11.72
CA VAL B 301 16.30 25.04 10.42
C VAL B 301 16.03 26.49 10.00
N LEU B 302 14.84 27.01 10.32
CA LEU B 302 14.53 28.39 9.98
C LEU B 302 15.43 29.39 10.69
N ARG B 303 15.85 29.06 11.91
CA ARG B 303 16.80 29.90 12.66
C ARG B 303 18.22 29.88 12.06
N GLN B 304 18.48 28.92 11.17
CA GLN B 304 19.76 28.82 10.47
C GLN B 304 19.75 29.44 9.07
N VAL B 305 18.60 29.95 8.64
CA VAL B 305 18.50 30.62 7.34
C VAL B 305 19.09 32.02 7.47
N VAL B 306 19.96 32.39 6.53
CA VAL B 306 20.55 33.72 6.51
C VAL B 306 19.49 34.71 6.03
N PRO B 307 19.28 35.82 6.77
CA PRO B 307 18.25 36.77 6.34
C PRO B 307 18.44 37.28 4.92
N ALA B 308 17.35 37.40 4.18
CA ALA B 308 17.39 37.92 2.82
C ALA B 308 17.93 39.34 2.82
N ASN B 309 18.56 39.74 1.72
CA ASN B 309 19.03 41.11 1.58
C ASN B 309 18.85 41.66 0.17
N PRO B 310 18.76 43.00 0.04
CA PRO B 310 18.47 43.66 -1.24
C PRO B 310 19.32 43.20 -2.42
N ALA B 311 20.60 42.92 -2.19
CA ALA B 311 21.50 42.51 -3.25
C ALA B 311 21.11 41.17 -3.86
N GLU B 312 20.54 40.29 -3.05
CA GLU B 312 20.15 38.95 -3.52
C GLU B 312 18.64 38.83 -3.73
N CYS B 313 18.05 39.83 -4.38
CA CYS B 313 16.66 39.76 -4.77
C CYS B 313 16.34 40.63 -5.99
N VAL B 314 15.27 40.26 -6.71
CA VAL B 314 14.73 41.08 -7.79
C VAL B 314 13.23 41.26 -7.54
N LEU B 315 12.81 42.51 -7.46
CA LEU B 315 11.42 42.86 -7.18
C LEU B 315 10.73 43.32 -8.46
N GLY B 316 9.41 43.12 -8.49
CA GLY B 316 8.60 43.54 -9.63
C GLY B 316 7.22 44.03 -9.23
N GLN B 317 6.67 44.90 -10.07
CA GLN B 317 5.32 45.45 -9.90
C GLN B 317 4.65 45.47 -11.27
N TYR B 318 3.52 44.78 -11.42
CA TYR B 318 2.95 44.57 -12.74
C TYR B 318 2.30 45.83 -13.33
N THR B 319 2.48 45.98 -14.65
CA THR B 319 1.86 47.05 -15.42
C THR B 319 0.77 46.44 -16.29
N ALA B 320 0.06 47.29 -17.04
CA ALA B 320 -1.01 46.85 -17.92
C ALA B 320 -0.55 45.78 -18.92
N SER B 321 -1.44 44.81 -19.18
CA SER B 321 -1.16 43.72 -20.11
C SER B 321 -1.09 44.22 -21.55
N ALA B 322 -0.39 43.48 -22.40
CA ALA B 322 -0.23 43.84 -23.81
C ALA B 322 -1.57 43.87 -24.55
N ASP B 323 -2.41 42.85 -24.31
CA ASP B 323 -3.73 42.78 -24.96
C ASP B 323 -4.73 43.82 -24.45
N GLY B 324 -4.43 44.46 -23.32
CA GLY B 324 -5.24 45.58 -22.84
C GLY B 324 -6.32 45.22 -21.83
N SER B 325 -6.63 43.93 -21.69
CA SER B 325 -7.70 43.49 -20.79
C SER B 325 -7.41 43.83 -19.33
N THR B 326 -6.20 43.48 -18.87
CA THR B 326 -5.82 43.71 -17.48
C THR B 326 -5.11 45.07 -17.33
N PRO B 327 -5.65 45.94 -16.44
CA PRO B 327 -4.96 47.19 -16.16
C PRO B 327 -3.79 46.98 -15.20
N GLY B 328 -2.88 47.97 -15.14
CA GLY B 328 -1.70 47.87 -14.29
C GLY B 328 -2.01 47.97 -12.81
N TYR B 329 -1.01 47.65 -11.99
CA TYR B 329 -1.14 47.73 -10.54
C TYR B 329 -1.42 49.17 -10.10
N LEU B 330 -0.72 50.13 -10.71
CA LEU B 330 -0.87 51.54 -10.35
C LEU B 330 -2.15 52.18 -10.90
N ASP B 331 -2.90 51.48 -11.76
CA ASP B 331 -4.19 51.97 -12.24
C ASP B 331 -5.34 51.64 -11.28
N ASP B 332 -5.10 50.73 -10.33
CA ASP B 332 -6.09 50.43 -9.30
C ASP B 332 -6.31 51.69 -8.46
N PRO B 333 -7.55 52.22 -8.44
CA PRO B 333 -7.79 53.50 -7.74
C PRO B 333 -7.48 53.51 -6.23
N SER B 334 -7.25 52.34 -5.63
CA SER B 334 -6.97 52.25 -4.19
C SER B 334 -5.48 52.25 -3.81
N VAL B 335 -4.58 52.33 -4.80
CA VAL B 335 -3.14 52.34 -4.49
C VAL B 335 -2.54 53.73 -4.74
N PRO B 336 -1.71 54.24 -3.80
CA PRO B 336 -1.03 55.52 -4.02
C PRO B 336 -0.16 55.48 -5.27
N LYS B 337 0.14 56.65 -5.82
CA LYS B 337 0.71 56.74 -7.15
C LYS B 337 2.19 56.36 -7.23
N GLY B 338 2.92 56.57 -6.12
CA GLY B 338 4.34 56.25 -6.07
C GLY B 338 4.65 55.02 -5.22
N SER B 339 3.79 54.01 -5.32
CA SER B 339 3.90 52.81 -4.50
C SER B 339 5.11 51.96 -4.91
N HIS B 340 5.86 51.49 -3.91
CA HIS B 340 6.95 50.54 -4.13
C HIS B 340 6.45 49.11 -4.00
N CYS B 341 5.15 48.93 -3.76
CA CYS B 341 4.64 47.61 -3.42
C CYS B 341 4.96 46.59 -4.50
N PRO B 342 5.71 45.54 -4.14
CA PRO B 342 6.04 44.52 -5.11
C PRO B 342 4.93 43.49 -5.27
N THR B 343 4.57 43.21 -6.52
CA THR B 343 3.66 42.11 -6.86
C THR B 343 4.45 40.87 -7.28
N PHE B 344 5.78 41.03 -7.44
CA PHE B 344 6.66 39.95 -7.87
C PHE B 344 7.99 40.04 -7.10
N ALA B 345 8.57 38.89 -6.76
CA ALA B 345 9.86 38.85 -6.07
C ALA B 345 10.59 37.52 -6.27
N VAL B 346 11.87 37.59 -6.64
CA VAL B 346 12.75 36.43 -6.60
C VAL B 346 13.79 36.69 -5.52
N LEU B 347 13.96 35.74 -4.61
CA LEU B 347 14.94 35.81 -3.53
C LEU B 347 15.94 34.67 -3.68
N ARG B 348 17.21 34.93 -3.35
CA ARG B 348 18.19 33.87 -3.14
C ARG B 348 18.52 33.80 -1.66
N LEU B 349 18.21 32.67 -1.04
CA LEU B 349 18.51 32.45 0.37
C LEU B 349 19.59 31.40 0.53
N HIS B 350 20.31 31.48 1.65
CA HIS B 350 21.30 30.49 2.03
C HIS B 350 20.92 29.92 3.38
N VAL B 351 20.96 28.59 3.50
CA VAL B 351 20.79 27.92 4.79
C VAL B 351 22.18 27.54 5.29
N ASN B 352 22.60 28.16 6.39
CA ASN B 352 23.94 27.95 6.90
C ASN B 352 24.04 26.79 7.89
N ASN B 353 24.13 25.59 7.33
CA ASN B 353 24.48 24.40 8.09
C ASN B 353 25.16 23.38 7.17
N ASP B 354 25.53 22.24 7.73
CA ASP B 354 26.37 21.29 7.01
C ASP B 354 25.63 20.51 5.93
N ARG B 355 24.32 20.35 6.08
CA ARG B 355 23.51 19.72 5.04
C ARG B 355 23.40 20.61 3.80
N TRP B 356 23.34 21.92 4.01
CA TRP B 356 22.93 22.86 2.96
C TRP B 356 23.96 23.90 2.53
N HIS B 357 25.15 23.85 3.11
CA HIS B 357 26.16 24.86 2.79
C HIS B 357 26.45 24.88 1.29
N GLY B 358 26.38 26.08 0.71
CA GLY B 358 26.69 26.28 -0.70
C GLY B 358 25.55 25.99 -1.67
N VAL B 359 24.39 25.57 -1.15
CA VAL B 359 23.25 25.25 -2.00
C VAL B 359 22.31 26.45 -2.02
N PRO B 360 22.22 27.13 -3.17
CA PRO B 360 21.32 28.27 -3.27
C PRO B 360 19.85 27.87 -3.27
N PHE B 361 19.05 28.60 -2.48
CA PHE B 361 17.60 28.40 -2.46
C PHE B 361 16.93 29.58 -3.14
N ILE B 362 16.28 29.31 -4.27
CA ILE B 362 15.57 30.33 -5.03
C ILE B 362 14.09 30.31 -4.66
N ILE B 363 13.62 31.38 -4.03
CA ILE B 363 12.20 31.52 -3.74
C ILE B 363 11.64 32.55 -4.70
N ARG B 364 10.63 32.19 -5.48
CA ARG B 364 9.98 33.17 -6.34
C ARG B 364 8.46 33.11 -6.25
N ALA B 365 7.84 34.28 -6.32
CA ALA B 365 6.41 34.44 -6.15
C ALA B 365 5.95 35.67 -6.89
N GLY B 366 4.92 35.53 -7.71
CA GLY B 366 4.38 36.66 -8.46
C GLY B 366 2.92 36.51 -8.81
N LYS B 367 2.22 37.63 -8.87
CA LYS B 367 0.86 37.71 -9.39
C LYS B 367 0.91 38.36 -10.77
N ALA B 368 -0.17 38.24 -11.53
CA ALA B 368 -0.25 38.74 -12.89
C ALA B 368 0.83 38.16 -13.80
N LEU B 369 1.01 36.84 -13.73
CA LEU B 369 1.99 36.13 -14.55
C LEU B 369 1.31 35.26 -15.62
N GLU B 370 2.10 34.53 -16.41
CA GLU B 370 1.56 33.72 -17.52
C GLU B 370 0.73 32.49 -17.11
N GLU B 371 0.91 32.00 -15.89
CA GLU B 371 0.20 30.80 -15.46
C GLU B 371 -0.03 30.77 -13.95
N ARG B 372 -0.92 29.87 -13.53
CA ARG B 372 -1.07 29.54 -12.13
C ARG B 372 -0.19 28.32 -11.86
N LEU B 373 0.71 28.44 -10.89
CA LEU B 373 1.63 27.35 -10.56
C LEU B 373 2.13 27.43 -9.13
N LEU B 374 2.22 26.26 -8.51
CA LEU B 374 2.99 26.08 -7.28
C LEU B 374 3.79 24.81 -7.44
N ASP B 375 5.11 24.95 -7.59
CA ASP B 375 5.97 23.77 -7.68
C ASP B 375 7.29 23.92 -6.94
N ILE B 376 7.87 22.77 -6.63
CA ILE B 376 9.14 22.66 -5.95
C ILE B 376 10.06 21.91 -6.90
N ARG B 377 11.25 22.46 -7.13
CA ARG B 377 12.23 21.83 -8.01
C ARG B 377 13.56 21.61 -7.28
N ILE B 378 13.89 20.34 -7.04
CA ILE B 378 15.18 19.96 -6.47
C ILE B 378 16.11 19.59 -7.62
N GLN B 379 16.95 20.53 -8.03
CA GLN B 379 17.86 20.32 -9.15
C GLN B 379 19.20 19.77 -8.67
N PHE B 380 19.50 18.53 -9.07
CA PHE B 380 20.74 17.87 -8.68
C PHE B 380 21.92 18.30 -9.53
N LYS B 381 23.12 17.95 -9.07
CA LYS B 381 24.35 18.28 -9.76
C LYS B 381 24.49 17.49 -11.05
N ASP B 382 25.31 18.01 -11.95
CA ASP B 382 25.63 17.32 -13.19
C ASP B 382 26.47 16.08 -12.91
N GLU B 383 26.15 14.99 -13.60
CA GLU B 383 27.07 13.88 -13.71
C GLU B 383 27.96 14.22 -14.91
N ILE B 384 29.20 14.65 -14.63
CA ILE B 384 30.09 15.22 -15.63
C ILE B 384 30.56 14.18 -16.64
N ARG B 385 30.91 12.99 -16.16
CA ARG B 385 31.42 11.93 -17.03
C ARG B 385 30.58 10.66 -16.89
N PRO B 386 30.45 9.89 -17.97
CA PRO B 386 31.14 10.11 -19.25
C PRO B 386 30.31 10.81 -20.34
N PHE B 387 29.15 11.39 -19.99
CA PHE B 387 28.24 11.93 -21.00
C PHE B 387 28.41 13.44 -21.26
N GLY B 388 29.02 14.17 -20.34
CA GLY B 388 29.29 15.60 -20.54
C GLY B 388 28.04 16.39 -20.93
N GLU B 389 28.07 16.99 -22.10
CA GLU B 389 26.96 17.83 -22.58
C GLU B 389 25.82 17.02 -23.21
N SER B 390 25.97 15.69 -23.25
CA SER B 390 24.90 14.80 -23.72
C SER B 390 24.00 14.32 -22.59
N THR B 391 24.18 14.89 -21.39
CA THR B 391 23.20 14.73 -20.32
C THR B 391 22.98 16.12 -19.71
N GLN B 392 22.04 16.19 -18.79
CA GLN B 392 21.75 17.43 -18.07
C GLN B 392 21.33 17.10 -16.66
N ARG B 393 21.20 18.13 -15.84
CA ARG B 393 20.93 17.93 -14.42
C ARG B 393 19.63 17.19 -14.20
N ASN B 394 19.67 16.17 -13.35
CA ASN B 394 18.45 15.55 -12.86
C ASN B 394 17.67 16.56 -12.02
N GLU B 395 16.37 16.37 -11.92
CA GLU B 395 15.52 17.29 -11.18
C GLU B 395 14.32 16.55 -10.64
N LEU B 396 14.10 16.64 -9.33
CA LEU B 396 12.87 16.18 -8.73
C LEU B 396 11.89 17.36 -8.73
N VAL B 397 10.72 17.14 -9.31
CA VAL B 397 9.70 18.18 -9.39
C VAL B 397 8.47 17.75 -8.62
N ILE B 398 8.10 18.53 -7.60
CA ILE B 398 6.84 18.34 -6.90
C ILE B 398 5.93 19.51 -7.27
N ARG B 399 4.84 19.22 -7.98
CA ARG B 399 3.87 20.24 -8.37
C ARG B 399 2.61 20.10 -7.52
N ALA B 400 2.34 21.08 -6.67
CA ALA B 400 1.19 21.04 -5.78
C ALA B 400 -0.09 21.47 -6.49
N GLN B 401 0.04 22.39 -7.45
CA GLN B 401 -1.09 22.80 -8.28
C GLN B 401 -0.60 23.55 -9.54
N PRO B 402 -1.33 23.47 -10.65
CA PRO B 402 -2.50 22.63 -10.79
C PRO B 402 -2.09 21.21 -11.13
N SER B 403 -3.08 20.31 -11.22
CA SER B 403 -2.84 18.93 -11.63
C SER B 403 -1.68 18.33 -10.84
N GLU B 404 -1.88 18.18 -9.55
CA GLU B 404 -0.82 17.79 -8.62
C GLU B 404 -0.11 16.52 -9.04
N ALA B 405 1.22 16.56 -8.97
CA ALA B 405 2.08 15.49 -9.45
C ALA B 405 3.48 15.57 -8.84
N MET B 406 4.15 14.42 -8.83
CA MET B 406 5.57 14.35 -8.51
C MET B 406 6.26 13.60 -9.66
N TYR B 407 7.33 14.18 -10.19
CA TYR B 407 8.11 13.49 -11.22
C TYR B 407 9.61 13.78 -11.14
N LEU B 408 10.39 12.81 -11.61
CA LEU B 408 11.85 12.86 -11.58
C LEU B 408 12.39 12.94 -13.00
N LYS B 409 12.96 14.09 -13.35
CA LYS B 409 13.53 14.29 -14.68
C LYS B 409 14.92 13.70 -14.72
N LEU B 410 15.17 12.85 -15.72
CA LEU B 410 16.47 12.23 -15.90
C LEU B 410 16.78 12.01 -17.37
N THR B 411 18.01 11.59 -17.65
CA THR B 411 18.46 11.31 -19.00
C THR B 411 18.34 9.81 -19.31
N ALA B 412 17.90 9.51 -20.52
CA ALA B 412 17.78 8.12 -20.97
C ALA B 412 18.17 8.02 -22.44
N LYS B 413 18.39 6.80 -22.90
CA LYS B 413 18.64 6.54 -24.31
C LYS B 413 17.38 6.87 -25.12
N THR B 414 17.54 7.54 -26.26
CA THR B 414 16.42 7.80 -27.15
C THR B 414 15.85 6.48 -27.66
N PRO B 415 14.55 6.23 -27.43
CA PRO B 415 13.94 4.96 -27.83
C PRO B 415 14.13 4.62 -29.30
N GLY B 416 14.49 3.37 -29.58
CA GLY B 416 14.62 2.88 -30.95
C GLY B 416 16.04 2.60 -31.37
N LEU B 417 16.31 2.74 -32.67
CA LEU B 417 17.61 2.38 -33.26
C LEU B 417 18.67 3.46 -33.09
N LEU B 418 18.27 4.72 -33.20
CA LEU B 418 19.16 5.82 -32.84
C LEU B 418 19.73 5.63 -31.43
N ASN B 419 21.05 5.73 -31.33
CA ASN B 419 21.75 5.59 -30.06
C ASN B 419 22.20 6.96 -29.57
N ASP B 420 21.24 7.69 -29.00
CA ASP B 420 21.41 9.07 -28.58
C ASP B 420 20.82 9.21 -27.18
N THR B 421 20.86 10.41 -26.61
CA THR B 421 20.22 10.67 -25.31
C THR B 421 19.14 11.73 -25.43
N HIS B 422 18.23 11.71 -24.45
CA HIS B 422 17.17 12.72 -24.32
C HIS B 422 16.75 12.78 -22.86
N GLN B 423 16.15 13.90 -22.45
CA GLN B 423 15.61 14.01 -21.10
C GLN B 423 14.16 13.52 -21.09
N THR B 424 13.84 12.71 -20.08
CA THR B 424 12.50 12.15 -19.90
C THR B 424 12.11 12.23 -18.42
N GLU B 425 11.02 11.56 -18.01
CA GLU B 425 10.56 11.60 -16.61
C GLU B 425 10.07 10.24 -16.13
N LEU B 426 10.23 10.01 -14.84
CA LEU B 426 9.45 9.00 -14.13
C LEU B 426 8.34 9.79 -13.45
N ASP B 427 7.10 9.52 -13.82
CA ASP B 427 5.98 10.39 -13.50
C ASP B 427 4.98 9.76 -12.53
N LEU B 428 4.45 10.59 -11.64
CA LEU B 428 3.28 10.24 -10.83
C LEU B 428 2.34 11.44 -10.85
N THR B 429 1.35 11.38 -11.74
CA THR B 429 0.31 12.40 -11.84
C THR B 429 -0.94 11.86 -11.16
N TYR B 430 -1.36 12.53 -10.10
CA TYR B 430 -2.40 11.99 -9.20
C TYR B 430 -3.76 11.75 -9.87
N GLU B 431 -4.13 12.61 -10.82
CA GLU B 431 -5.43 12.49 -11.48
C GLU B 431 -5.50 11.29 -12.44
N ARG B 432 -4.34 10.83 -12.92
CA ARG B 432 -4.25 9.63 -13.77
C ARG B 432 -4.09 8.35 -12.95
N ARG B 433 -3.22 8.40 -11.94
CA ARG B 433 -2.92 7.23 -11.13
C ARG B 433 -4.06 6.91 -10.14
N TYR B 434 -4.57 7.94 -9.45
CA TYR B 434 -5.55 7.74 -8.38
C TYR B 434 -6.94 8.23 -8.78
N ASP B 435 -7.95 7.41 -8.47
CA ASP B 435 -9.35 7.74 -8.74
C ASP B 435 -10.00 8.35 -7.49
N VAL B 436 -9.47 9.50 -7.05
CA VAL B 436 -10.01 10.21 -5.88
C VAL B 436 -9.93 11.71 -6.12
N THR B 437 -10.90 12.45 -5.57
CA THR B 437 -10.87 13.90 -5.63
C THR B 437 -10.17 14.41 -4.37
N LEU B 438 -9.10 15.16 -4.57
CA LEU B 438 -8.31 15.65 -3.46
C LEU B 438 -9.01 16.82 -2.81
N PRO B 439 -9.03 16.85 -1.47
CA PRO B 439 -9.76 17.87 -0.75
C PRO B 439 -9.07 19.22 -0.78
N ASP B 440 -9.86 20.29 -0.60
CA ASP B 440 -9.31 21.61 -0.37
C ASP B 440 -8.44 21.59 0.89
N ALA B 441 -7.44 22.46 0.94
CA ALA B 441 -6.54 22.54 2.10
C ALA B 441 -7.27 22.63 3.44
N TYR B 442 -8.33 23.42 3.50
CA TYR B 442 -9.03 23.67 4.76
C TYR B 442 -9.80 22.46 5.32
N GLU B 443 -10.05 21.44 4.50
CA GLU B 443 -10.67 20.21 5.00
C GLU B 443 -9.69 19.47 5.90
N SER B 444 -8.47 19.26 5.40
CA SER B 444 -7.42 18.59 6.16
C SER B 444 -7.15 19.29 7.49
N LEU B 445 -7.01 20.62 7.42
CA LEU B 445 -6.57 21.42 8.57
C LEU B 445 -7.61 21.47 9.68
N ILE B 446 -8.85 21.77 9.33
CA ILE B 446 -9.95 21.78 10.30
C ILE B 446 -10.06 20.41 10.97
N HIS B 447 -9.96 19.35 10.18
CA HIS B 447 -9.99 17.97 10.70
C HIS B 447 -8.87 17.73 11.70
N GLU B 448 -7.67 18.19 11.39
CA GLU B 448 -6.53 18.01 12.27
C GLU B 448 -6.62 18.86 13.55
N ALA B 449 -7.23 20.04 13.44
CA ALA B 449 -7.51 20.88 14.62
C ALA B 449 -8.50 20.20 15.56
N LEU B 450 -9.50 19.52 14.99
CA LEU B 450 -10.47 18.77 15.80
C LEU B 450 -9.85 17.55 16.46
N LEU B 451 -8.88 16.93 15.78
CA LEU B 451 -8.16 15.81 16.36
C LEU B 451 -7.11 16.26 17.40
N GLY B 452 -6.75 17.54 17.37
CA GLY B 452 -5.80 18.09 18.34
C GLY B 452 -4.35 17.94 17.90
N ASN B 453 -4.13 17.66 16.62
CA ASN B 453 -2.81 17.52 16.05
C ASN B 453 -2.30 18.86 15.51
N SER B 454 -1.27 19.39 16.18
CA SER B 454 -0.72 20.71 15.83
C SER B 454 0.36 20.70 14.76
N THR B 455 0.65 19.52 14.18
CA THR B 455 1.75 19.37 13.23
C THR B 455 1.76 20.45 12.14
N ASN B 456 0.60 20.67 11.52
CA ASN B 456 0.49 21.55 10.36
C ASN B 456 -0.08 22.93 10.70
N PHE B 457 0.37 23.48 11.83
CA PHE B 457 -0.05 24.79 12.28
C PHE B 457 1.17 25.55 12.78
N VAL B 458 1.19 26.86 12.54
CA VAL B 458 2.38 27.65 12.77
C VAL B 458 2.56 27.97 14.25
N ARG B 459 3.64 27.46 14.84
CA ARG B 459 3.91 27.67 16.26
C ARG B 459 4.45 29.09 16.47
N VAL B 460 4.33 29.58 17.70
CA VAL B 460 4.69 30.97 18.00
C VAL B 460 6.15 31.29 17.65
N ASP B 461 7.06 30.36 17.98
CA ASP B 461 8.49 30.54 17.71
C ASP B 461 8.82 30.30 16.23
N GLU B 462 8.08 29.39 15.60
CA GLU B 462 8.16 29.16 14.15
C GLU B 462 7.83 30.42 13.37
N LEU B 463 6.81 31.13 13.80
CA LEU B 463 6.39 32.39 13.19
C LEU B 463 7.48 33.47 13.31
N ASP B 464 8.03 33.61 14.51
CA ASP B 464 9.13 34.56 14.79
C ASP B 464 10.35 34.31 13.90
N ALA B 465 10.72 33.03 13.73
CA ALA B 465 11.87 32.67 12.91
C ALA B 465 11.67 33.09 11.46
N ALA B 466 10.44 32.97 10.96
CA ALA B 466 10.11 33.35 9.60
C ALA B 466 10.23 34.86 9.39
N TRP B 467 9.70 35.65 10.33
CA TRP B 467 9.76 37.11 10.22
C TRP B 467 11.20 37.64 10.24
N ARG B 468 12.07 36.99 10.99
CA ARG B 468 13.46 37.42 11.09
C ARG B 468 14.22 37.25 9.77
N ILE B 469 13.78 36.30 8.95
CA ILE B 469 14.40 36.09 7.65
C ILE B 469 14.18 37.28 6.71
N TYR B 470 12.97 37.84 6.73
CA TYR B 470 12.57 38.82 5.72
C TYR B 470 12.44 40.27 6.21
N THR B 471 12.41 40.47 7.53
CA THR B 471 12.15 41.81 8.08
C THR B 471 13.17 42.87 7.65
N PRO B 472 14.48 42.58 7.76
CA PRO B 472 15.48 43.54 7.26
C PRO B 472 15.24 43.97 5.82
N LEU B 473 14.91 43.02 4.95
CA LEU B 473 14.59 43.33 3.55
C LEU B 473 13.33 44.17 3.43
N LEU B 474 12.29 43.77 4.14
CA LEU B 474 11.01 44.47 4.09
C LEU B 474 11.15 45.93 4.50
N HIS B 475 11.88 46.19 5.59
CA HIS B 475 12.10 47.56 6.05
C HIS B 475 12.88 48.38 5.04
N ALA B 476 13.86 47.76 4.39
CA ALA B 476 14.60 48.41 3.31
C ALA B 476 13.66 48.80 2.16
N ILE B 477 12.79 47.89 1.77
CA ILE B 477 11.83 48.13 0.69
C ILE B 477 10.88 49.29 1.02
N ASP B 478 10.41 49.35 2.25
CA ASP B 478 9.53 50.45 2.69
C ASP B 478 10.24 51.80 2.68
N ARG B 479 11.54 51.83 2.99
CA ARG B 479 12.32 53.06 2.94
C ARG B 479 12.66 53.50 1.50
N GLY B 480 12.38 52.63 0.53
CA GLY B 480 12.54 52.97 -0.88
C GLY B 480 13.95 52.73 -1.39
N GLU B 481 14.63 51.74 -0.80
CA GLU B 481 16.04 51.49 -1.10
C GLU B 481 16.26 50.34 -2.05
N VAL B 482 15.19 49.63 -2.41
CA VAL B 482 15.27 48.50 -3.32
C VAL B 482 14.46 48.80 -4.59
N LYS B 483 15.11 48.68 -5.75
CA LYS B 483 14.46 48.98 -7.02
C LYS B 483 13.35 47.98 -7.34
N VAL B 484 12.25 48.49 -7.88
CA VAL B 484 11.10 47.66 -8.27
C VAL B 484 10.89 47.80 -9.77
N LEU B 485 10.95 46.68 -10.47
CA LEU B 485 10.95 46.67 -11.92
C LEU B 485 9.55 46.42 -12.47
N PRO B 486 9.20 47.08 -13.58
CA PRO B 486 7.91 46.84 -14.20
C PRO B 486 7.90 45.56 -15.03
N TYR B 487 6.72 44.94 -15.14
CA TYR B 487 6.49 43.83 -16.05
C TYR B 487 5.02 43.80 -16.45
N ALA B 488 4.74 43.50 -17.71
CA ALA B 488 3.37 43.49 -18.20
C ALA B 488 2.63 42.31 -17.59
N ALA B 489 1.39 42.54 -17.15
CA ALA B 489 0.54 41.46 -16.66
C ALA B 489 0.41 40.40 -17.75
N GLY B 490 0.48 39.13 -17.35
CA GLY B 490 0.43 38.02 -18.30
C GLY B 490 1.79 37.60 -18.83
N SER B 491 2.80 38.45 -18.68
CA SER B 491 4.18 38.10 -19.03
C SER B 491 4.78 37.17 -17.98
N CYS B 492 6.01 36.73 -18.21
CA CYS B 492 6.72 35.86 -17.27
C CYS B 492 7.40 36.63 -16.13
N GLY B 493 7.25 37.96 -16.11
CA GLY B 493 7.90 38.80 -15.11
C GLY B 493 9.03 39.61 -15.72
N PRO B 494 9.75 40.39 -14.89
CA PRO B 494 10.87 41.17 -15.41
C PRO B 494 11.98 40.28 -15.94
N GLU B 495 12.64 40.70 -17.03
CA GLU B 495 13.68 39.90 -17.67
C GLU B 495 14.85 39.60 -16.74
N GLU B 496 15.23 40.58 -15.92
CA GLU B 496 16.39 40.43 -15.04
C GLU B 496 16.14 39.49 -13.85
N ALA B 497 14.89 39.09 -13.64
CA ALA B 497 14.57 38.01 -12.73
C ALA B 497 15.13 36.69 -13.24
N GLN B 498 14.99 36.43 -14.54
CA GLN B 498 15.53 35.21 -15.15
C GLN B 498 17.05 35.17 -15.13
N GLU B 499 17.68 36.33 -15.37
CA GLU B 499 19.13 36.43 -15.30
C GLU B 499 19.63 36.22 -13.87
N PHE B 500 18.91 36.78 -12.91
CA PHE B 500 19.23 36.58 -11.49
C PHE B 500 19.14 35.11 -11.11
N ILE B 501 18.11 34.42 -11.61
CA ILE B 501 17.94 32.99 -11.34
C ILE B 501 19.09 32.19 -11.95
N ARG B 502 19.48 32.54 -13.17
CA ARG B 502 20.54 31.81 -13.87
C ARG B 502 21.88 31.91 -13.13
N ILE B 503 22.29 33.12 -12.76
CA ILE B 503 23.57 33.31 -12.07
C ILE B 503 23.53 32.75 -10.65
N SER B 504 22.33 32.65 -10.08
CA SER B 504 22.15 32.06 -8.76
C SER B 504 22.42 30.55 -8.75
N GLY B 505 22.37 29.90 -9.91
CA GLY B 505 22.77 28.50 -10.03
C GLY B 505 21.71 27.52 -10.50
N TYR B 506 20.52 28.01 -10.82
CA TYR B 506 19.49 27.14 -11.40
C TYR B 506 19.64 27.14 -12.93
N LYS B 507 20.00 25.98 -13.49
CA LYS B 507 20.14 25.83 -14.94
C LYS B 507 18.79 25.47 -15.52
N THR B 508 18.18 26.44 -16.20
CA THR B 508 16.85 26.25 -16.76
C THR B 508 16.95 25.47 -18.08
N THR B 509 16.27 24.33 -18.12
CA THR B 509 16.24 23.46 -19.32
C THR B 509 15.25 22.32 -19.11
N PRO C 26 27.36 6.85 -44.36
CA PRO C 26 28.75 7.22 -44.17
C PRO C 26 29.71 6.83 -45.30
N GLU C 27 30.82 6.19 -44.94
CA GLU C 27 31.75 5.60 -45.90
C GLU C 27 31.31 4.18 -46.26
N LEU C 28 30.33 3.67 -45.52
CA LEU C 28 29.64 2.42 -45.82
C LEU C 28 28.94 2.44 -47.19
N ARG C 29 28.51 3.63 -47.63
CA ARG C 29 27.83 3.79 -48.92
C ARG C 29 28.79 3.88 -50.11
N SER C 30 29.99 4.42 -49.88
CA SER C 30 30.97 4.66 -50.95
C SER C 30 31.74 3.41 -51.41
N ARG C 31 31.53 2.27 -50.74
CA ARG C 31 32.17 1.01 -51.08
C ARG C 31 31.16 -0.12 -51.03
N ALA C 32 31.37 -1.14 -51.86
CA ALA C 32 30.45 -2.28 -51.94
C ALA C 32 30.26 -2.94 -50.58
N LEU C 33 29.06 -3.45 -50.33
CA LEU C 33 28.74 -4.14 -49.08
C LEU C 33 28.10 -5.48 -49.41
N THR C 34 28.70 -6.56 -48.93
CA THR C 34 28.16 -7.90 -49.10
C THR C 34 27.94 -8.53 -47.72
N ILE C 35 26.70 -8.91 -47.43
CA ILE C 35 26.34 -9.60 -46.18
C ILE C 35 26.03 -11.05 -46.50
N VAL C 36 26.90 -11.95 -46.05
CA VAL C 36 26.74 -13.38 -46.32
C VAL C 36 26.14 -14.09 -45.10
N VAL C 37 24.92 -14.61 -45.26
CA VAL C 37 24.24 -15.35 -44.21
C VAL C 37 24.49 -16.84 -44.42
N LEU C 38 25.45 -17.39 -43.67
CA LEU C 38 25.74 -18.82 -43.73
C LEU C 38 24.75 -19.58 -42.85
N GLY C 39 24.17 -20.63 -43.40
CA GLY C 39 23.07 -21.34 -42.74
C GLY C 39 21.75 -20.63 -42.99
N ALA C 40 21.61 -20.06 -44.19
CA ALA C 40 20.45 -19.25 -44.56
C ALA C 40 19.15 -20.05 -44.60
N SER C 41 19.25 -21.36 -44.73
CA SER C 41 18.10 -22.27 -44.70
C SER C 41 17.61 -22.58 -43.28
N GLY C 42 18.22 -21.95 -42.27
CA GLY C 42 17.99 -22.33 -40.87
C GLY C 42 16.91 -21.56 -40.14
N ASP C 43 16.72 -21.94 -38.87
CA ASP C 43 15.68 -21.36 -38.03
C ASP C 43 15.95 -19.90 -37.68
N LEU C 44 17.17 -19.62 -37.22
CA LEU C 44 17.56 -18.25 -36.86
C LEU C 44 17.52 -17.33 -38.07
N ALA C 45 17.99 -17.81 -39.21
CA ALA C 45 18.06 -17.01 -40.44
C ALA C 45 16.71 -16.42 -40.81
N LYS C 46 15.69 -17.27 -40.94
CA LYS C 46 14.37 -16.82 -41.39
C LYS C 46 13.59 -16.06 -40.31
N LYS C 47 13.77 -16.43 -39.05
CA LYS C 47 13.01 -15.84 -37.95
C LYS C 47 13.59 -14.53 -37.42
N LYS C 48 14.91 -14.39 -37.48
CA LYS C 48 15.58 -13.21 -36.90
C LYS C 48 16.46 -12.45 -37.89
N THR C 49 17.37 -13.15 -38.55
CA THR C 49 18.38 -12.51 -39.38
C THR C 49 17.78 -11.74 -40.56
N PHE C 50 17.08 -12.44 -41.46
CA PHE C 50 16.51 -11.82 -42.65
C PHE C 50 15.47 -10.74 -42.32
N PRO C 51 14.57 -11.00 -41.34
CA PRO C 51 13.64 -9.95 -40.90
C PRO C 51 14.30 -8.69 -40.35
N ALA C 52 15.39 -8.83 -39.59
CA ALA C 52 16.15 -7.69 -39.08
C ALA C 52 16.75 -6.90 -40.25
N LEU C 53 17.33 -7.62 -41.20
CA LEU C 53 17.89 -7.00 -42.41
C LEU C 53 16.82 -6.25 -43.21
N PHE C 54 15.63 -6.81 -43.28
CA PHE C 54 14.50 -6.15 -43.95
C PHE C 54 14.19 -4.81 -43.29
N GLN C 55 14.12 -4.80 -41.97
CA GLN C 55 13.84 -3.57 -41.21
C GLN C 55 14.95 -2.53 -41.43
N LEU C 56 16.20 -2.99 -41.44
CA LEU C 56 17.33 -2.09 -41.68
C LEU C 56 17.28 -1.50 -43.09
N TYR C 57 16.87 -2.30 -44.08
CA TYR C 57 16.69 -1.81 -45.44
C TYR C 57 15.63 -0.71 -45.48
N CYS C 58 14.48 -0.99 -44.86
CA CYS C 58 13.34 -0.05 -44.86
C CYS C 58 13.61 1.27 -44.17
N ASN C 59 14.49 1.27 -43.17
CA ASN C 59 14.83 2.49 -42.44
C ASN C 59 16.01 3.25 -43.06
N GLY C 60 16.44 2.84 -44.25
CA GLY C 60 17.56 3.48 -44.93
C GLY C 60 18.89 3.25 -44.21
N MET C 61 18.99 2.14 -43.49
CA MET C 61 20.18 1.84 -42.69
C MET C 61 21.16 0.96 -43.46
N LEU C 62 20.67 0.27 -44.49
CA LEU C 62 21.53 -0.44 -45.44
C LEU C 62 21.58 0.34 -46.74
N PRO C 63 22.70 0.22 -47.50
CA PRO C 63 22.71 0.82 -48.83
C PRO C 63 21.68 0.17 -49.74
N ARG C 64 21.08 0.96 -50.62
CA ARG C 64 20.10 0.45 -51.59
C ARG C 64 20.67 -0.68 -52.44
N ASP C 65 21.95 -0.58 -52.76
CA ASP C 65 22.62 -1.57 -53.61
C ASP C 65 23.42 -2.61 -52.82
N VAL C 66 22.99 -2.88 -51.59
CA VAL C 66 23.60 -3.94 -50.77
C VAL C 66 23.33 -5.30 -51.41
N ASN C 67 24.24 -6.24 -51.17
CA ASN C 67 24.06 -7.61 -51.62
C ASN C 67 23.98 -8.55 -50.44
N ILE C 68 22.89 -9.29 -50.33
CA ILE C 68 22.68 -10.26 -49.27
C ILE C 68 22.73 -11.64 -49.92
N LEU C 69 23.69 -12.45 -49.50
CA LEU C 69 23.94 -13.76 -50.10
C LEU C 69 23.73 -14.86 -49.08
N GLY C 70 22.71 -15.69 -49.31
CA GLY C 70 22.47 -16.87 -48.49
C GLY C 70 23.41 -17.98 -48.91
N TYR C 71 23.88 -18.75 -47.94
CA TYR C 71 24.80 -19.86 -48.19
C TYR C 71 24.48 -21.05 -47.28
N ALA C 72 24.22 -22.20 -47.88
CA ALA C 72 23.96 -23.43 -47.12
C ALA C 72 24.05 -24.66 -48.02
N ARG C 73 23.99 -25.84 -47.41
CA ARG C 73 24.11 -27.11 -48.16
C ARG C 73 22.84 -27.46 -48.94
N SER C 74 21.69 -27.00 -48.46
CA SER C 74 20.41 -27.26 -49.11
C SER C 74 20.38 -26.71 -50.53
N THR C 75 19.79 -27.48 -51.45
CA THR C 75 19.60 -27.03 -52.82
C THR C 75 18.26 -26.32 -52.91
N MET C 76 18.25 -25.17 -53.57
CA MET C 76 17.02 -24.39 -53.73
C MET C 76 16.49 -24.57 -55.14
N GLU C 77 15.32 -25.20 -55.26
CA GLU C 77 14.70 -25.44 -56.56
C GLU C 77 14.15 -24.14 -57.14
N ASP C 78 13.53 -23.34 -56.28
CA ASP C 78 13.02 -22.02 -56.67
C ASP C 78 13.38 -20.99 -55.61
N VAL C 79 14.35 -20.13 -55.93
CA VAL C 79 14.86 -19.14 -54.98
C VAL C 79 13.84 -18.03 -54.77
N GLU C 80 13.23 -17.58 -55.86
CA GLU C 80 12.20 -16.53 -55.81
C GLU C 80 11.00 -16.92 -54.94
N LYS C 81 10.60 -18.19 -54.99
CA LYS C 81 9.45 -18.66 -54.22
C LYS C 81 9.81 -18.75 -52.74
N TRP C 82 10.96 -19.34 -52.44
CA TRP C 82 11.49 -19.40 -51.07
C TRP C 82 11.54 -18.01 -50.43
N LYS C 83 12.02 -17.02 -51.18
CA LYS C 83 12.08 -15.65 -50.70
C LYS C 83 10.69 -15.05 -50.45
N LYS C 84 9.80 -15.21 -51.42
CA LYS C 84 8.47 -14.61 -51.35
C LYS C 84 7.54 -15.30 -50.34
N ASP C 85 7.61 -16.62 -50.27
CA ASP C 85 6.71 -17.40 -49.42
C ASP C 85 7.26 -17.61 -48.01
N THR C 86 8.46 -18.19 -47.91
CA THR C 86 9.05 -18.52 -46.61
C THR C 86 9.59 -17.28 -45.90
N LEU C 87 10.60 -16.65 -46.48
CA LEU C 87 11.29 -15.52 -45.85
C LEU C 87 10.35 -14.35 -45.55
N ALA C 88 9.64 -13.88 -46.56
CA ALA C 88 8.74 -12.73 -46.41
C ALA C 88 7.62 -12.98 -45.39
N GLY C 89 7.28 -14.25 -45.18
CA GLY C 89 6.32 -14.63 -44.15
C GLY C 89 6.67 -14.18 -42.74
N PHE C 90 7.97 -14.00 -42.46
CA PHE C 90 8.42 -13.59 -41.12
C PHE C 90 8.70 -12.09 -41.00
N PHE C 91 8.46 -11.31 -42.06
CA PHE C 91 8.65 -9.87 -41.98
C PHE C 91 7.47 -9.23 -41.27
N THR C 92 7.75 -8.21 -40.46
CA THR C 92 6.74 -7.53 -39.67
C THR C 92 6.70 -6.05 -40.05
N ARG C 93 5.70 -5.34 -39.51
CA ARG C 93 5.50 -3.91 -39.76
C ARG C 93 5.40 -3.60 -41.26
N LEU C 94 4.81 -4.54 -42.00
CA LEU C 94 4.64 -4.44 -43.45
C LEU C 94 3.68 -3.31 -43.79
N ASP C 95 2.53 -3.28 -43.11
CA ASP C 95 1.44 -2.38 -43.45
C ASP C 95 1.60 -0.93 -42.93
N GLU C 96 2.14 -0.78 -41.72
CA GLU C 96 2.14 0.53 -41.05
C GLU C 96 3.00 1.57 -41.77
N ARG C 97 4.20 1.16 -42.17
CA ARG C 97 5.12 2.02 -42.90
C ARG C 97 5.09 1.61 -44.38
N GLY C 98 5.50 2.54 -45.25
CA GLY C 98 5.40 2.35 -46.70
C GLY C 98 6.68 1.86 -47.37
N CYS C 99 7.08 0.63 -47.05
CA CYS C 99 8.29 0.00 -47.60
C CYS C 99 8.00 -1.23 -48.48
N HIS C 100 8.54 -1.24 -49.70
CA HIS C 100 8.27 -2.31 -50.67
C HIS C 100 9.11 -3.55 -50.36
N VAL C 101 8.43 -4.70 -50.32
CA VAL C 101 9.06 -5.98 -49.99
C VAL C 101 9.89 -6.50 -51.17
N GLY C 102 9.36 -6.37 -52.37
CA GLY C 102 10.04 -6.84 -53.58
C GLY C 102 11.41 -6.22 -53.80
N ASN C 103 11.53 -4.93 -53.50
CA ASN C 103 12.81 -4.22 -53.61
C ASN C 103 13.88 -4.82 -52.72
N PHE C 104 13.51 -5.16 -51.48
CA PHE C 104 14.43 -5.81 -50.56
C PHE C 104 14.81 -7.22 -51.02
N LEU C 105 13.81 -8.00 -51.44
CA LEU C 105 14.05 -9.37 -51.89
C LEU C 105 14.92 -9.40 -53.15
N ARG C 106 14.87 -8.35 -53.96
CA ARG C 106 15.77 -8.22 -55.10
C ARG C 106 17.25 -8.22 -54.73
N ARG C 107 17.55 -7.80 -53.49
CA ARG C 107 18.93 -7.77 -53.00
C ARG C 107 19.42 -9.12 -52.47
N ILE C 108 18.54 -10.11 -52.37
CA ILE C 108 18.91 -11.40 -51.78
C ILE C 108 19.21 -12.43 -52.87
N SER C 109 20.36 -13.08 -52.76
CA SER C 109 20.71 -14.23 -53.58
C SER C 109 20.89 -15.46 -52.70
N TYR C 110 20.82 -16.64 -53.30
CA TYR C 110 21.12 -17.89 -52.60
C TYR C 110 22.17 -18.69 -53.37
N MET C 111 22.89 -19.53 -52.64
CA MET C 111 23.98 -20.30 -53.19
C MET C 111 24.18 -21.57 -52.36
N THR C 112 24.48 -22.68 -53.02
CA THR C 112 24.66 -23.96 -52.36
C THR C 112 26.15 -24.28 -52.18
N GLY C 113 26.49 -24.88 -51.04
CA GLY C 113 27.87 -25.29 -50.78
C GLY C 113 28.02 -25.92 -49.41
N SER C 114 29.14 -26.63 -49.21
CA SER C 114 29.44 -27.28 -47.94
C SER C 114 30.11 -26.31 -46.97
N TYR C 115 30.30 -26.77 -45.74
CA TYR C 115 30.89 -25.95 -44.68
C TYR C 115 32.34 -26.35 -44.36
N ASP C 116 32.91 -27.27 -45.14
CA ASP C 116 34.28 -27.78 -44.89
C ASP C 116 35.22 -27.74 -46.11
N ARG C 117 34.69 -27.96 -47.31
CA ARG C 117 35.51 -28.03 -48.52
C ARG C 117 36.01 -26.66 -49.01
N ASP C 118 37.33 -26.55 -49.22
CA ASP C 118 37.94 -25.30 -49.68
C ASP C 118 37.46 -24.87 -51.07
N GLU C 119 37.06 -25.84 -51.89
CA GLU C 119 36.53 -25.57 -53.23
C GLU C 119 35.27 -24.70 -53.16
N ASP C 120 34.45 -24.94 -52.14
CA ASP C 120 33.20 -24.21 -51.95
C ASP C 120 33.40 -22.80 -51.40
N PHE C 121 34.43 -22.62 -50.58
CA PHE C 121 34.78 -21.28 -50.09
C PHE C 121 35.45 -20.44 -51.19
N ALA C 122 36.10 -21.11 -52.13
CA ALA C 122 36.61 -20.45 -53.33
C ALA C 122 35.45 -19.99 -54.22
N ARG C 123 34.45 -20.86 -54.39
CA ARG C 123 33.22 -20.49 -55.12
C ARG C 123 32.51 -19.31 -54.44
N LEU C 124 32.42 -19.35 -53.11
CA LEU C 124 31.81 -18.27 -52.33
C LEU C 124 32.53 -16.95 -52.57
N ASN C 125 33.85 -16.98 -52.49
CA ASN C 125 34.68 -15.80 -52.75
C ASN C 125 34.42 -15.20 -54.13
N GLU C 126 34.32 -16.05 -55.13
CA GLU C 126 34.09 -15.63 -56.51
C GLU C 126 32.71 -15.00 -56.72
N ARG C 127 31.71 -15.56 -56.05
CA ARG C 127 30.36 -15.02 -56.09
C ARG C 127 30.34 -13.64 -55.46
N ILE C 128 31.07 -13.48 -54.36
CA ILE C 128 31.21 -12.18 -53.71
C ILE C 128 31.94 -11.22 -54.63
N LEU C 129 33.02 -11.68 -55.24
CA LEU C 129 33.78 -10.84 -56.19
C LEU C 129 32.90 -10.32 -57.32
N ARG C 130 32.06 -11.20 -57.89
CA ARG C 130 31.14 -10.81 -58.94
C ARG C 130 30.18 -9.69 -58.49
N MET C 131 29.68 -9.78 -57.25
CA MET C 131 28.83 -8.76 -56.66
C MET C 131 29.59 -7.46 -56.42
N GLU C 132 30.83 -7.58 -55.94
CA GLU C 132 31.68 -6.41 -55.66
C GLU C 132 32.06 -5.65 -56.93
N GLU C 133 32.36 -6.36 -58.00
CA GLU C 133 32.69 -5.72 -59.28
C GLU C 133 31.50 -4.98 -59.87
N ALA C 134 30.29 -5.48 -59.61
CA ALA C 134 29.07 -4.86 -60.11
C ALA C 134 28.67 -3.60 -59.34
N PHE C 135 29.27 -3.38 -58.18
CA PHE C 135 29.09 -2.13 -57.42
C PHE C 135 29.50 -0.96 -58.32
N GLN C 136 28.65 0.07 -58.38
CA GLN C 136 28.84 1.17 -59.32
C GLN C 136 29.47 2.42 -58.69
N GLY C 137 29.59 2.46 -57.37
CA GLY C 137 30.15 3.60 -56.66
C GLY C 137 31.62 3.88 -56.96
N PRO C 138 32.18 4.93 -56.33
CA PRO C 138 33.53 5.42 -56.66
C PRO C 138 34.67 4.46 -56.28
N GLU C 139 34.62 3.91 -55.08
CA GLU C 139 35.73 3.12 -54.52
C GLU C 139 35.64 1.65 -54.94
N LYS C 140 36.78 0.97 -54.94
CA LYS C 140 36.90 -0.41 -55.42
C LYS C 140 36.98 -1.39 -54.26
N GLY C 141 36.80 -2.68 -54.55
CA GLY C 141 36.78 -3.72 -53.53
C GLY C 141 35.40 -3.87 -52.94
N GLY C 142 35.34 -4.06 -51.62
CA GLY C 142 34.07 -4.22 -50.92
C GLY C 142 34.22 -4.73 -49.49
N ASN C 143 33.33 -4.31 -48.61
CA ASN C 143 33.31 -4.77 -47.23
C ASN C 143 32.45 -6.03 -47.10
N ARG C 144 32.92 -7.00 -46.32
CA ARG C 144 32.25 -8.30 -46.22
C ARG C 144 31.86 -8.62 -44.78
N LEU C 145 30.57 -8.81 -44.54
CA LEU C 145 30.05 -9.24 -43.24
C LEU C 145 29.56 -10.68 -43.34
N PHE C 146 30.23 -11.59 -42.62
CA PHE C 146 29.83 -12.99 -42.60
C PHE C 146 29.01 -13.27 -41.34
N TYR C 147 27.74 -13.63 -41.53
CA TYR C 147 26.87 -14.02 -40.41
C TYR C 147 26.83 -15.53 -40.32
N LEU C 148 27.36 -16.09 -39.23
CA LEU C 148 27.41 -17.54 -39.05
C LEU C 148 26.20 -18.02 -38.25
N ALA C 149 25.08 -18.24 -38.96
CA ALA C 149 23.87 -18.77 -38.35
C ALA C 149 23.86 -20.30 -38.47
N LEU C 150 24.86 -20.92 -37.83
CA LEU C 150 25.14 -22.35 -37.99
C LEU C 150 25.26 -23.03 -36.63
N PRO C 151 25.13 -24.39 -36.60
CA PRO C 151 25.36 -25.10 -35.35
C PRO C 151 26.82 -25.07 -34.91
N PRO C 152 27.09 -25.25 -33.60
CA PRO C 152 28.47 -25.25 -33.09
C PRO C 152 29.38 -26.34 -33.66
N SER C 153 28.81 -27.46 -34.10
CA SER C 153 29.59 -28.56 -34.65
C SER C 153 30.43 -28.18 -35.88
N VAL C 154 29.90 -27.30 -36.73
CA VAL C 154 30.61 -26.89 -37.96
C VAL C 154 31.39 -25.58 -37.84
N PHE C 155 31.31 -24.93 -36.69
CA PHE C 155 31.82 -23.57 -36.51
C PHE C 155 33.28 -23.36 -36.94
N VAL C 156 34.18 -24.16 -36.39
CA VAL C 156 35.62 -23.96 -36.61
C VAL C 156 36.01 -24.20 -38.06
N GLY C 157 35.43 -25.25 -38.66
CA GLY C 157 35.67 -25.56 -40.06
C GLY C 157 35.27 -24.44 -41.00
N VAL C 158 34.16 -23.78 -40.68
CA VAL C 158 33.68 -22.64 -41.48
C VAL C 158 34.59 -21.44 -41.31
N CYS C 159 35.03 -21.19 -40.08
CA CYS C 159 35.98 -20.12 -39.81
C CYS C 159 37.30 -20.33 -40.55
N ARG C 160 37.77 -21.57 -40.62
CA ARG C 160 39.02 -21.90 -41.31
C ARG C 160 38.89 -21.69 -42.81
N GLY C 161 37.77 -22.12 -43.39
CA GLY C 161 37.51 -21.96 -44.81
C GLY C 161 37.40 -20.51 -45.22
N LEU C 162 36.68 -19.72 -44.43
CA LEU C 162 36.53 -18.28 -44.67
C LEU C 162 37.87 -17.54 -44.58
N SER C 163 38.61 -17.83 -43.51
CA SER C 163 39.92 -17.21 -43.29
C SER C 163 40.89 -17.52 -44.42
N LYS C 164 40.87 -18.78 -44.86
CA LYS C 164 41.81 -19.26 -45.87
C LYS C 164 41.49 -18.74 -47.27
N GLY C 165 40.21 -18.70 -47.63
CA GLY C 165 39.85 -18.47 -49.04
C GLY C 165 38.73 -17.50 -49.37
N ALA C 166 38.28 -16.69 -48.41
CA ALA C 166 37.21 -15.72 -48.67
C ALA C 166 37.38 -14.38 -47.95
N MET C 167 38.63 -14.00 -47.70
CA MET C 167 38.93 -12.73 -47.05
C MET C 167 39.21 -11.65 -48.09
N GLN C 168 38.67 -10.47 -47.87
CA GLN C 168 39.08 -9.28 -48.59
C GLN C 168 40.44 -8.86 -48.03
N LYS C 169 41.31 -8.34 -48.90
CA LYS C 169 42.57 -7.73 -48.44
C LYS C 169 42.23 -6.43 -47.72
N PRO C 170 42.96 -6.10 -46.63
CA PRO C 170 42.64 -4.92 -45.82
C PRO C 170 42.51 -3.60 -46.61
N GLU C 171 43.25 -3.49 -47.71
CA GLU C 171 43.26 -2.25 -48.50
C GLU C 171 41.93 -2.05 -49.24
N LEU C 172 41.27 -3.16 -49.57
CA LEU C 172 40.03 -3.13 -50.36
C LEU C 172 38.74 -3.24 -49.53
N GLY C 173 38.86 -3.35 -48.21
CA GLY C 173 37.69 -3.40 -47.33
C GLY C 173 37.92 -4.25 -46.11
N TRP C 174 36.99 -4.19 -45.15
CA TRP C 174 37.09 -4.98 -43.92
C TRP C 174 36.32 -6.30 -44.01
N VAL C 175 36.64 -7.20 -43.10
CA VAL C 175 35.87 -8.43 -42.91
C VAL C 175 35.44 -8.51 -41.46
N ARG C 176 34.16 -8.78 -41.23
CA ARG C 176 33.63 -8.94 -39.89
C ARG C 176 32.81 -10.22 -39.79
N LEU C 177 32.96 -10.92 -38.66
CA LEU C 177 32.31 -12.19 -38.39
C LEU C 177 31.30 -12.03 -37.26
N ILE C 178 30.02 -12.26 -37.56
CA ILE C 178 29.00 -12.35 -36.51
C ILE C 178 28.81 -13.83 -36.17
N VAL C 179 29.02 -14.16 -34.90
CA VAL C 179 28.98 -15.55 -34.44
C VAL C 179 27.99 -15.70 -33.28
N GLU C 180 27.35 -16.87 -33.20
CA GLU C 180 26.29 -17.12 -32.23
C GLU C 180 26.69 -18.13 -31.16
N LYS C 181 25.99 -18.08 -30.02
CA LYS C 181 26.19 -19.04 -28.95
C LYS C 181 25.56 -20.38 -29.35
N PRO C 182 25.93 -21.49 -28.71
CA PRO C 182 26.83 -21.55 -27.56
C PRO C 182 28.30 -21.35 -27.90
N PHE C 183 29.04 -20.75 -26.98
CA PHE C 183 30.49 -20.64 -27.11
C PHE C 183 31.12 -21.59 -26.10
N GLY C 184 31.15 -22.86 -26.47
CA GLY C 184 31.54 -23.93 -25.55
C GLY C 184 30.43 -24.21 -24.54
N ARG C 185 30.74 -25.07 -23.57
CA ARG C 185 29.81 -25.42 -22.50
C ARG C 185 30.43 -25.27 -21.09
N ASP C 186 31.69 -24.84 -21.03
CA ASP C 186 32.35 -24.51 -19.76
C ASP C 186 33.62 -23.69 -20.05
N THR C 187 34.41 -23.38 -19.03
CA THR C 187 35.62 -22.58 -19.20
C THR C 187 36.60 -23.22 -20.18
N GLU C 188 36.85 -24.52 -20.02
CA GLU C 188 37.82 -25.23 -20.82
C GLU C 188 37.43 -25.34 -22.30
N THR C 189 36.22 -25.81 -22.56
CA THR C 189 35.74 -25.98 -23.93
C THR C 189 35.69 -24.64 -24.68
N SER C 190 35.28 -23.59 -23.97
CA SER C 190 35.20 -22.25 -24.55
C SER C 190 36.58 -21.67 -24.85
N GLU C 191 37.56 -21.96 -23.99
CA GLU C 191 38.93 -21.50 -24.19
C GLU C 191 39.59 -22.16 -25.41
N GLN C 192 39.38 -23.46 -25.56
CA GLN C 192 39.87 -24.18 -26.74
C GLN C 192 39.32 -23.56 -28.01
N LEU C 193 38.01 -23.31 -28.01
CA LEU C 193 37.33 -22.69 -29.16
C LEU C 193 37.93 -21.34 -29.52
N SER C 194 38.18 -20.50 -28.53
CA SER C 194 38.80 -19.19 -28.74
C SER C 194 40.23 -19.31 -29.30
N ASN C 195 40.98 -20.29 -28.80
CA ASN C 195 42.34 -20.54 -29.29
C ASN C 195 42.39 -21.00 -30.74
N GLN C 196 41.33 -21.64 -31.22
CA GLN C 196 41.25 -22.07 -32.62
C GLN C 196 40.94 -20.89 -33.53
N LEU C 197 40.27 -19.89 -32.99
CA LEU C 197 39.89 -18.69 -33.73
C LEU C 197 41.04 -17.68 -33.80
N LYS C 198 41.91 -17.71 -32.79
CA LYS C 198 43.03 -16.75 -32.65
C LYS C 198 43.85 -16.53 -33.93
N PRO C 199 44.36 -17.61 -34.55
CA PRO C 199 45.15 -17.43 -35.78
C PRO C 199 44.34 -17.13 -37.04
N LEU C 200 43.02 -17.31 -37.00
CA LEU C 200 42.16 -17.12 -38.18
C LEU C 200 41.67 -15.68 -38.34
N PHE C 201 41.32 -15.05 -37.22
CA PHE C 201 40.78 -13.68 -37.22
C PHE C 201 41.32 -12.87 -36.07
N ASN C 202 41.41 -11.55 -36.27
CA ASN C 202 41.69 -10.62 -35.19
C ASN C 202 40.46 -10.48 -34.33
N GLU C 203 40.65 -10.12 -33.07
CA GLU C 203 39.54 -9.90 -32.16
C GLU C 203 38.64 -8.73 -32.62
N ARG C 204 39.25 -7.75 -33.28
CA ARG C 204 38.50 -6.65 -33.92
C ARG C 204 37.45 -7.14 -34.91
N GLN C 205 37.78 -8.21 -35.63
CA GLN C 205 36.92 -8.73 -36.68
C GLN C 205 35.78 -9.61 -36.17
N VAL C 206 35.92 -10.13 -34.95
CA VAL C 206 34.91 -11.04 -34.39
C VAL C 206 33.86 -10.29 -33.58
N PHE C 207 32.60 -10.56 -33.88
CA PHE C 207 31.47 -9.94 -33.21
C PHE C 207 30.58 -11.03 -32.61
N ARG C 208 30.87 -11.40 -31.36
CA ARG C 208 30.09 -12.44 -30.68
C ARG C 208 28.76 -11.90 -30.18
N ILE C 209 27.67 -12.49 -30.67
CA ILE C 209 26.32 -12.04 -30.32
C ILE C 209 25.92 -12.50 -28.93
N ASP C 210 25.42 -11.57 -28.14
CA ASP C 210 24.52 -11.87 -27.03
C ASP C 210 23.33 -10.95 -27.25
N HIS C 211 22.24 -11.49 -27.77
CA HIS C 211 21.20 -10.66 -28.35
C HIS C 211 20.43 -9.82 -27.33
N TYR C 212 20.57 -10.12 -26.04
CA TYR C 212 19.98 -9.28 -24.98
C TYR C 212 20.58 -7.87 -24.96
N LEU C 213 21.82 -7.73 -25.43
CA LEU C 213 22.47 -6.42 -25.53
C LEU C 213 21.89 -5.54 -26.65
N GLY C 214 20.95 -6.07 -27.45
CA GLY C 214 20.23 -5.27 -28.44
C GLY C 214 18.85 -4.81 -27.99
N LYS C 215 18.46 -5.19 -26.77
CA LYS C 215 17.14 -4.84 -26.23
C LYS C 215 17.16 -3.45 -25.62
N GLU C 216 16.12 -2.66 -25.90
CA GLU C 216 16.06 -1.26 -25.52
C GLU C 216 16.49 -0.97 -24.08
N MET C 217 15.86 -1.66 -23.12
CA MET C 217 16.07 -1.37 -21.71
C MET C 217 17.42 -1.86 -21.18
N VAL C 218 18.01 -2.83 -21.88
CA VAL C 218 19.36 -3.28 -21.54
C VAL C 218 20.39 -2.26 -22.06
N GLN C 219 20.16 -1.76 -23.28
CA GLN C 219 20.99 -0.68 -23.84
C GLN C 219 20.95 0.61 -23.00
N ASN C 220 19.86 0.81 -22.26
CA ASN C 220 19.67 2.02 -21.45
C ASN C 220 20.31 1.94 -20.06
N ILE C 221 20.80 0.77 -19.67
CA ILE C 221 21.38 0.59 -18.33
C ILE C 221 22.54 1.57 -18.09
N ILE C 222 23.48 1.57 -19.04
CA ILE C 222 24.66 2.40 -18.94
C ILE C 222 24.31 3.90 -18.84
N VAL C 223 23.30 4.34 -19.59
CA VAL C 223 22.88 5.74 -19.57
C VAL C 223 22.19 6.07 -18.25
N THR C 224 21.32 5.16 -17.79
CA THR C 224 20.62 5.32 -16.54
C THR C 224 21.58 5.51 -15.36
N ARG C 225 22.64 4.71 -15.35
CA ARG C 225 23.60 4.68 -14.23
C ARG C 225 24.55 5.87 -14.21
N PHE C 226 25.09 6.22 -15.38
CA PHE C 226 26.23 7.15 -15.44
C PHE C 226 25.93 8.52 -16.06
N ALA C 227 24.71 8.76 -16.50
CA ALA C 227 24.32 10.08 -16.99
C ALA C 227 23.52 10.87 -15.96
N ASN C 228 23.21 10.23 -14.84
CA ASN C 228 22.28 10.76 -13.85
C ASN C 228 22.89 10.77 -12.47
N ARG C 229 23.00 11.95 -11.87
CA ARG C 229 23.55 12.06 -10.52
C ARG C 229 22.71 11.28 -9.52
N VAL C 230 21.39 11.33 -9.71
CA VAL C 230 20.44 10.65 -8.81
C VAL C 230 20.78 9.18 -8.61
N PHE C 231 21.10 8.46 -9.69
CA PHE C 231 21.44 7.04 -9.59
C PHE C 231 22.92 6.78 -9.36
N SER C 232 23.78 7.68 -9.83
CA SER C 232 25.21 7.58 -9.57
C SER C 232 25.48 7.54 -8.07
N ALA C 233 24.88 8.47 -7.34
CA ALA C 233 25.08 8.61 -5.89
C ALA C 233 24.53 7.44 -5.08
N LEU C 234 23.51 6.77 -5.60
CA LEU C 234 22.86 5.66 -4.90
C LEU C 234 23.43 4.29 -5.21
N TRP C 235 24.33 4.18 -6.19
CA TRP C 235 24.63 2.88 -6.79
C TRP C 235 25.77 2.12 -6.10
N ASN C 236 25.60 1.87 -4.81
CA ASN C 236 26.60 1.15 -4.04
C ASN C 236 25.99 0.54 -2.78
N SER C 237 26.80 -0.17 -2.00
CA SER C 237 26.31 -0.92 -0.85
C SER C 237 25.78 -0.06 0.31
N ASN C 238 26.07 1.24 0.29
CA ASN C 238 25.51 2.15 1.30
C ASN C 238 24.00 2.31 1.19
N SER C 239 23.49 2.32 -0.04
CA SER C 239 22.06 2.51 -0.30
C SER C 239 21.35 1.25 -0.80
N ILE C 240 22.07 0.35 -1.46
CA ILE C 240 21.45 -0.84 -2.07
C ILE C 240 21.53 -2.03 -1.11
N ALA C 241 20.37 -2.65 -0.88
CA ALA C 241 20.27 -3.82 -0.01
C ALA C 241 20.35 -5.13 -0.79
N CYS C 242 19.79 -5.15 -1.99
CA CYS C 242 19.70 -6.36 -2.80
C CYS C 242 19.39 -6.06 -4.26
N VAL C 243 20.00 -6.83 -5.17
CA VAL C 243 19.75 -6.71 -6.61
C VAL C 243 19.24 -8.04 -7.15
N GLN C 244 18.10 -8.02 -7.83
CA GLN C 244 17.52 -9.23 -8.41
C GLN C 244 17.40 -9.09 -9.92
N ILE C 245 17.86 -10.11 -10.64
CA ILE C 245 17.74 -10.18 -12.10
C ILE C 245 16.91 -11.41 -12.44
N THR C 246 15.81 -11.21 -13.15
CA THR C 246 14.80 -12.25 -13.33
C THR C 246 14.47 -12.53 -14.80
N PHE C 247 14.45 -13.81 -15.14
CA PHE C 247 14.05 -14.27 -16.47
C PHE C 247 12.96 -15.33 -16.29
N LYS C 248 11.81 -15.10 -16.92
CA LYS C 248 10.72 -16.07 -16.91
C LYS C 248 10.16 -16.26 -18.32
N GLU C 249 9.75 -17.48 -18.62
CA GLU C 249 9.06 -17.79 -19.86
C GLU C 249 7.92 -18.74 -19.57
N LYS C 250 6.83 -18.62 -20.34
CA LYS C 250 5.72 -19.56 -20.25
C LYS C 250 6.05 -20.80 -21.07
N ILE C 251 6.74 -20.62 -22.19
CA ILE C 251 7.11 -21.73 -23.05
C ILE C 251 8.00 -22.74 -22.33
N GLY C 252 7.91 -24.00 -22.78
CA GLY C 252 8.74 -25.06 -22.26
C GLY C 252 9.88 -25.33 -23.22
N THR C 253 10.43 -26.55 -23.16
CA THR C 253 11.54 -26.97 -24.01
C THR C 253 11.14 -28.16 -24.88
N ALA C 254 9.84 -28.30 -25.14
CA ALA C 254 9.35 -29.39 -25.97
C ALA C 254 9.61 -29.08 -27.45
N GLY C 255 9.77 -30.13 -28.25
CA GLY C 255 9.98 -29.97 -29.69
C GLY C 255 11.37 -29.50 -30.13
N ARG C 256 12.31 -29.39 -29.18
CA ARG C 256 13.70 -29.01 -29.49
C ARG C 256 14.50 -30.17 -30.08
N GLY C 257 14.01 -31.39 -29.86
CA GLY C 257 14.75 -32.60 -30.19
C GLY C 257 15.74 -32.96 -29.09
N GLY C 258 15.47 -32.48 -27.87
CA GLY C 258 16.35 -32.72 -26.72
C GLY C 258 17.64 -31.91 -26.75
N TYR C 259 17.67 -30.84 -27.53
CA TYR C 259 18.84 -29.97 -27.64
C TYR C 259 19.16 -29.28 -26.30
N PHE C 260 18.11 -28.98 -25.55
CA PHE C 260 18.22 -28.29 -24.27
C PHE C 260 18.84 -29.15 -23.17
N ASP C 261 18.65 -30.47 -23.25
CA ASP C 261 19.05 -31.38 -22.17
C ASP C 261 20.54 -31.33 -21.83
N SER C 262 21.39 -31.20 -22.84
CA SER C 262 22.84 -31.10 -22.64
C SER C 262 23.29 -29.69 -22.26
N ILE C 263 22.38 -28.71 -22.33
CA ILE C 263 22.72 -27.31 -22.09
C ILE C 263 22.24 -26.86 -20.71
N GLY C 264 20.93 -26.89 -20.47
CA GLY C 264 20.35 -26.46 -19.20
C GLY C 264 20.16 -24.96 -19.12
N ILE C 265 19.39 -24.51 -18.14
CA ILE C 265 19.01 -23.10 -18.01
C ILE C 265 20.19 -22.17 -17.68
N ILE C 266 21.20 -22.70 -16.99
CA ILE C 266 22.36 -21.87 -16.61
C ILE C 266 23.19 -21.53 -17.85
N ARG C 267 23.52 -22.54 -18.65
CA ARG C 267 24.23 -22.31 -19.91
C ARG C 267 23.40 -21.54 -20.93
N ASP C 268 22.08 -21.74 -20.92
CA ASP C 268 21.20 -21.20 -21.95
C ASP C 268 20.97 -19.69 -21.81
N VAL C 269 20.72 -19.21 -20.59
CA VAL C 269 20.42 -17.79 -20.38
C VAL C 269 21.19 -17.08 -19.26
N ILE C 270 21.59 -17.80 -18.21
CA ILE C 270 22.25 -17.18 -17.06
C ILE C 270 23.69 -16.81 -17.38
N GLN C 271 24.44 -17.76 -17.92
CA GLN C 271 25.86 -17.57 -18.23
C GLN C 271 26.11 -16.43 -19.23
N ASN C 272 25.12 -16.14 -20.07
CA ASN C 272 25.26 -15.14 -21.11
C ASN C 272 24.34 -13.93 -20.88
N HIS C 273 23.04 -14.10 -21.09
CA HIS C 273 22.11 -12.96 -21.08
C HIS C 273 22.11 -12.21 -19.75
N LEU C 274 21.92 -12.95 -18.66
CA LEU C 274 21.78 -12.34 -17.34
C LEU C 274 23.11 -11.90 -16.75
N THR C 275 24.20 -12.58 -17.11
CA THR C 275 25.54 -12.18 -16.71
C THR C 275 25.93 -10.88 -17.43
N GLN C 276 25.51 -10.73 -18.68
CA GLN C 276 25.72 -9.48 -19.41
C GLN C 276 25.04 -8.33 -18.69
N ILE C 277 23.78 -8.54 -18.33
CA ILE C 277 23.03 -7.56 -17.55
C ILE C 277 23.72 -7.30 -16.22
N LEU C 278 24.15 -8.37 -15.54
CA LEU C 278 24.88 -8.25 -14.28
C LEU C 278 26.07 -7.31 -14.42
N SER C 279 26.84 -7.51 -15.48
CA SER C 279 28.08 -6.75 -15.69
C SER C 279 27.79 -5.27 -15.91
N LEU C 280 26.72 -4.98 -16.65
CA LEU C 280 26.31 -3.59 -16.89
C LEU C 280 25.84 -2.91 -15.60
N LEU C 281 25.16 -3.66 -14.74
CA LEU C 281 24.65 -3.12 -13.47
C LEU C 281 25.73 -2.91 -12.40
N THR C 282 26.86 -3.61 -12.52
CA THR C 282 27.89 -3.62 -11.47
C THR C 282 29.22 -2.96 -11.83
N MET C 283 29.51 -2.84 -13.12
CA MET C 283 30.78 -2.23 -13.58
C MET C 283 30.99 -0.83 -13.01
N GLU C 284 32.24 -0.42 -12.94
CA GLU C 284 32.57 0.96 -12.60
C GLU C 284 32.29 1.88 -13.78
N LYS C 285 32.26 3.18 -13.51
CA LYS C 285 32.12 4.17 -14.57
C LYS C 285 33.31 4.03 -15.52
N PRO C 286 33.03 3.86 -16.82
CA PRO C 286 34.12 3.71 -17.78
C PRO C 286 34.85 5.01 -18.07
N ARG C 287 36.09 4.87 -18.54
CA ARG C 287 36.97 6.01 -18.79
C ARG C 287 36.45 6.91 -19.91
N SER C 288 35.71 6.31 -20.83
CA SER C 288 35.01 7.03 -21.89
C SER C 288 33.87 6.16 -22.39
N LEU C 289 33.18 6.60 -23.43
CA LEU C 289 32.12 5.81 -24.03
C LEU C 289 32.58 5.01 -25.24
N SER C 290 33.88 4.97 -25.50
CA SER C 290 34.44 4.13 -26.56
C SER C 290 34.26 2.65 -26.19
N ALA C 291 34.16 1.81 -27.20
CA ALA C 291 33.78 0.41 -27.02
C ALA C 291 34.69 -0.34 -26.04
N GLU C 292 36.00 -0.17 -26.18
CA GLU C 292 36.95 -0.91 -25.36
C GLU C 292 37.02 -0.40 -23.92
N ASP C 293 36.78 0.89 -23.72
CA ASP C 293 36.70 1.42 -22.35
C ASP C 293 35.50 0.83 -21.61
N ILE C 294 34.39 0.63 -22.31
CA ILE C 294 33.20 0.03 -21.71
C ILE C 294 33.41 -1.46 -21.46
N ARG C 295 33.93 -2.17 -22.47
CA ARG C 295 34.16 -3.62 -22.34
C ARG C 295 35.21 -3.94 -21.28
N ASP C 296 36.23 -3.09 -21.14
CA ASP C 296 37.22 -3.25 -20.08
C ASP C 296 36.55 -3.29 -18.72
N GLU C 297 35.63 -2.37 -18.46
CA GLU C 297 34.95 -2.31 -17.16
C GLU C 297 34.07 -3.53 -16.91
N LYS C 298 33.44 -4.03 -17.98
CA LYS C 298 32.61 -5.23 -17.86
C LYS C 298 33.46 -6.45 -17.49
N VAL C 299 34.62 -6.58 -18.12
CA VAL C 299 35.53 -7.67 -17.80
C VAL C 299 36.07 -7.53 -16.37
N GLN C 300 36.43 -6.31 -16.00
CA GLN C 300 37.01 -6.01 -14.69
C GLN C 300 36.10 -6.48 -13.56
N VAL C 301 34.82 -6.13 -13.63
CA VAL C 301 33.86 -6.49 -12.58
C VAL C 301 33.52 -7.99 -12.57
N LEU C 302 33.42 -8.59 -13.76
CA LEU C 302 33.11 -10.02 -13.84
C LEU C 302 34.22 -10.88 -13.19
N ARG C 303 35.46 -10.43 -13.30
CA ARG C 303 36.58 -11.12 -12.66
C ARG C 303 36.58 -10.99 -11.13
N GLN C 304 35.75 -10.08 -10.61
CA GLN C 304 35.57 -9.89 -9.17
C GLN C 304 34.34 -10.60 -8.61
N VAL C 305 33.56 -11.25 -9.47
CA VAL C 305 32.40 -12.02 -9.02
C VAL C 305 32.87 -13.35 -8.44
N VAL C 306 32.37 -13.70 -7.27
CA VAL C 306 32.70 -14.97 -6.63
C VAL C 306 31.95 -16.10 -7.35
N PRO C 307 32.67 -17.17 -7.75
CA PRO C 307 31.99 -18.25 -8.48
C PRO C 307 30.80 -18.83 -7.73
N ALA C 308 29.72 -19.11 -8.45
CA ALA C 308 28.53 -19.72 -7.87
C ALA C 308 28.87 -21.09 -7.29
N ASN C 309 28.12 -21.51 -6.28
CA ASN C 309 28.32 -22.83 -5.70
C ASN C 309 26.99 -23.49 -5.29
N PRO C 310 26.97 -24.84 -5.23
CA PRO C 310 25.75 -25.60 -4.96
C PRO C 310 24.94 -25.13 -3.75
N ALA C 311 25.61 -24.71 -2.69
CA ALA C 311 24.95 -24.28 -1.46
C ALA C 311 24.11 -23.02 -1.66
N GLU C 312 24.56 -22.14 -2.56
CA GLU C 312 23.86 -20.89 -2.82
C GLU C 312 23.09 -20.93 -4.15
N CYS C 313 22.36 -22.02 -4.37
CA CYS C 313 21.45 -22.11 -5.52
C CYS C 313 20.29 -23.08 -5.28
N VAL C 314 19.20 -22.85 -6.00
CA VAL C 314 18.08 -23.78 -6.03
C VAL C 314 17.77 -24.10 -7.49
N LEU C 315 17.79 -25.38 -7.84
CA LEU C 315 17.55 -25.84 -9.20
C LEU C 315 16.15 -26.43 -9.33
N GLY C 316 15.60 -26.36 -10.53
CA GLY C 316 14.28 -26.92 -10.82
C GLY C 316 14.17 -27.52 -12.20
N GLN C 317 13.26 -28.47 -12.34
CA GLN C 317 12.96 -29.13 -13.61
C GLN C 317 11.45 -29.30 -13.69
N TYR C 318 10.82 -28.73 -14.72
CA TYR C 318 9.35 -28.66 -14.75
C TYR C 318 8.69 -30.01 -15.03
N THR C 319 7.56 -30.23 -14.37
CA THR C 319 6.72 -31.39 -14.57
C THR C 319 5.43 -30.93 -15.27
N ALA C 320 4.56 -31.88 -15.59
CA ALA C 320 3.29 -31.60 -16.28
C ALA C 320 2.46 -30.55 -15.53
N SER C 321 1.79 -29.69 -16.30
CA SER C 321 0.93 -28.63 -15.74
C SER C 321 -0.31 -29.23 -15.09
N ALA C 322 -0.90 -28.48 -14.17
CA ALA C 322 -2.10 -28.91 -13.46
C ALA C 322 -3.28 -29.09 -14.41
N ASP C 323 -3.48 -28.14 -15.32
CA ASP C 323 -4.58 -28.21 -16.29
C ASP C 323 -4.41 -29.31 -17.35
N GLY C 324 -3.20 -29.86 -17.48
CA GLY C 324 -2.96 -31.01 -18.35
C GLY C 324 -2.47 -30.68 -19.75
N SER C 325 -2.58 -29.41 -20.16
CA SER C 325 -2.19 -29.01 -21.51
C SER C 325 -0.70 -29.23 -21.79
N THR C 326 0.14 -28.75 -20.88
CA THR C 326 1.60 -28.85 -21.04
C THR C 326 2.13 -30.13 -20.39
N PRO C 327 2.84 -30.98 -21.16
CA PRO C 327 3.46 -32.17 -20.58
C PRO C 327 4.77 -31.80 -19.87
N GLY C 328 5.25 -32.69 -19.02
CA GLY C 328 6.47 -32.44 -18.25
C GLY C 328 7.73 -32.46 -19.10
N TYR C 329 8.83 -32.02 -18.51
CA TYR C 329 10.13 -32.02 -19.18
C TYR C 329 10.57 -33.44 -19.53
N LEU C 330 10.35 -34.37 -18.60
CA LEU C 330 10.73 -35.77 -18.78
C LEU C 330 9.80 -36.55 -19.73
N ASP C 331 8.67 -35.97 -20.12
CA ASP C 331 7.77 -36.59 -21.11
C ASP C 331 8.19 -36.28 -22.56
N ASP C 332 9.08 -35.31 -22.76
CA ASP C 332 9.64 -35.04 -24.08
C ASP C 332 10.43 -36.26 -24.53
N PRO C 333 10.03 -36.90 -25.64
CA PRO C 333 10.69 -38.15 -26.05
C PRO C 333 12.19 -38.07 -26.33
N SER C 334 12.74 -36.86 -26.44
CA SER C 334 14.17 -36.68 -26.73
C SER C 334 15.07 -36.51 -25.50
N VAL C 335 14.52 -36.57 -24.29
CA VAL C 335 15.34 -36.43 -23.07
C VAL C 335 15.45 -37.77 -22.34
N PRO C 336 16.66 -38.16 -21.92
CA PRO C 336 16.82 -39.38 -21.13
C PRO C 336 15.99 -39.33 -19.85
N LYS C 337 15.69 -40.50 -19.30
CA LYS C 337 14.68 -40.59 -18.25
C LYS C 337 15.17 -40.10 -16.87
N GLY C 338 16.46 -40.19 -16.62
CA GLY C 338 17.05 -39.74 -15.36
C GLY C 338 17.84 -38.44 -15.48
N SER C 339 17.33 -37.51 -16.28
CA SER C 339 18.03 -36.26 -16.56
C SER C 339 18.04 -35.33 -15.35
N HIS C 340 19.21 -34.73 -15.08
CA HIS C 340 19.33 -33.69 -14.04
C HIS C 340 19.14 -32.30 -14.63
N CYS C 341 18.84 -32.23 -15.93
CA CYS C 341 18.87 -30.95 -16.62
C CYS C 341 17.89 -29.96 -15.98
N PRO C 342 18.42 -28.84 -15.48
CA PRO C 342 17.56 -27.85 -14.86
C PRO C 342 16.89 -26.94 -15.88
N THR C 343 15.59 -26.77 -15.74
CA THR C 343 14.84 -25.79 -16.51
C THR C 343 14.62 -24.51 -15.70
N PHE C 344 15.00 -24.55 -14.42
CA PHE C 344 14.84 -23.43 -13.48
C PHE C 344 16.06 -23.34 -12.55
N ALA C 345 16.48 -22.12 -12.23
CA ALA C 345 17.59 -21.93 -11.31
C ALA C 345 17.56 -20.54 -10.66
N VAL C 346 17.71 -20.52 -9.33
CA VAL C 346 17.99 -19.28 -8.60
C VAL C 346 19.40 -19.37 -8.05
N LEU C 347 20.20 -18.35 -8.31
CA LEU C 347 21.57 -18.27 -7.81
C LEU C 347 21.71 -17.04 -6.91
N ARG C 348 22.51 -17.16 -5.85
CA ARG C 348 22.97 -15.99 -5.10
C ARG C 348 24.45 -15.79 -5.36
N LEU C 349 24.79 -14.65 -5.93
CA LEU C 349 26.19 -14.31 -6.22
C LEU C 349 26.63 -13.15 -5.36
N HIS C 350 27.94 -13.09 -5.13
CA HIS C 350 28.57 -11.98 -4.43
C HIS C 350 29.61 -11.36 -5.32
N VAL C 351 29.60 -10.02 -5.41
CA VAL C 351 30.65 -9.29 -6.11
C VAL C 351 31.59 -8.75 -5.04
N ASN C 352 32.82 -9.24 -5.02
CA ASN C 352 33.78 -8.86 -3.99
C ASN C 352 34.62 -7.63 -4.34
N ASN C 353 34.02 -6.46 -4.13
CA ASN C 353 34.74 -5.19 -4.18
C ASN C 353 34.06 -4.17 -3.26
N ASP C 354 34.60 -2.97 -3.20
CA ASP C 354 34.14 -1.98 -2.23
C ASP C 354 32.79 -1.37 -2.56
N ARG C 355 32.44 -1.32 -3.85
CA ARG C 355 31.11 -0.84 -4.24
C ARG C 355 30.02 -1.82 -3.81
N TRP C 356 30.31 -3.11 -3.87
CA TRP C 356 29.27 -4.15 -3.77
C TRP C 356 29.37 -5.11 -2.58
N HIS C 357 30.36 -4.91 -1.70
CA HIS C 357 30.54 -5.82 -0.59
C HIS C 357 29.28 -5.92 0.26
N GLY C 358 28.84 -7.15 0.52
CA GLY C 358 27.68 -7.41 1.35
C GLY C 358 26.33 -7.31 0.65
N VAL C 359 26.34 -6.98 -0.64
CA VAL C 359 25.10 -6.83 -1.41
C VAL C 359 24.83 -8.13 -2.20
N PRO C 360 23.80 -8.89 -1.81
CA PRO C 360 23.49 -10.14 -2.51
C PRO C 360 22.90 -9.88 -3.91
N PHE C 361 23.38 -10.62 -4.89
CA PHE C 361 22.84 -10.57 -6.24
C PHE C 361 22.08 -11.85 -6.53
N ILE C 362 20.77 -11.71 -6.72
CA ILE C 362 19.91 -12.84 -7.00
C ILE C 362 19.69 -12.93 -8.50
N ILE C 363 20.18 -14.01 -9.12
CA ILE C 363 19.93 -14.27 -10.52
C ILE C 363 18.93 -15.41 -10.59
N ARG C 364 17.80 -15.19 -11.25
CA ARG C 364 16.86 -16.29 -11.46
C ARG C 364 16.37 -16.37 -12.90
N ALA C 365 16.18 -17.60 -13.37
CA ALA C 365 15.80 -17.87 -14.74
C ALA C 365 15.06 -19.19 -14.80
N GLY C 366 13.90 -19.20 -15.45
CA GLY C 366 13.12 -20.41 -15.58
C GLY C 366 12.22 -20.42 -16.79
N LYS C 367 12.02 -21.61 -17.33
CA LYS C 367 11.02 -21.83 -18.38
C LYS C 367 9.83 -22.56 -17.76
N ALA C 368 8.71 -22.59 -18.49
CA ALA C 368 7.47 -23.18 -17.99
C ALA C 368 6.99 -22.55 -16.67
N LEU C 369 6.99 -21.22 -16.62
CA LEU C 369 6.55 -20.48 -15.45
C LEU C 369 5.24 -19.75 -15.71
N GLU C 370 4.73 -19.00 -14.73
CA GLU C 370 3.43 -18.31 -14.85
C GLU C 370 3.37 -17.15 -15.84
N GLU C 371 4.52 -16.56 -16.18
CA GLU C 371 4.53 -15.43 -17.09
C GLU C 371 5.83 -15.32 -17.87
N ARG C 372 5.79 -14.50 -18.92
CA ARG C 372 6.99 -14.10 -19.63
C ARG C 372 7.46 -12.80 -18.99
N LEU C 373 8.71 -12.77 -18.55
CA LEU C 373 9.25 -11.59 -17.90
C LEU C 373 10.77 -11.52 -17.99
N LEU C 374 11.27 -10.31 -18.23
CA LEU C 374 12.67 -9.99 -18.02
C LEU C 374 12.72 -8.66 -17.28
N ASP C 375 13.07 -8.68 -16.00
CA ASP C 375 13.21 -7.43 -15.26
C ASP C 375 14.40 -7.40 -14.30
N ILE C 376 14.78 -6.18 -13.95
CA ILE C 376 15.87 -5.91 -13.05
C ILE C 376 15.27 -5.15 -11.88
N ARG C 377 15.57 -5.58 -10.66
CA ARG C 377 15.07 -4.91 -9.47
C ARG C 377 16.21 -4.53 -8.53
N ILE C 378 16.43 -3.22 -8.39
CA ILE C 378 17.42 -2.68 -7.46
C ILE C 378 16.67 -2.29 -6.18
N GLN C 379 16.71 -3.18 -5.19
CA GLN C 379 16.00 -2.95 -3.92
C GLN C 379 16.90 -2.25 -2.91
N PHE C 380 16.52 -1.03 -2.55
CA PHE C 380 17.30 -0.22 -1.61
C PHE C 380 17.01 -0.60 -0.15
N LYS C 381 17.85 -0.09 0.74
CA LYS C 381 17.70 -0.35 2.18
C LYS C 381 16.52 0.38 2.77
N ASP C 382 16.07 -0.11 3.91
CA ASP C 382 14.99 0.52 4.65
C ASP C 382 15.46 1.84 5.23
N GLU C 383 14.60 2.86 5.14
CA GLU C 383 14.75 4.05 5.94
C GLU C 383 14.01 3.74 7.25
N ILE C 384 14.79 3.48 8.29
CA ILE C 384 14.25 2.95 9.56
C ILE C 384 13.41 3.97 10.31
N ARG C 385 13.86 5.21 10.34
CA ARG C 385 13.15 6.27 11.06
C ARG C 385 12.82 7.44 10.14
N PRO C 386 11.71 8.13 10.38
CA PRO C 386 10.83 7.91 11.52
C PRO C 386 9.58 7.05 11.24
N PHE C 387 9.53 6.38 10.10
CA PHE C 387 8.30 5.67 9.70
C PHE C 387 8.27 4.18 10.07
N GLY C 388 9.43 3.58 10.32
CA GLY C 388 9.48 2.17 10.74
C GLY C 388 8.74 1.24 9.82
N GLU C 389 7.73 0.54 10.35
CA GLU C 389 6.96 -0.43 9.58
C GLU C 389 5.87 0.21 8.71
N SER C 390 5.75 1.54 8.77
CA SER C 390 4.82 2.29 7.90
C SER C 390 5.46 2.74 6.59
N THR C 391 6.68 2.29 6.34
CA THR C 391 7.28 2.40 5.02
C THR C 391 7.89 1.04 4.68
N GLN C 392 8.37 0.92 3.44
CA GLN C 392 9.04 -0.29 2.99
C GLN C 392 10.14 0.09 2.02
N ARG C 393 10.94 -0.88 1.64
CA ARG C 393 12.11 -0.63 0.82
C ARG C 393 11.75 -0.01 -0.53
N ASN C 394 12.44 1.07 -0.89
CA ASN C 394 12.37 1.59 -2.26
C ASN C 394 12.93 0.56 -3.22
N GLU C 395 12.51 0.65 -4.47
CA GLU C 395 12.96 -0.30 -5.47
C GLU C 395 12.94 0.35 -6.86
N LEU C 396 14.07 0.32 -7.55
CA LEU C 396 14.09 0.69 -8.96
C LEU C 396 13.84 -0.56 -9.78
N VAL C 397 12.84 -0.51 -10.65
CA VAL C 397 12.49 -1.64 -11.49
C VAL C 397 12.69 -1.28 -12.96
N ILE C 398 13.57 -2.03 -13.63
CA ILE C 398 13.72 -1.93 -15.09
C ILE C 398 13.14 -3.19 -15.70
N ARG C 399 12.07 -3.05 -16.47
CA ARG C 399 11.44 -4.18 -17.16
C ARG C 399 11.73 -4.10 -18.65
N ALA C 400 12.50 -5.06 -19.17
CA ALA C 400 12.88 -5.07 -20.58
C ALA C 400 11.79 -5.68 -21.45
N GLN C 401 11.04 -6.63 -20.90
CA GLN C 401 9.89 -7.21 -21.59
C GLN C 401 9.00 -7.98 -20.60
N PRO C 402 7.69 -8.03 -20.86
CA PRO C 402 7.02 -7.33 -21.94
C PRO C 402 6.74 -5.89 -21.53
N SER C 403 6.20 -5.11 -22.46
CA SER C 403 5.77 -3.74 -22.18
C SER C 403 6.87 -2.99 -21.44
N GLU C 404 7.98 -2.79 -22.14
CA GLU C 404 9.20 -2.23 -21.54
C GLU C 404 8.95 -0.93 -20.80
N ALA C 405 9.53 -0.84 -19.60
CA ALA C 405 9.30 0.28 -18.68
C ALA C 405 10.38 0.38 -17.63
N MET C 406 10.53 1.59 -17.08
CA MET C 406 11.35 1.81 -15.89
C MET C 406 10.49 2.54 -14.86
N TYR C 407 10.47 2.05 -13.63
CA TYR C 407 9.75 2.74 -12.56
C TYR C 407 10.42 2.60 -11.20
N LEU C 408 10.17 3.60 -10.35
CA LEU C 408 10.76 3.69 -9.01
C LEU C 408 9.67 3.58 -7.95
N LYS C 409 9.69 2.47 -7.22
CA LYS C 409 8.71 2.24 -6.17
C LYS C 409 9.13 2.96 -4.90
N LEU C 410 8.24 3.76 -4.35
CA LEU C 410 8.51 4.50 -3.11
C LEU C 410 7.25 4.65 -2.26
N THR C 411 7.43 5.17 -1.05
CA THR C 411 6.34 5.40 -0.12
C THR C 411 5.86 6.85 -0.22
N ALA C 412 4.55 7.03 -0.17
CA ALA C 412 3.95 8.35 -0.21
C ALA C 412 2.74 8.38 0.72
N LYS C 413 2.28 9.59 1.02
CA LYS C 413 1.06 9.78 1.78
C LYS C 413 -0.12 9.28 0.96
N THR C 414 -1.05 8.57 1.60
CA THR C 414 -2.28 8.12 0.92
C THR C 414 -3.09 9.34 0.51
N PRO C 415 -3.40 9.46 -0.80
CA PRO C 415 -4.13 10.63 -1.31
C PRO C 415 -5.43 10.89 -0.59
N GLY C 416 -5.68 12.16 -0.24
CA GLY C 416 -6.94 12.57 0.37
C GLY C 416 -6.80 12.99 1.81
N LEU C 417 -7.88 12.80 2.57
CA LEU C 417 -7.96 13.26 3.96
C LEU C 417 -7.30 12.32 4.96
N LEU C 418 -7.43 11.02 4.74
CA LEU C 418 -6.65 10.04 5.50
C LEU C 418 -5.15 10.37 5.45
N ASN C 419 -4.54 10.42 6.64
CA ASN C 419 -3.12 10.72 6.77
C ASN C 419 -2.35 9.44 7.09
N ASP C 420 -2.13 8.64 6.06
CA ASP C 420 -1.54 7.31 6.17
C ASP C 420 -0.47 7.20 5.08
N THR C 421 0.19 6.03 4.99
CA THR C 421 1.15 5.79 3.92
C THR C 421 0.74 4.61 3.03
N HIS C 422 1.29 4.60 1.82
CA HIS C 422 1.11 3.51 0.88
C HIS C 422 2.31 3.49 -0.08
N GLN C 423 2.55 2.36 -0.73
CA GLN C 423 3.60 2.28 -1.74
C GLN C 423 3.01 2.63 -3.11
N THR C 424 3.73 3.46 -3.87
CA THR C 424 3.31 3.91 -5.20
C THR C 424 4.53 3.89 -6.14
N GLU C 425 4.41 4.46 -7.34
CA GLU C 425 5.53 4.49 -8.31
C GLU C 425 5.64 5.81 -9.04
N LEU C 426 6.87 6.15 -9.41
CA LEU C 426 7.12 7.11 -10.46
C LEU C 426 7.41 6.26 -11.71
N ASP C 427 6.58 6.40 -12.73
CA ASP C 427 6.54 5.44 -13.84
C ASP C 427 6.99 6.04 -15.18
N LEU C 428 7.70 5.23 -15.96
CA LEU C 428 7.96 5.52 -17.37
C LEU C 428 7.70 4.24 -18.17
N THR C 429 6.51 4.14 -18.73
CA THR C 429 6.13 3.02 -19.60
C THR C 429 6.22 3.48 -21.06
N TYR C 430 7.12 2.84 -21.81
CA TYR C 430 7.50 3.32 -23.15
C TYR C 430 6.34 3.38 -24.15
N GLU C 431 5.42 2.43 -24.09
CA GLU C 431 4.29 2.37 -25.03
C GLU C 431 3.28 3.49 -24.81
N ARG C 432 3.24 4.05 -23.60
CA ARG C 432 2.38 5.19 -23.28
C ARG C 432 3.07 6.53 -23.53
N ARG C 433 4.33 6.63 -23.11
CA ARG C 433 5.08 7.87 -23.23
C ARG C 433 5.54 8.13 -24.67
N TYR C 434 6.07 7.11 -25.33
CA TYR C 434 6.67 7.25 -26.66
C TYR C 434 5.84 6.61 -27.76
N ASP C 435 5.64 7.33 -28.86
CA ASP C 435 4.90 6.83 -30.01
C ASP C 435 5.85 6.22 -31.05
N VAL C 436 6.57 5.17 -30.67
CA VAL C 436 7.51 4.48 -31.57
C VAL C 436 7.49 2.97 -31.33
N THR C 437 7.71 2.21 -32.41
CA THR C 437 7.83 0.75 -32.29
C THR C 437 9.30 0.40 -32.10
N LEU C 438 9.60 -0.26 -30.99
CA LEU C 438 10.96 -0.60 -30.66
C LEU C 438 11.40 -1.80 -31.50
N PRO C 439 12.61 -1.76 -32.07
CA PRO C 439 13.10 -2.80 -32.97
C PRO C 439 13.46 -4.08 -32.23
N ASP C 440 13.46 -5.20 -32.95
CA ASP C 440 14.00 -6.45 -32.44
C ASP C 440 15.49 -6.26 -32.13
N ALA C 441 15.99 -7.00 -31.14
CA ALA C 441 17.39 -6.91 -30.73
C ALA C 441 18.37 -6.97 -31.91
N TYR C 442 18.12 -7.88 -32.86
CA TYR C 442 19.05 -8.11 -33.97
C TYR C 442 19.15 -6.96 -34.99
N GLU C 443 18.20 -6.04 -34.98
CA GLU C 443 18.30 -4.85 -35.85
C GLU C 443 19.41 -3.94 -35.34
N SER C 444 19.39 -3.64 -34.05
CA SER C 444 20.40 -2.80 -33.40
C SER C 444 21.80 -3.39 -33.60
N LEU C 445 21.93 -4.68 -33.35
CA LEU C 445 23.24 -5.34 -33.30
C LEU C 445 23.90 -5.44 -34.70
N ILE C 446 23.14 -5.91 -35.68
CA ILE C 446 23.64 -5.98 -37.07
C ILE C 446 24.07 -4.58 -37.54
N HIS C 447 23.26 -3.57 -37.23
CA HIS C 447 23.58 -2.19 -37.55
C HIS C 447 24.90 -1.75 -36.92
N GLU C 448 25.10 -2.10 -35.65
CA GLU C 448 26.32 -1.73 -34.93
C GLU C 448 27.55 -2.49 -35.43
N ALA C 449 27.36 -3.73 -35.87
CA ALA C 449 28.42 -4.51 -36.51
C ALA C 449 28.85 -3.88 -37.83
N LEU C 450 27.89 -3.37 -38.60
CA LEU C 450 28.19 -2.66 -39.85
C LEU C 450 28.91 -1.34 -39.62
N LEU C 451 28.57 -0.67 -38.52
CA LEU C 451 29.26 0.57 -38.13
C LEU C 451 30.64 0.30 -37.52
N GLY C 452 30.89 -0.93 -37.09
CA GLY C 452 32.18 -1.31 -36.53
C GLY C 452 32.31 -1.05 -35.04
N ASN C 453 31.17 -0.83 -34.38
CA ASN C 453 31.13 -0.58 -32.93
C ASN C 453 30.98 -1.88 -32.16
N SER C 454 32.02 -2.25 -31.42
CA SER C 454 32.04 -3.52 -30.68
C SER C 454 31.45 -3.47 -29.27
N THR C 455 30.92 -2.31 -28.87
CA THR C 455 30.43 -2.11 -27.50
C THR C 455 29.54 -3.26 -27.01
N ASN C 456 28.55 -3.64 -27.82
CA ASN C 456 27.54 -4.60 -27.43
C ASN C 456 27.77 -6.01 -27.99
N PHE C 457 29.03 -6.42 -27.97
CA PHE C 457 29.44 -7.74 -28.44
C PHE C 457 30.42 -8.33 -27.44
N VAL C 458 30.35 -9.65 -27.23
CA VAL C 458 31.07 -10.29 -26.16
C VAL C 458 32.54 -10.49 -26.54
N ARG C 459 33.43 -9.84 -25.80
CA ARG C 459 34.86 -9.92 -26.07
C ARG C 459 35.40 -11.26 -25.56
N VAL C 460 36.54 -11.68 -26.11
CA VAL C 460 37.10 -13.00 -25.79
C VAL C 460 37.35 -13.19 -24.29
N ASP C 461 37.90 -12.17 -23.64
CA ASP C 461 38.19 -12.23 -22.20
C ASP C 461 36.92 -12.05 -21.36
N GLU C 462 35.98 -11.27 -21.85
CA GLU C 462 34.64 -11.13 -21.26
C GLU C 462 33.93 -12.47 -21.17
N LEU C 463 34.02 -13.25 -22.24
CA LEU C 463 33.42 -14.58 -22.30
C LEU C 463 34.04 -15.53 -21.28
N ASP C 464 35.38 -15.55 -21.22
CA ASP C 464 36.14 -16.35 -20.25
C ASP C 464 35.76 -16.05 -18.80
N ALA C 465 35.62 -14.77 -18.48
CA ALA C 465 35.24 -14.35 -17.12
C ALA C 465 33.86 -14.88 -16.74
N ALA C 466 32.94 -14.92 -17.69
CA ALA C 466 31.60 -15.42 -17.44
C ALA C 466 31.59 -16.92 -17.15
N TRP C 467 32.34 -17.69 -17.95
CA TRP C 467 32.39 -19.14 -17.75
C TRP C 467 32.98 -19.54 -16.41
N ARG C 468 33.95 -18.75 -15.93
CA ARG C 468 34.61 -19.05 -14.66
C ARG C 468 33.66 -18.90 -13.47
N ILE C 469 32.66 -18.04 -13.63
CA ILE C 469 31.67 -17.84 -12.58
C ILE C 469 30.84 -19.12 -12.34
N TYR C 470 30.46 -19.80 -13.43
CA TYR C 470 29.48 -20.88 -13.36
C TYR C 470 30.02 -22.30 -13.56
N THR C 471 31.23 -22.43 -14.09
CA THR C 471 31.76 -23.74 -14.46
C THR C 471 31.85 -24.73 -13.29
N PRO C 472 32.42 -24.31 -12.13
CA PRO C 472 32.43 -25.21 -10.98
C PRO C 472 31.05 -25.77 -10.62
N LEU C 473 30.04 -24.90 -10.65
CA LEU C 473 28.67 -25.32 -10.38
C LEU C 473 28.16 -26.30 -11.45
N LEU C 474 28.40 -25.95 -12.71
CA LEU C 474 27.93 -26.76 -13.84
C LEU C 474 28.49 -28.18 -13.78
N HIS C 475 29.79 -28.30 -13.52
CA HIS C 475 30.41 -29.62 -13.42
C HIS C 475 29.83 -30.44 -12.26
N ALA C 476 29.56 -29.77 -11.14
CA ALA C 476 28.91 -30.43 -10.00
C ALA C 476 27.53 -30.97 -10.40
N ILE C 477 26.75 -30.15 -11.12
CA ILE C 477 25.42 -30.54 -11.57
C ILE C 477 25.45 -31.76 -12.51
N ASP C 478 26.43 -31.78 -13.42
CA ASP C 478 26.58 -32.92 -14.34
C ASP C 478 26.96 -34.22 -13.61
N ARG C 479 27.74 -34.12 -12.53
CA ARG C 479 28.08 -35.28 -11.73
C ARG C 479 26.92 -35.78 -10.86
N GLY C 480 25.85 -34.98 -10.78
CA GLY C 480 24.64 -35.39 -10.06
C GLY C 480 24.68 -35.05 -8.59
N GLU C 481 25.41 -33.99 -8.23
CA GLU C 481 25.65 -33.65 -6.83
C GLU C 481 24.75 -32.54 -6.31
N VAL C 482 23.97 -31.93 -7.20
CA VAL C 482 23.07 -30.85 -6.82
C VAL C 482 21.63 -31.29 -7.06
N LYS C 483 20.80 -31.20 -6.02
CA LYS C 483 19.41 -31.64 -6.10
C LYS C 483 18.61 -30.76 -7.07
N VAL C 484 17.74 -31.39 -7.85
CA VAL C 484 16.87 -30.70 -8.79
C VAL C 484 15.42 -30.95 -8.38
N LEU C 485 14.70 -29.88 -8.12
CA LEU C 485 13.34 -29.96 -7.58
C LEU C 485 12.29 -29.86 -8.67
N PRO C 486 11.19 -30.63 -8.52
CA PRO C 486 10.11 -30.54 -9.49
C PRO C 486 9.22 -29.32 -9.25
N TYR C 487 8.62 -28.84 -10.33
CA TYR C 487 7.59 -27.80 -10.25
C TYR C 487 6.66 -27.94 -11.46
N ALA C 488 5.36 -27.74 -11.24
CA ALA C 488 4.40 -27.89 -12.33
C ALA C 488 4.57 -26.74 -13.31
N ALA C 489 4.53 -27.05 -14.60
CA ALA C 489 4.56 -26.02 -15.63
C ALA C 489 3.40 -25.06 -15.39
N GLY C 490 3.68 -23.77 -15.56
CA GLY C 490 2.68 -22.74 -15.31
C GLY C 490 2.68 -22.22 -13.88
N SER C 491 3.27 -22.97 -12.96
CA SER C 491 3.44 -22.52 -11.58
C SER C 491 4.55 -21.47 -11.49
N CYS C 492 4.78 -20.94 -10.29
CA CYS C 492 5.82 -19.94 -10.06
C CYS C 492 7.20 -20.57 -9.83
N GLY C 493 7.29 -21.90 -9.88
CA GLY C 493 8.54 -22.61 -9.62
C GLY C 493 8.48 -23.35 -8.30
N PRO C 494 9.59 -23.99 -7.91
CA PRO C 494 9.61 -24.72 -6.63
C PRO C 494 9.46 -23.77 -5.44
N GLU C 495 8.76 -24.20 -4.40
CA GLU C 495 8.49 -23.35 -3.23
C GLU C 495 9.76 -22.89 -2.53
N GLU C 496 10.76 -23.76 -2.46
CA GLU C 496 11.99 -23.46 -1.73
C GLU C 496 12.89 -22.47 -2.48
N ALA C 497 12.56 -22.18 -3.74
CA ALA C 497 13.18 -21.07 -4.46
C ALA C 497 12.79 -19.73 -3.83
N GLN C 498 11.52 -19.59 -3.47
CA GLN C 498 11.06 -18.36 -2.81
C GLN C 498 11.65 -18.18 -1.42
N GLU C 499 11.78 -19.28 -0.68
CA GLU C 499 12.39 -19.24 0.64
C GLU C 499 13.88 -18.89 0.53
N PHE C 500 14.55 -19.46 -0.48
CA PHE C 500 15.95 -19.14 -0.75
C PHE C 500 16.13 -17.65 -1.08
N ILE C 501 15.22 -17.10 -1.88
CA ILE C 501 15.25 -15.68 -2.21
C ILE C 501 15.07 -14.81 -0.97
N ARG C 502 14.12 -15.19 -0.11
CA ARG C 502 13.81 -14.42 1.09
C ARG C 502 15.01 -14.35 2.04
N ILE C 503 15.62 -15.50 2.34
CA ILE C 503 16.76 -15.51 3.27
C ILE C 503 17.99 -14.87 2.64
N SER C 504 18.04 -14.84 1.31
CA SER C 504 19.13 -14.18 0.59
C SER C 504 19.12 -12.66 0.75
N GLY C 505 17.96 -12.09 1.12
CA GLY C 505 17.87 -10.67 1.45
C GLY C 505 16.94 -9.83 0.59
N TYR C 506 16.23 -10.44 -0.36
CA TYR C 506 15.23 -9.72 -1.11
C TYR C 506 13.88 -9.81 -0.38
N LYS C 507 13.40 -8.66 0.11
CA LYS C 507 12.10 -8.59 0.78
C LYS C 507 11.01 -8.40 -0.25
N THR C 508 10.24 -9.46 -0.48
CA THR C 508 9.21 -9.44 -1.50
C THR C 508 7.97 -8.74 -0.94
N THR C 509 7.56 -7.66 -1.61
CA THR C 509 6.38 -6.85 -1.23
C THR C 509 6.15 -5.74 -2.26
C1 BG6 D . -18.54 -22.87 21.94
C2 BG6 D . -19.13 -24.14 22.54
O1 BG6 D . -18.59 -21.82 22.91
O5 BG6 D . -19.30 -22.48 20.78
C3 BG6 D . -19.11 -25.24 21.50
O2 BG6 D . -18.37 -24.53 23.69
C4 BG6 D . -19.90 -24.77 20.29
O3 BG6 D . -19.67 -26.45 22.02
C5 BG6 D . -19.30 -23.48 19.75
O4 BG6 D . -19.91 -25.80 19.30
C6 BG6 D . -20.09 -22.96 18.56
O6 BG6 D . -19.55 -21.71 18.15
P BG6 D . -19.93 -21.14 16.69
O1P BG6 D . -21.44 -21.08 16.67
O2P BG6 D . -19.27 -19.79 16.67
O3P BG6 D . -19.35 -22.16 15.75
PA NDP E . -6.64 -26.88 25.02
O1A NDP E . -7.07 -28.06 25.86
O2A NDP E . -6.25 -27.06 23.57
O5B NDP E . -5.46 -26.18 25.83
C5B NDP E . -4.79 -25.04 25.31
C4B NDP E . -3.32 -25.11 25.67
O4B NDP E . -3.16 -25.08 27.09
C3B NDP E . -2.64 -26.38 25.17
O3B NDP E . -2.02 -26.22 23.90
C2B NDP E . -1.61 -26.66 26.25
O2B NDP E . -0.39 -26.02 25.90
C1B NDP E . -2.20 -26.05 27.51
N9A NDP E . -2.82 -27.11 28.35
C8A NDP E . -3.73 -28.03 27.95
N7A NDP E . -4.06 -28.85 28.98
C5A NDP E . -3.38 -28.46 30.06
C6A NDP E . -3.26 -28.88 31.47
N6A NDP E . -3.99 -29.93 31.93
N1A NDP E . -2.43 -28.20 32.29
C2A NDP E . -1.71 -27.15 31.84
N3A NDP E . -1.76 -26.71 30.57
C4A NDP E . -2.56 -27.31 29.64
O3 NDP E . -7.77 -25.73 25.14
PN NDP E . -8.43 -24.96 23.89
O1N NDP E . -7.36 -24.27 23.06
O2N NDP E . -9.39 -25.90 23.21
O5D NDP E . -9.29 -23.84 24.66
C5D NDP E . -8.68 -22.84 25.49
C4D NDP E . -9.76 -22.14 26.31
O4D NDP E . -10.74 -21.55 25.45
C3D NDP E . -10.50 -23.10 27.23
O3D NDP E . -10.72 -22.50 28.51
C2D NDP E . -11.82 -23.35 26.54
O2D NDP E . -12.87 -23.67 27.46
C1D NDP E . -12.05 -22.04 25.79
N1N NDP E . -12.90 -22.25 24.62
C2N NDP E . -12.39 -22.80 23.51
C3N NDP E . -13.17 -23.02 22.37
C7N NDP E . -12.58 -23.65 21.13
O7N NDP E . -13.10 -23.39 20.05
N7N NDP E . -11.52 -24.46 21.18
C4N NDP E . -14.63 -22.62 22.36
C5N NDP E . -15.06 -22.03 23.62
C6N NDP E . -14.19 -21.86 24.69
P2B NDP E . 1.05 -26.49 26.45
O1X NDP E . 0.89 -27.95 26.82
O2X NDP E . 1.93 -26.24 25.25
O3X NDP E . 1.30 -25.61 27.65
C1 BG6 F . -3.56 33.66 0.25
C2 BG6 F . -2.92 34.96 -0.20
O1 BG6 F . -3.05 33.26 1.53
O5 BG6 F . -3.28 32.63 -0.71
C3 BG6 F . -3.42 35.34 -1.58
O2 BG6 F . -3.22 36.02 0.74
C4 BG6 F . -3.13 34.18 -2.53
O3 BG6 F . -2.81 36.54 -2.06
C5 BG6 F . -3.79 32.91 -2.02
O4 BG6 F . -3.60 34.51 -3.84
C6 BG6 F . -3.54 31.74 -2.95
O6 BG6 F . -4.00 30.52 -2.36
P BG6 F . -4.18 29.21 -3.27
O1P BG6 F . -2.83 29.00 -3.92
O2P BG6 F . -4.52 28.12 -2.29
O3P BG6 F . -5.29 29.57 -4.22
PA NDP G . -13.58 40.09 5.17
O1A NDP G . -13.07 41.45 4.75
O2A NDP G . -14.54 39.34 4.27
O5B NDP G . -14.21 40.27 6.64
C5B NDP G . -14.76 39.14 7.31
C4B NDP G . -15.98 39.55 8.12
O4B NDP G . -15.53 40.34 9.24
C3B NDP G . -17.00 40.41 7.37
O3B NDP G . -18.08 39.65 6.82
C2B NDP G . -17.49 41.36 8.43
O2B NDP G . -18.64 40.82 9.08
C1B NDP G . -16.36 41.48 9.42
N9A NDP G . -15.62 42.75 9.21
C8A NDP G . -15.11 43.21 8.04
N7A NDP G . -14.50 44.42 8.23
C5A NDP G . -14.62 44.73 9.53
C6A NDP G . -14.21 45.85 10.40
N6A NDP G . -13.52 46.90 9.89
N1A NDP G . -14.53 45.78 11.72
C2A NDP G . -15.21 44.74 12.25
N3A NDP G . -15.61 43.70 11.50
C4A NDP G . -15.35 43.63 10.17
O3 NDP G . -12.33 39.14 5.55
PN NDP G . -12.01 37.75 4.79
O1N NDP G . -13.15 36.77 5.00
O2N NDP G . -11.55 38.08 3.40
O5D NDP G . -10.75 37.22 5.64
C5D NDP G . -10.87 36.84 7.02
C4D NDP G . -9.48 36.58 7.58
O4D NDP G . -8.84 35.53 6.86
C3D NDP G . -8.60 37.81 7.46
O3D NDP G . -7.79 37.97 8.63
C2D NDP G . -7.72 37.52 6.26
O2D NDP G . -6.45 38.20 6.33
C1D NDP G . -7.61 36.00 6.27
N1N NDP G . -7.38 35.46 4.92
C2N NDP G . -8.39 35.31 4.05
C3N NDP G . -8.18 34.81 2.77
C7N NDP G . -9.33 34.65 1.81
O7N NDP G . -9.32 33.71 1.03
N7N NDP G . -10.33 35.54 1.82
C4N NDP G . -6.80 34.39 2.32
C5N NDP G . -5.80 34.59 3.36
C6N NDP G . -6.12 35.10 4.61
P2B NDP G . -19.73 41.70 9.85
O1X NDP G . -19.62 43.10 9.29
O2X NDP G . -21.01 41.00 9.49
O3X NDP G . -19.34 41.61 11.32
C1 BG6 H . 17.88 -17.61 -26.39
C2 BG6 H . 17.81 -18.90 -25.59
O1 BG6 H . 19.23 -17.17 -26.46
O5 BG6 H . 17.07 -16.62 -25.76
C3 BG6 H . 16.37 -19.37 -25.52
O2 BG6 H . 18.62 -19.90 -26.21
C4 BG6 H . 15.47 -18.26 -24.98
O3 BG6 H . 16.28 -20.51 -24.68
C5 BG6 H . 15.68 -16.97 -25.77
O4 BG6 H . 14.11 -18.68 -25.03
C6 BG6 H . 14.87 -15.82 -25.19
O6 BG6 H . 15.07 -14.64 -25.97
P BG6 H . 13.94 -13.49 -25.99
O1P BG6 H . 13.80 -13.08 -24.55
O2P BG6 H . 14.55 -12.41 -26.88
O3P BG6 H . 12.74 -14.17 -26.59
PA NDP I . 19.62 -24.85 -37.16
O1A NDP I . 19.60 -26.12 -36.35
O2A NDP I . 18.35 -24.35 -37.83
O5B NDP I . 20.76 -25.01 -38.27
C5B NDP I . 21.06 -23.92 -39.14
C4B NDP I . 21.34 -24.43 -40.54
O4B NDP I . 22.59 -25.13 -40.52
C3B NDP I . 20.30 -25.42 -41.08
O3B NDP I . 19.33 -24.79 -41.91
C2B NDP I . 21.12 -26.40 -41.87
O2B NDP I . 21.17 -25.95 -43.24
C1B NDP I . 22.51 -26.36 -41.24
N9A NDP I . 22.71 -27.51 -40.32
C8A NDP I . 21.87 -27.94 -39.35
N7A NDP I . 22.39 -29.01 -38.72
C5A NDP I . 23.58 -29.29 -39.27
C6A NDP I . 24.66 -30.28 -39.07
N6A NDP I . 24.55 -31.23 -38.12
N1A NDP I . 25.74 -30.21 -39.88
C2A NDP I . 25.88 -29.27 -40.83
N3A NDP I . 24.93 -28.33 -41.06
C4A NDP I . 23.79 -28.29 -40.33
O3 NDP I . 20.25 -23.68 -36.26
PN NDP I . 19.42 -22.37 -35.81
O1N NDP I . 19.06 -21.57 -37.04
O2N NDP I . 18.35 -22.78 -34.81
O5D NDP I . 20.52 -21.51 -35.00
C5D NDP I . 21.76 -21.10 -35.57
C4D NDP I . 22.72 -20.71 -34.45
O4D NDP I . 22.17 -19.63 -33.70
C3D NDP I . 22.96 -21.86 -33.48
O3D NDP I . 24.35 -21.96 -33.15
C2D NDP I . 22.15 -21.49 -32.25
O2D NDP I . 22.73 -21.99 -31.05
C1D NDP I . 22.12 -19.97 -32.31
N1N NDP I . 20.94 -19.42 -31.63
C2N NDP I . 19.73 -19.56 -32.19
C3N NDP I . 18.57 -19.07 -31.58
C7N NDP I . 17.24 -19.22 -32.24
O7N NDP I . 16.40 -18.37 -32.05
N7N NDP I . 16.96 -20.28 -33.02
C4N NDP I . 18.66 -18.35 -30.24
C5N NDP I . 20.03 -18.27 -29.75
C6N NDP I . 21.10 -18.80 -30.44
P2B NDP I . 21.66 -26.86 -44.47
O1X NDP I . 21.31 -28.28 -44.07
O2X NDP I . 20.84 -26.32 -45.61
O3X NDP I . 23.14 -26.58 -44.59
#